data_2CML
#
_entry.id   2CML
#
_cell.length_a   106.241
_cell.length_b   73.685
_cell.length_c   106.684
_cell.angle_alpha   90.00
_cell.angle_beta   90.29
_cell.angle_gamma   90.00
#
_symmetry.space_group_name_H-M   'P 1 21 1'
#
loop_
_entity.id
_entity.type
_entity.pdbx_description
1 polymer NEURAMINIDASE
2 branched 2-acetamido-2-deoxy-beta-D-glucopyranose-(1-4)-2-acetamido-2-deoxy-beta-D-glucopyranose
3 branched alpha-D-mannopyranose-(1-3)-[alpha-D-mannopyranose-(1-6)]alpha-D-mannopyranose
4 branched alpha-D-mannopyranose-(1-3)-alpha-D-mannopyranose-(1-6)-beta-D-mannopyranose-(1-4)-2-acetamido-2-deoxy-beta-D-glucopyranose-(1-4)-2-acetamido-2-deoxy-beta-D-glucopyranose
5 non-polymer ZANAMIVIR
6 non-polymer 'CALCIUM ION'
7 non-polymer 2-acetamido-2-deoxy-beta-D-glucopyranose
8 non-polymer beta-D-mannopyranose
9 non-polymer alpha-D-mannopyranose
10 water water
#
_entity_poly.entity_id   1
_entity_poly.type   'polypeptide(L)'
_entity_poly.pdbx_seq_one_letter_code
;RTFLNLTKPLCEVNSWHILSKDNAIRIGEDAHILVTREPYLSCDPQGCRMFALSQGTTLRGRHANGTIHDRSPFRALISW
EMGQAPSPYNTRVECIGWSSTSCHDGMSRMSICMSGPNNNASAVVWYGGRPITEIPSWAGNILRTQESECVCHKGVCPVV
MTDGPANNRAATKIIYFKEGKIQKIEELAGNAQHIEECSCYGAGGVIKCICRDNWKGANRPVITIDPEMMTHTSKYLCSK
VLTDTSRPNDPTNGNCDAPITGGSPDPGVKGFAFLDGENSWLGRTISKDSRSGYEMLKVPNAETDIQSGPISNQVIVNNQ
NWSGYSGAFIDYWANKECFNPCFYVELIRGRPKESSVLWTSNSIVALCGSKKRLGSWSWHDGAEIIYFE
;
_entity_poly.pdbx_strand_id   A,B,C,D
#
# COMPACT_ATOMS: atom_id res chain seq x y z
N ARG A 1 -6.03 23.94 -12.00
CA ARG A 1 -7.27 23.19 -12.44
C ARG A 1 -8.45 24.06 -12.88
N THR A 2 -9.07 23.63 -13.99
CA THR A 2 -10.26 24.20 -14.59
C THR A 2 -11.26 23.09 -14.93
N PHE A 3 -12.55 23.42 -15.00
CA PHE A 3 -13.53 22.58 -15.66
C PHE A 3 -13.10 22.24 -17.10
N LEU A 4 -13.14 20.95 -17.42
CA LEU A 4 -13.08 20.43 -18.78
C LEU A 4 -14.21 20.94 -19.60
N ASN A 5 -13.89 21.32 -20.84
CA ASN A 5 -14.93 21.44 -21.85
C ASN A 5 -14.57 20.56 -23.03
N LEU A 6 -15.57 20.29 -23.85
CA LEU A 6 -15.50 19.23 -24.81
C LEU A 6 -15.33 19.79 -26.26
N THR A 7 -14.72 20.95 -26.41
CA THR A 7 -14.64 21.59 -27.74
C THR A 7 -13.57 21.01 -28.70
N LYS A 8 -12.89 19.94 -28.34
CA LYS A 8 -11.95 19.36 -29.32
C LYS A 8 -12.64 18.33 -30.21
N PRO A 9 -12.12 18.10 -31.44
CA PRO A 9 -12.77 17.05 -32.23
C PRO A 9 -12.26 15.65 -31.81
N LEU A 10 -12.92 14.60 -32.27
CA LEU A 10 -12.41 13.26 -32.11
C LEU A 10 -11.19 13.04 -32.99
N CYS A 11 -10.26 12.23 -32.51
CA CYS A 11 -9.10 11.84 -33.33
C CYS A 11 -9.52 10.82 -34.38
N GLU A 12 -8.78 10.90 -35.49
CA GLU A 12 -8.81 9.88 -36.51
C GLU A 12 -8.31 8.52 -35.96
N VAL A 13 -8.99 7.42 -36.27
CA VAL A 13 -8.65 6.12 -35.69
C VAL A 13 -8.63 5.14 -36.83
N ASN A 14 -7.44 4.59 -37.11
CA ASN A 14 -7.33 3.53 -38.11
C ASN A 14 -7.12 2.13 -37.56
N SER A 15 -6.81 2.06 -36.27
CA SER A 15 -6.65 0.78 -35.57
C SER A 15 -6.63 1.08 -34.06
N TRP A 16 -6.51 0.01 -33.26
CA TRP A 16 -6.55 0.12 -31.79
C TRP A 16 -5.29 -0.41 -31.08
N HIS A 17 -4.68 0.40 -30.22
CA HIS A 17 -3.47 0.00 -29.48
C HIS A 17 -3.81 -0.42 -28.02
N ILE A 18 -3.01 -1.29 -27.44
CA ILE A 18 -3.31 -1.89 -26.12
C ILE A 18 -3.05 -0.77 -25.11
N LEU A 19 -4.03 -0.46 -24.26
CA LEU A 19 -3.79 0.55 -23.22
C LEU A 19 -3.46 -0.11 -21.88
N SER A 20 -4.30 -1.07 -21.49
CA SER A 20 -4.10 -1.68 -20.16
C SER A 20 -4.79 -3.01 -20.15
N LYS A 21 -4.33 -3.90 -19.28
CA LYS A 21 -4.96 -5.26 -19.02
C LYS A 21 -4.57 -5.65 -17.59
N ASP A 22 -5.53 -6.13 -16.78
CA ASP A 22 -5.23 -6.37 -15.34
C ASP A 22 -4.96 -7.80 -14.96
N ASN A 23 -5.31 -8.74 -15.86
CA ASN A 23 -5.09 -10.18 -15.65
C ASN A 23 -5.60 -10.64 -14.25
N ALA A 24 -6.80 -10.16 -13.87
CA ALA A 24 -7.35 -10.27 -12.49
C ALA A 24 -7.66 -11.68 -12.07
N ILE A 25 -8.24 -12.47 -13.01
CA ILE A 25 -8.62 -13.85 -12.73
C ILE A 25 -7.36 -14.69 -12.57
N ARG A 26 -6.33 -14.49 -13.40
CA ARG A 26 -5.09 -15.24 -13.31
C ARG A 26 -4.39 -14.96 -11.97
N ILE A 27 -4.25 -13.66 -11.65
CA ILE A 27 -3.70 -13.25 -10.36
C ILE A 27 -4.66 -13.64 -9.18
N GLY A 28 -5.97 -13.58 -9.39
CA GLY A 28 -6.93 -13.84 -8.33
C GLY A 28 -7.08 -15.31 -8.00
N GLU A 29 -6.43 -16.18 -8.79
CA GLU A 29 -6.37 -17.60 -8.47
C GLU A 29 -5.59 -17.83 -7.15
N ASP A 30 -4.65 -16.90 -6.83
CA ASP A 30 -3.72 -17.06 -5.70
C ASP A 30 -3.65 -15.87 -4.74
N ALA A 31 -3.72 -14.65 -5.25
CA ALA A 31 -3.44 -13.47 -4.46
C ALA A 31 -4.81 -13.00 -4.03
N HIS A 32 -4.98 -11.83 -3.45
CA HIS A 32 -6.33 -11.71 -2.84
C HIS A 32 -7.13 -10.75 -3.64
N ILE A 33 -7.76 -11.24 -4.69
CA ILE A 33 -8.35 -10.32 -5.64
C ILE A 33 -9.87 -10.35 -5.43
N LEU A 34 -10.43 -9.17 -5.23
CA LEU A 34 -11.88 -8.99 -5.12
C LEU A 34 -12.70 -9.58 -6.29
N VAL A 35 -13.85 -10.16 -5.99
CA VAL A 35 -14.79 -10.53 -7.05
C VAL A 35 -15.52 -9.27 -7.51
N THR A 36 -15.65 -9.14 -8.82
CA THR A 36 -16.19 -7.95 -9.45
C THR A 36 -17.09 -8.29 -10.67
N ARG A 37 -17.59 -7.21 -11.29
CA ARG A 37 -18.33 -7.23 -12.60
C ARG A 37 -18.70 -5.81 -12.87
N GLU A 38 -19.25 -5.53 -14.05
CA GLU A 38 -19.56 -4.17 -14.52
C GLU A 38 -18.40 -3.16 -14.40
N PRO A 39 -17.19 -3.49 -14.98
CA PRO A 39 -16.07 -2.62 -14.89
C PRO A 39 -16.10 -1.55 -15.96
N TYR A 40 -15.15 -0.62 -15.84
CA TYR A 40 -14.92 0.43 -16.78
C TYR A 40 -13.63 1.17 -16.42
N LEU A 41 -13.26 2.17 -17.23
CA LEU A 41 -12.22 3.10 -16.88
C LEU A 41 -12.72 4.54 -16.91
N SER A 42 -12.04 5.40 -16.14
CA SER A 42 -12.28 6.82 -16.12
C SER A 42 -10.99 7.59 -15.80
N CYS A 43 -10.80 8.74 -16.47
CA CYS A 43 -9.58 9.54 -16.35
C CYS A 43 -9.79 10.91 -15.63
N ASP A 44 -8.69 11.56 -15.25
CA ASP A 44 -8.73 12.89 -14.64
C ASP A 44 -7.43 13.60 -15.05
N PRO A 45 -7.17 14.87 -14.58
CA PRO A 45 -5.92 15.46 -15.05
C PRO A 45 -4.65 14.61 -14.77
N GLN A 46 -4.72 13.61 -13.88
CA GLN A 46 -3.52 12.89 -13.41
C GLN A 46 -3.21 11.56 -14.14
N GLY A 47 -4.22 10.92 -14.72
CA GLY A 47 -4.09 9.64 -15.45
C GLY A 47 -5.45 9.00 -15.55
N CYS A 48 -5.50 7.68 -15.41
CA CYS A 48 -6.73 6.91 -15.56
C CYS A 48 -6.81 5.80 -14.52
N ARG A 49 -8.05 5.43 -14.15
CA ARG A 49 -8.27 4.36 -13.14
C ARG A 49 -9.30 3.40 -13.68
N MET A 50 -9.27 2.19 -13.16
CA MET A 50 -10.25 1.16 -13.46
C MET A 50 -11.30 1.31 -12.36
N PHE A 51 -12.54 0.93 -12.66
CA PHE A 51 -13.69 1.00 -11.77
C PHE A 51 -14.42 -0.32 -11.96
N ALA A 52 -15.17 -0.76 -10.95
CA ALA A 52 -16.01 -1.96 -11.07
C ALA A 52 -16.85 -2.10 -9.84
N LEU A 53 -17.83 -3.01 -9.92
CA LEU A 53 -18.68 -3.30 -8.81
C LEU A 53 -18.15 -4.53 -8.09
N SER A 54 -17.55 -4.25 -6.95
CA SER A 54 -17.12 -5.31 -6.06
C SER A 54 -18.32 -6.17 -5.61
N GLN A 55 -18.08 -7.41 -5.27
CA GLN A 55 -19.10 -8.26 -4.70
C GLN A 55 -18.90 -8.41 -3.17
N GLY A 56 -17.97 -7.63 -2.61
CA GLY A 56 -17.62 -7.70 -1.19
C GLY A 56 -17.08 -9.04 -0.71
N THR A 57 -16.28 -9.70 -1.56
CA THR A 57 -15.61 -11.00 -1.29
C THR A 57 -14.43 -11.13 -2.27
N THR A 58 -13.40 -11.90 -1.89
CA THR A 58 -12.29 -12.27 -2.81
C THR A 58 -12.69 -13.47 -3.68
N LEU A 59 -11.97 -13.68 -4.78
CA LEU A 59 -12.21 -14.78 -5.74
C LEU A 59 -12.03 -16.18 -5.14
N ARG A 60 -10.95 -16.37 -4.35
CA ARG A 60 -10.72 -17.66 -3.66
C ARG A 60 -11.55 -17.83 -2.39
N GLY A 61 -12.12 -16.73 -1.89
CA GLY A 61 -12.98 -16.75 -0.73
C GLY A 61 -14.20 -17.60 -1.00
N ARG A 62 -14.65 -18.33 0.05
CA ARG A 62 -15.91 -19.06 0.11
C ARG A 62 -17.16 -18.27 -0.23
N HIS A 63 -17.13 -16.96 0.01
CA HIS A 63 -18.24 -16.10 -0.33
C HIS A 63 -18.36 -15.84 -1.83
N ALA A 64 -17.41 -16.30 -2.65
CA ALA A 64 -17.47 -16.17 -4.13
C ALA A 64 -18.65 -16.95 -4.65
N ASN A 65 -18.96 -18.04 -3.98
CA ASN A 65 -20.18 -18.81 -4.17
C ASN A 65 -21.44 -17.94 -4.23
N GLY A 66 -22.09 -17.91 -5.39
CA GLY A 66 -23.32 -17.12 -5.53
C GLY A 66 -23.12 -15.75 -6.16
N THR A 67 -21.89 -15.45 -6.61
CA THR A 67 -21.60 -14.13 -7.17
C THR A 67 -22.14 -13.87 -8.60
N ILE A 68 -22.81 -14.85 -9.24
CA ILE A 68 -23.73 -14.61 -10.41
C ILE A 68 -24.80 -13.55 -10.14
N HIS A 69 -25.30 -13.52 -8.88
CA HIS A 69 -26.40 -12.68 -8.38
C HIS A 69 -25.97 -11.18 -8.46
N ASP A 70 -26.82 -10.36 -9.08
CA ASP A 70 -26.57 -8.95 -9.46
C ASP A 70 -26.52 -7.85 -8.35
N ARG A 71 -27.34 -8.04 -7.31
CA ARG A 71 -27.73 -6.95 -6.43
C ARG A 71 -27.69 -7.41 -4.98
N SER A 72 -26.82 -6.83 -4.19
CA SER A 72 -26.76 -7.21 -2.78
C SER A 72 -26.26 -6.05 -1.96
N PRO A 73 -26.49 -6.10 -0.62
CA PRO A 73 -26.00 -5.02 0.25
C PRO A 73 -24.47 -5.04 0.34
N PHE A 74 -23.83 -5.99 -0.36
CA PHE A 74 -22.37 -6.20 -0.22
C PHE A 74 -21.52 -5.71 -1.39
N ARG A 75 -22.14 -4.93 -2.27
CA ARG A 75 -21.53 -4.47 -3.49
C ARG A 75 -21.19 -3.00 -3.33
N ALA A 76 -20.07 -2.59 -3.90
CA ALA A 76 -19.71 -1.21 -3.90
C ALA A 76 -18.90 -0.92 -5.15
N LEU A 77 -18.94 0.33 -5.60
CA LEU A 77 -18.06 0.79 -6.66
C LEU A 77 -16.65 1.04 -6.10
N ILE A 78 -15.66 0.30 -6.62
CA ILE A 78 -14.25 0.47 -6.27
C ILE A 78 -13.51 0.97 -7.54
N SER A 79 -12.43 1.68 -7.31
CA SER A 79 -11.55 2.25 -8.29
C SER A 79 -10.12 1.95 -7.77
N TRP A 80 -9.15 1.95 -8.69
CA TRP A 80 -7.77 1.56 -8.43
C TRP A 80 -6.90 1.98 -9.63
N GLU A 81 -5.59 1.93 -9.45
CA GLU A 81 -4.69 2.38 -10.48
C GLU A 81 -4.74 1.47 -11.70
N MET A 82 -4.86 2.12 -12.88
CA MET A 82 -5.01 1.38 -14.10
C MET A 82 -3.90 0.34 -14.18
N GLY A 83 -4.26 -0.95 -14.38
CA GLY A 83 -3.31 -2.02 -14.69
C GLY A 83 -3.22 -3.08 -13.59
N GLN A 84 -3.17 -2.61 -12.37
CA GLN A 84 -3.21 -3.46 -11.20
C GLN A 84 -4.50 -4.22 -11.21
N ALA A 85 -4.51 -5.36 -10.53
CA ALA A 85 -5.75 -6.09 -10.26
C ALA A 85 -6.39 -5.52 -8.98
N PRO A 86 -7.73 -5.65 -8.83
CA PRO A 86 -8.43 -5.12 -7.60
C PRO A 86 -8.26 -6.04 -6.38
N SER A 87 -7.48 -5.64 -5.40
CA SER A 87 -7.38 -6.40 -4.15
C SER A 87 -8.04 -5.58 -3.02
N PRO A 88 -8.21 -6.17 -1.83
CA PRO A 88 -8.70 -5.30 -0.77
C PRO A 88 -7.67 -4.30 -0.25
N TYR A 89 -6.50 -4.29 -0.84
CA TYR A 89 -5.32 -3.51 -0.33
C TYR A 89 -5.00 -2.31 -1.19
N ASN A 90 -5.54 -2.25 -2.41
CA ASN A 90 -5.24 -1.18 -3.35
C ASN A 90 -6.42 -0.43 -3.96
N THR A 91 -7.61 -0.60 -3.41
CA THR A 91 -8.87 -0.14 -4.04
C THR A 91 -9.51 0.98 -3.22
N ARG A 92 -10.03 2.04 -3.86
CA ARG A 92 -10.78 3.10 -3.17
C ARG A 92 -12.25 2.72 -3.28
N VAL A 93 -12.99 2.74 -2.15
CA VAL A 93 -14.45 2.66 -2.26
C VAL A 93 -15.03 4.02 -2.72
N GLU A 94 -15.68 4.06 -3.88
CA GLU A 94 -16.26 5.29 -4.38
C GLU A 94 -17.64 5.61 -3.76
N CYS A 95 -18.45 4.55 -3.61
CA CYS A 95 -19.80 4.59 -3.09
C CYS A 95 -20.27 3.15 -2.93
N ILE A 96 -21.38 2.99 -2.21
CA ILE A 96 -21.98 1.70 -1.96
C ILE A 96 -23.15 1.43 -2.89
N GLY A 97 -23.17 0.27 -3.57
CA GLY A 97 -24.32 -0.01 -4.44
C GLY A 97 -24.09 -1.11 -5.49
N TRP A 98 -25.10 -1.33 -6.32
CA TRP A 98 -25.00 -2.33 -7.36
C TRP A 98 -25.20 -1.77 -8.76
N SER A 99 -25.13 -0.47 -8.91
CA SER A 99 -25.16 0.14 -10.25
C SER A 99 -24.45 1.47 -10.03
N SER A 100 -23.65 1.91 -11.03
CA SER A 100 -22.80 3.08 -10.91
C SER A 100 -22.49 3.85 -12.18
N THR A 101 -21.99 5.07 -11.97
CA THR A 101 -21.30 5.85 -12.99
C THR A 101 -20.32 6.78 -12.24
N SER A 102 -19.36 7.31 -12.95
CA SER A 102 -18.38 8.20 -12.34
C SER A 102 -17.71 9.00 -13.47
N CYS A 103 -17.31 10.20 -13.15
CA CYS A 103 -16.61 11.04 -14.09
C CYS A 103 -16.02 12.22 -13.36
N HIS A 104 -14.98 12.79 -13.94
CA HIS A 104 -14.20 13.86 -13.40
C HIS A 104 -14.48 15.11 -14.20
N ASP A 105 -14.77 16.22 -13.51
CA ASP A 105 -15.20 17.41 -14.24
C ASP A 105 -14.04 18.37 -14.58
N GLY A 106 -12.80 17.92 -14.34
CA GLY A 106 -11.63 18.79 -14.43
C GLY A 106 -11.21 19.31 -13.06
N MET A 107 -12.18 19.50 -12.15
CA MET A 107 -11.90 19.89 -10.73
C MET A 107 -11.88 18.71 -9.77
N SER A 108 -12.96 17.91 -9.77
CA SER A 108 -13.15 16.76 -8.84
C SER A 108 -13.97 15.62 -9.50
N ARG A 109 -13.91 14.43 -8.88
CA ARG A 109 -14.68 13.31 -9.41
C ARG A 109 -16.06 13.18 -8.76
N MET A 110 -17.08 12.96 -9.58
CA MET A 110 -18.41 12.61 -9.16
C MET A 110 -18.63 11.12 -9.42
N SER A 111 -19.03 10.40 -8.37
CA SER A 111 -19.40 9.02 -8.43
C SER A 111 -20.80 8.76 -7.88
N ILE A 112 -21.52 7.85 -8.53
CA ILE A 112 -22.95 7.66 -8.21
C ILE A 112 -23.19 6.17 -8.15
N CYS A 113 -23.83 5.70 -7.07
CA CYS A 113 -24.20 4.29 -6.89
C CYS A 113 -25.69 4.21 -6.50
N MET A 114 -26.40 3.30 -7.13
CA MET A 114 -27.70 2.86 -6.63
C MET A 114 -27.53 1.66 -5.64
N SER A 115 -28.30 1.65 -4.56
CA SER A 115 -28.46 0.48 -3.70
C SER A 115 -29.92 0.38 -3.23
N GLY A 116 -30.24 -0.60 -2.41
CA GLY A 116 -31.62 -0.77 -1.90
C GLY A 116 -32.35 -1.97 -2.49
N PRO A 117 -33.62 -2.17 -2.10
CA PRO A 117 -34.34 -3.32 -2.67
C PRO A 117 -34.85 -2.91 -4.06
N ASN A 118 -35.32 -3.91 -4.81
CA ASN A 118 -35.83 -3.62 -6.19
C ASN A 118 -36.92 -2.54 -6.28
N ASN A 119 -37.84 -2.52 -5.34
CA ASN A 119 -38.94 -1.51 -5.32
C ASN A 119 -38.63 -0.16 -4.60
N ASN A 120 -37.37 0.12 -4.30
CA ASN A 120 -37.11 1.18 -3.35
C ASN A 120 -35.67 1.56 -3.28
N ALA A 121 -35.00 1.35 -4.42
CA ALA A 121 -33.57 1.69 -4.58
C ALA A 121 -33.41 3.20 -4.45
N SER A 122 -32.16 3.64 -4.25
CA SER A 122 -31.86 5.05 -4.25
C SER A 122 -30.44 5.38 -4.84
N ALA A 123 -30.25 6.53 -5.48
CA ALA A 123 -28.88 6.99 -5.87
C ALA A 123 -28.29 7.91 -4.78
N VAL A 124 -27.00 7.80 -4.54
CA VAL A 124 -26.29 8.77 -3.73
C VAL A 124 -25.18 9.27 -4.63
N VAL A 125 -25.13 10.59 -4.82
CA VAL A 125 -24.25 11.25 -5.79
C VAL A 125 -23.17 11.87 -4.93
N TRP A 126 -21.91 11.48 -5.16
CA TRP A 126 -20.73 11.95 -4.44
C TRP A 126 -19.96 12.86 -5.33
N TYR A 127 -19.31 13.88 -4.76
CA TYR A 127 -18.45 14.78 -5.47
C TYR A 127 -17.25 15.11 -4.58
N GLY A 128 -16.00 14.98 -5.09
CA GLY A 128 -14.82 15.17 -4.25
C GLY A 128 -14.73 14.13 -3.11
N GLY A 129 -15.26 12.91 -3.32
CA GLY A 129 -15.30 11.86 -2.26
C GLY A 129 -16.22 12.16 -1.08
N ARG A 130 -17.17 13.10 -1.27
CA ARG A 130 -18.20 13.52 -0.28
C ARG A 130 -19.64 13.27 -0.81
N PRO A 131 -20.54 12.75 0.06
CA PRO A 131 -21.91 12.62 -0.43
C PRO A 131 -22.63 13.99 -0.54
N ILE A 132 -23.28 14.24 -1.69
CA ILE A 132 -23.87 15.53 -2.02
C ILE A 132 -25.42 15.45 -2.12
N THR A 133 -25.89 14.45 -2.87
CA THR A 133 -27.28 14.38 -3.32
C THR A 133 -27.78 12.94 -3.23
N GLU A 134 -29.07 12.80 -2.87
CA GLU A 134 -29.74 11.49 -2.88
C GLU A 134 -30.96 11.60 -3.78
N ILE A 135 -31.26 10.50 -4.49
CA ILE A 135 -32.39 10.49 -5.39
C ILE A 135 -33.14 9.19 -5.20
N PRO A 136 -34.44 9.24 -4.76
CA PRO A 136 -35.20 8.00 -4.72
C PRO A 136 -35.74 7.51 -6.08
N SER A 137 -35.95 6.21 -6.19
CA SER A 137 -36.63 5.53 -7.31
C SER A 137 -37.89 6.31 -7.63
N TRP A 138 -38.15 6.57 -8.92
CA TRP A 138 -39.38 7.29 -9.32
C TRP A 138 -40.42 6.32 -9.85
N ALA A 139 -39.96 5.14 -10.26
CA ALA A 139 -40.83 4.19 -10.89
C ALA A 139 -40.91 2.89 -10.11
N GLY A 140 -40.09 2.77 -9.06
CA GLY A 140 -40.13 1.64 -8.09
C GLY A 140 -39.67 0.29 -8.62
N ASN A 141 -38.73 0.31 -9.58
CA ASN A 141 -38.29 -0.93 -10.24
C ASN A 141 -36.82 -0.94 -10.68
N ILE A 142 -35.95 -1.29 -9.75
CA ILE A 142 -34.51 -1.27 -10.01
C ILE A 142 -34.00 0.01 -10.75
N LEU A 143 -34.20 1.17 -10.13
CA LEU A 143 -33.40 2.37 -10.44
C LEU A 143 -31.93 2.01 -10.69
N ARG A 144 -31.38 2.44 -11.86
CA ARG A 144 -30.06 2.03 -12.37
C ARG A 144 -29.48 3.07 -13.37
N THR A 145 -28.20 2.90 -13.71
CA THR A 145 -27.50 3.87 -14.52
C THR A 145 -26.46 3.19 -15.46
N GLN A 146 -25.44 3.98 -15.88
CA GLN A 146 -24.59 3.63 -17.03
C GLN A 146 -23.73 2.33 -16.92
N GLU A 147 -23.14 2.09 -15.73
CA GLU A 147 -22.07 1.08 -15.59
C GLU A 147 -20.80 1.46 -16.41
N SER A 148 -20.65 2.74 -16.79
CA SER A 148 -19.41 3.23 -17.39
C SER A 148 -19.42 4.71 -17.14
N GLU A 149 -18.36 5.40 -17.57
CA GLU A 149 -18.10 6.79 -17.17
C GLU A 149 -19.15 7.77 -17.78
N CYS A 150 -19.46 8.81 -17.02
CA CYS A 150 -20.22 9.94 -17.56
C CYS A 150 -19.23 10.94 -18.20
N VAL A 151 -19.76 12.07 -18.68
CA VAL A 151 -18.93 13.08 -19.35
C VAL A 151 -19.40 14.45 -18.88
N CYS A 152 -18.42 15.31 -18.62
CA CYS A 152 -18.64 16.65 -18.10
C CYS A 152 -18.17 17.67 -19.13
N HIS A 153 -18.90 18.78 -19.22
CA HIS A 153 -18.56 19.95 -20.01
C HIS A 153 -18.92 21.19 -19.16
N LYS A 154 -17.92 22.05 -18.94
CA LYS A 154 -18.08 23.34 -18.32
C LYS A 154 -18.71 23.23 -16.95
N GLY A 155 -18.32 22.16 -16.29
CA GLY A 155 -18.83 21.84 -14.96
C GLY A 155 -20.12 21.06 -14.93
N VAL A 156 -20.86 21.04 -16.05
CA VAL A 156 -22.09 20.24 -16.19
C VAL A 156 -21.87 18.76 -16.66
N CYS A 157 -22.31 17.80 -15.88
CA CYS A 157 -22.14 16.34 -16.14
C CYS A 157 -23.49 15.63 -16.22
N PRO A 158 -23.92 15.28 -17.43
CA PRO A 158 -25.19 14.53 -17.56
C PRO A 158 -25.04 13.06 -17.30
N VAL A 159 -26.07 12.46 -16.72
CA VAL A 159 -26.04 11.03 -16.39
C VAL A 159 -27.40 10.51 -16.81
N VAL A 160 -27.39 9.45 -17.60
CA VAL A 160 -28.62 8.75 -17.99
C VAL A 160 -28.94 7.65 -16.96
N MET A 161 -30.19 7.64 -16.47
CA MET A 161 -30.71 6.68 -15.51
C MET A 161 -32.05 6.09 -15.94
N THR A 162 -32.38 4.90 -15.44
CA THR A 162 -33.61 4.23 -15.86
C THR A 162 -34.23 3.60 -14.63
N ASP A 163 -35.56 3.50 -14.59
CA ASP A 163 -36.27 2.88 -13.48
C ASP A 163 -37.54 2.29 -14.12
N GLY A 164 -37.81 0.99 -13.90
CA GLY A 164 -38.91 0.35 -14.58
C GLY A 164 -38.51 -0.98 -15.22
N PRO A 165 -39.46 -1.64 -15.91
CA PRO A 165 -39.19 -3.00 -16.45
C PRO A 165 -37.91 -3.15 -17.33
N ALA A 166 -37.29 -4.33 -17.21
CA ALA A 166 -36.19 -4.80 -18.06
C ALA A 166 -36.69 -5.25 -19.45
N ASN A 167 -37.97 -5.64 -19.49
CA ASN A 167 -38.60 -6.34 -20.63
C ASN A 167 -39.79 -5.57 -21.24
N ASN A 168 -39.92 -4.29 -20.88
CA ASN A 168 -40.98 -3.42 -21.39
C ASN A 168 -40.54 -2.00 -21.27
N ARG A 169 -41.42 -1.09 -21.68
CA ARG A 169 -41.26 0.32 -21.57
C ARG A 169 -40.89 0.66 -20.11
N ALA A 170 -39.83 1.45 -19.93
CA ALA A 170 -39.38 1.90 -18.63
C ALA A 170 -39.39 3.43 -18.65
N ALA A 171 -39.03 4.08 -17.53
CA ALA A 171 -38.86 5.53 -17.41
C ALA A 171 -37.39 5.99 -17.22
N THR A 172 -36.84 6.51 -18.31
CA THR A 172 -35.47 6.95 -18.41
C THR A 172 -35.48 8.43 -18.27
N LYS A 173 -34.59 8.96 -17.41
CA LYS A 173 -34.37 10.41 -17.20
C LYS A 173 -32.92 10.79 -17.51
N ILE A 174 -32.70 12.00 -18.00
CA ILE A 174 -31.35 12.55 -18.08
C ILE A 174 -31.24 13.53 -16.90
N ILE A 175 -30.26 13.35 -16.04
CA ILE A 175 -30.12 14.28 -14.93
C ILE A 175 -28.83 15.02 -15.19
N TYR A 176 -28.82 16.31 -14.97
CA TYR A 176 -27.66 17.12 -15.28
C TYR A 176 -27.08 17.55 -13.93
N PHE A 177 -25.79 17.26 -13.68
CA PHE A 177 -25.17 17.55 -12.39
C PHE A 177 -24.13 18.64 -12.56
N LYS A 178 -23.93 19.42 -11.50
CA LYS A 178 -22.77 20.28 -11.36
C LYS A 178 -22.37 20.19 -9.90
N GLU A 179 -21.11 19.81 -9.66
CA GLU A 179 -20.57 19.57 -8.31
C GLU A 179 -21.48 18.77 -7.43
N GLY A 180 -22.06 17.70 -8.01
CA GLY A 180 -22.93 16.76 -7.32
C GLY A 180 -24.37 17.20 -7.11
N LYS A 181 -24.70 18.43 -7.50
CA LYS A 181 -26.04 19.00 -7.29
C LYS A 181 -26.83 18.96 -8.58
N ILE A 182 -28.13 18.59 -8.47
CA ILE A 182 -29.02 18.48 -9.64
C ILE A 182 -29.34 19.83 -10.21
N GLN A 183 -28.98 20.03 -11.48
CA GLN A 183 -29.30 21.27 -12.21
C GLN A 183 -30.61 21.18 -13.01
N LYS A 184 -30.97 20.00 -13.52
CA LYS A 184 -32.14 19.83 -14.38
C LYS A 184 -32.41 18.35 -14.38
N ILE A 185 -33.68 17.97 -14.52
CA ILE A 185 -34.04 16.57 -14.81
C ILE A 185 -34.94 16.53 -16.10
N GLU A 186 -34.78 15.51 -16.92
CA GLU A 186 -35.47 15.49 -18.20
C GLU A 186 -35.90 14.09 -18.45
N GLU A 187 -37.15 13.90 -18.86
CA GLU A 187 -37.59 12.57 -19.28
C GLU A 187 -36.99 12.26 -20.61
N LEU A 188 -36.65 10.99 -20.85
CA LEU A 188 -36.29 10.56 -22.22
C LEU A 188 -37.25 11.11 -23.31
N ALA A 189 -36.65 11.71 -24.37
CA ALA A 189 -37.39 12.15 -25.55
C ALA A 189 -36.86 11.38 -26.79
N GLY A 190 -37.51 11.49 -27.96
CA GLY A 190 -37.08 10.80 -29.19
C GLY A 190 -37.57 9.40 -29.50
N ASN A 191 -36.93 8.75 -30.47
CA ASN A 191 -37.38 7.45 -30.93
C ASN A 191 -36.75 6.21 -30.30
N ALA A 192 -35.75 6.35 -29.43
CA ALA A 192 -35.27 5.19 -28.69
C ALA A 192 -36.40 4.70 -27.79
N GLN A 193 -36.72 3.41 -27.84
CA GLN A 193 -37.89 2.87 -27.16
C GLN A 193 -37.59 2.31 -25.75
N HIS A 194 -36.31 2.04 -25.48
CA HIS A 194 -35.82 1.42 -24.24
C HIS A 194 -34.34 1.73 -24.12
N ILE A 195 -33.91 2.09 -22.91
CA ILE A 195 -32.61 2.67 -22.66
C ILE A 195 -32.02 2.09 -21.40
N GLU A 196 -30.83 1.46 -21.52
CA GLU A 196 -30.09 0.93 -20.37
C GLU A 196 -28.60 1.09 -20.65
N GLU A 197 -27.82 1.31 -19.59
CA GLU A 197 -26.37 1.14 -19.61
C GLU A 197 -25.65 1.96 -20.71
N CYS A 198 -25.83 3.27 -20.71
CA CYS A 198 -25.29 4.04 -21.82
C CYS A 198 -23.76 4.20 -21.71
N SER A 199 -23.11 3.96 -22.84
CA SER A 199 -21.68 4.31 -22.99
C SER A 199 -21.55 5.67 -23.68
N CYS A 200 -20.92 6.64 -22.98
CA CYS A 200 -20.96 8.07 -23.36
C CYS A 200 -19.57 8.66 -23.57
N TYR A 201 -19.44 9.57 -24.54
CA TYR A 201 -18.16 10.26 -24.72
C TYR A 201 -18.52 11.62 -25.34
N GLY A 202 -17.67 12.63 -25.12
CA GLY A 202 -17.87 13.89 -25.78
C GLY A 202 -16.80 14.29 -26.76
N ALA A 203 -17.21 15.11 -27.72
CA ALA A 203 -16.33 15.59 -28.77
C ALA A 203 -17.13 16.71 -29.38
N GLY A 204 -16.46 17.79 -29.77
CA GLY A 204 -17.13 18.84 -30.49
C GLY A 204 -18.30 19.45 -29.76
N GLY A 205 -18.23 19.57 -28.43
CA GLY A 205 -19.24 20.25 -27.63
C GLY A 205 -20.52 19.49 -27.36
N VAL A 206 -20.58 18.22 -27.83
CA VAL A 206 -21.72 17.29 -27.86
C VAL A 206 -21.34 15.98 -27.10
N ILE A 207 -22.30 15.32 -26.42
CA ILE A 207 -22.06 14.04 -25.79
C ILE A 207 -22.93 13.00 -26.49
N LYS A 208 -22.33 11.93 -26.97
CA LYS A 208 -23.08 10.85 -27.55
C LYS A 208 -23.09 9.64 -26.62
N CYS A 209 -24.28 9.14 -26.31
CA CYS A 209 -24.42 7.95 -25.50
C CYS A 209 -25.01 6.87 -26.38
N ILE A 210 -24.37 5.68 -26.37
CA ILE A 210 -24.82 4.53 -27.20
C ILE A 210 -25.23 3.41 -26.24
N CYS A 211 -26.47 2.93 -26.35
CA CYS A 211 -27.08 2.20 -25.21
C CYS A 211 -27.54 0.78 -25.49
N ARG A 212 -28.22 0.22 -24.52
CA ARG A 212 -28.76 -1.11 -24.63
C ARG A 212 -30.26 -0.96 -24.58
N ASP A 213 -30.94 -1.28 -25.70
CA ASP A 213 -32.38 -1.48 -25.67
C ASP A 213 -32.56 -2.95 -25.26
N ASN A 214 -33.02 -3.24 -24.02
CA ASN A 214 -33.19 -4.62 -23.54
C ASN A 214 -34.61 -5.16 -23.81
N TRP A 215 -35.46 -4.32 -24.38
CA TRP A 215 -36.86 -4.59 -24.65
C TRP A 215 -37.06 -5.35 -25.95
N LYS A 216 -36.70 -4.72 -27.09
CA LYS A 216 -37.01 -5.22 -28.42
C LYS A 216 -35.84 -5.25 -29.42
N GLY A 217 -34.99 -4.23 -29.38
CA GLY A 217 -33.97 -3.98 -30.40
C GLY A 217 -32.58 -4.62 -30.31
N ALA A 218 -32.16 -5.22 -31.43
CA ALA A 218 -30.81 -5.75 -31.54
C ALA A 218 -29.88 -4.69 -32.11
N ASN A 219 -30.44 -3.57 -32.58
CA ASN A 219 -29.68 -2.36 -32.85
C ASN A 219 -29.65 -1.46 -31.58
N ARG A 220 -28.61 -0.62 -31.46
CA ARG A 220 -28.39 0.14 -30.20
C ARG A 220 -29.01 1.54 -30.29
N PRO A 221 -29.75 1.97 -29.25
CA PRO A 221 -30.19 3.37 -29.17
C PRO A 221 -29.02 4.36 -29.01
N VAL A 222 -29.19 5.59 -29.48
CA VAL A 222 -28.20 6.65 -29.36
C VAL A 222 -28.90 7.94 -28.86
N ILE A 223 -28.38 8.47 -27.76
CA ILE A 223 -28.84 9.70 -27.18
C ILE A 223 -27.74 10.76 -27.39
N THR A 224 -28.13 11.87 -28.03
CA THR A 224 -27.24 13.01 -28.27
C THR A 224 -27.67 14.04 -27.26
N ILE A 225 -26.71 14.51 -26.48
CA ILE A 225 -26.97 15.40 -25.37
C ILE A 225 -26.17 16.70 -25.60
N ASP A 226 -26.86 17.84 -25.66
CA ASP A 226 -26.22 19.15 -25.49
C ASP A 226 -26.03 19.50 -23.98
N PRO A 227 -24.77 19.52 -23.45
CA PRO A 227 -24.53 19.80 -22.00
C PRO A 227 -24.55 21.26 -21.62
N GLU A 228 -24.64 22.15 -22.62
CA GLU A 228 -24.89 23.60 -22.39
C GLU A 228 -26.40 23.99 -22.38
N MET A 229 -27.17 23.51 -23.35
CA MET A 229 -28.59 23.85 -23.42
C MET A 229 -29.30 22.95 -22.45
N MET A 230 -28.57 21.93 -22.00
CA MET A 230 -29.06 20.80 -21.19
C MET A 230 -30.31 20.22 -21.85
N THR A 231 -30.14 19.80 -23.11
CA THR A 231 -31.17 19.09 -23.87
C THR A 231 -30.62 17.87 -24.62
N HIS A 232 -31.54 17.05 -25.09
CA HIS A 232 -31.17 15.78 -25.71
C HIS A 232 -32.19 15.33 -26.77
N THR A 233 -31.74 14.41 -27.63
CA THR A 233 -32.57 13.75 -28.64
C THR A 233 -32.17 12.26 -28.55
N SER A 234 -33.02 11.38 -29.04
CA SER A 234 -32.69 9.94 -29.12
C SER A 234 -33.19 9.29 -30.42
N LYS A 235 -32.53 8.21 -30.85
CA LYS A 235 -32.92 7.38 -31.96
C LYS A 235 -32.09 6.09 -31.86
N TYR A 236 -31.94 5.40 -32.98
CA TYR A 236 -31.16 4.17 -33.07
C TYR A 236 -29.99 4.37 -34.03
N LEU A 237 -28.91 3.60 -33.83
CA LEU A 237 -27.88 3.43 -34.86
C LEU A 237 -28.51 3.00 -36.22
N CYS A 238 -28.18 3.75 -37.28
CA CYS A 238 -28.79 3.48 -38.60
C CYS A 238 -28.29 2.20 -39.23
N SER A 239 -27.00 1.92 -39.04
CA SER A 239 -26.33 0.80 -39.74
C SER A 239 -27.04 -0.60 -39.60
N LYS A 240 -27.00 -1.38 -40.69
CA LYS A 240 -27.35 -2.79 -40.75
C LYS A 240 -26.43 -3.66 -39.90
N VAL A 241 -25.23 -3.18 -39.59
CA VAL A 241 -24.32 -3.85 -38.66
C VAL A 241 -24.88 -3.69 -37.25
N LEU A 242 -25.58 -4.74 -36.80
CA LEU A 242 -26.25 -4.78 -35.50
C LEU A 242 -25.26 -5.12 -34.39
N THR A 243 -25.29 -4.32 -33.32
CA THR A 243 -24.25 -4.46 -32.33
C THR A 243 -24.74 -4.89 -30.93
N ASP A 244 -26.00 -5.29 -30.77
CA ASP A 244 -26.42 -5.77 -29.45
C ASP A 244 -26.16 -7.26 -29.38
N THR A 245 -26.18 -7.82 -28.17
CA THR A 245 -26.04 -9.24 -28.09
C THR A 245 -27.22 -9.89 -27.47
N SER A 246 -27.39 -11.09 -28.05
CA SER A 246 -28.43 -11.68 -28.86
C SER A 246 -28.96 -10.76 -29.95
N ARG A 247 -28.54 -11.11 -31.17
CA ARG A 247 -28.98 -10.38 -32.36
C ARG A 247 -29.19 -11.37 -33.50
N PRO A 248 -30.08 -11.02 -34.48
CA PRO A 248 -30.15 -11.84 -35.69
C PRO A 248 -28.90 -11.63 -36.57
N ASN A 249 -28.81 -12.32 -37.70
CA ASN A 249 -27.89 -11.93 -38.79
C ASN A 249 -28.16 -10.48 -39.17
N ASP A 250 -27.14 -9.77 -39.67
CA ASP A 250 -27.34 -8.39 -40.17
C ASP A 250 -28.31 -8.35 -41.36
N PRO A 251 -29.36 -7.49 -41.29
CA PRO A 251 -30.33 -7.35 -42.37
C PRO A 251 -29.63 -6.63 -43.55
N THR A 252 -30.27 -6.51 -44.72
CA THR A 252 -29.71 -5.65 -45.77
C THR A 252 -29.76 -4.18 -45.38
N ASN A 253 -30.80 -3.75 -44.64
CA ASN A 253 -30.93 -2.36 -44.13
C ASN A 253 -31.12 -2.30 -42.61
N GLY A 254 -30.41 -1.39 -41.94
CA GLY A 254 -30.74 -1.12 -40.54
C GLY A 254 -31.99 -0.23 -40.43
N ASN A 255 -32.18 0.39 -39.28
CA ASN A 255 -33.36 1.20 -39.01
C ASN A 255 -32.98 2.27 -38.02
N CYS A 256 -32.88 3.49 -38.51
CA CYS A 256 -32.59 4.64 -37.66
C CYS A 256 -33.63 4.91 -36.57
N ASP A 257 -34.88 4.50 -36.76
CA ASP A 257 -35.93 5.02 -35.92
C ASP A 257 -36.84 4.01 -35.23
N ALA A 258 -36.45 2.74 -35.24
CA ALA A 258 -37.22 1.72 -34.59
C ALA A 258 -36.24 0.63 -34.32
N PRO A 259 -36.55 -0.14 -33.28
CA PRO A 259 -35.86 -1.34 -32.90
C PRO A 259 -36.06 -2.41 -33.98
N ILE A 260 -34.99 -3.11 -34.33
CA ILE A 260 -35.01 -4.25 -35.22
C ILE A 260 -34.94 -5.42 -34.26
N THR A 261 -35.94 -6.31 -34.33
CA THR A 261 -36.12 -7.43 -33.38
C THR A 261 -35.48 -8.72 -33.89
N GLY A 262 -35.40 -9.72 -32.99
CA GLY A 262 -34.74 -10.98 -33.28
C GLY A 262 -33.53 -11.27 -32.40
N GLY A 263 -33.00 -12.46 -32.56
CA GLY A 263 -31.90 -12.93 -31.73
C GLY A 263 -32.41 -13.75 -30.58
N SER A 264 -31.65 -14.77 -30.22
CA SER A 264 -31.92 -15.65 -29.10
C SER A 264 -30.60 -15.99 -28.45
N PRO A 265 -30.58 -16.16 -27.11
CA PRO A 265 -31.68 -16.10 -26.14
C PRO A 265 -31.70 -14.90 -25.21
N ASP A 266 -30.72 -13.98 -25.33
CA ASP A 266 -30.41 -12.89 -24.39
C ASP A 266 -31.00 -11.60 -24.95
N PRO A 267 -31.64 -10.79 -24.08
CA PRO A 267 -32.21 -9.49 -24.51
C PRO A 267 -31.21 -8.33 -24.68
N GLY A 268 -30.03 -8.40 -24.09
CA GLY A 268 -29.05 -7.38 -24.34
C GLY A 268 -27.72 -7.53 -23.60
N VAL A 269 -26.76 -6.66 -23.96
CA VAL A 269 -25.49 -6.47 -23.23
C VAL A 269 -25.13 -4.97 -23.37
N LYS A 270 -24.45 -4.38 -22.37
CA LYS A 270 -23.84 -3.05 -22.51
C LYS A 270 -22.78 -3.07 -23.64
N GLY A 271 -22.71 -2.00 -24.47
CA GLY A 271 -21.80 -1.87 -25.62
C GLY A 271 -21.60 -0.41 -25.92
N PHE A 272 -20.97 -0.10 -27.06
CA PHE A 272 -20.56 1.30 -27.31
C PHE A 272 -20.32 1.43 -28.79
N ALA A 273 -20.08 2.66 -29.24
CA ALA A 273 -19.69 2.97 -30.60
C ALA A 273 -19.16 4.39 -30.53
N PHE A 274 -18.27 4.76 -31.44
CA PHE A 274 -17.83 6.11 -31.56
C PHE A 274 -18.40 6.45 -32.93
N LEU A 275 -19.09 7.58 -33.02
CA LEU A 275 -19.84 7.98 -34.21
C LEU A 275 -19.31 9.35 -34.71
N ASP A 276 -18.52 9.31 -35.77
CA ASP A 276 -17.86 10.53 -36.26
C ASP A 276 -17.86 10.61 -37.79
N GLY A 277 -19.03 10.42 -38.43
CA GLY A 277 -19.11 10.28 -39.91
C GLY A 277 -18.26 9.12 -40.46
N GLU A 278 -17.27 9.40 -41.33
CA GLU A 278 -16.40 8.36 -41.86
C GLU A 278 -15.56 7.68 -40.79
N ASN A 279 -15.13 8.49 -39.82
CA ASN A 279 -14.28 8.04 -38.71
C ASN A 279 -15.15 7.41 -37.60
N SER A 280 -16.01 6.46 -37.98
CA SER A 280 -16.97 5.79 -37.05
C SER A 280 -16.57 4.34 -36.79
N TRP A 281 -16.57 3.91 -35.50
CA TRP A 281 -16.31 2.51 -35.12
C TRP A 281 -17.39 1.93 -34.22
N LEU A 282 -17.83 0.70 -34.56
CA LEU A 282 -18.79 -0.07 -33.75
C LEU A 282 -18.10 -1.33 -33.16
N GLY A 283 -18.28 -1.52 -31.85
CA GLY A 283 -17.90 -2.73 -31.18
C GLY A 283 -19.04 -3.74 -31.04
N ARG A 284 -18.67 -5.03 -30.95
CA ARG A 284 -19.67 -6.06 -30.69
C ARG A 284 -18.99 -7.36 -30.32
N THR A 285 -19.74 -8.18 -29.59
CA THR A 285 -19.35 -9.57 -29.41
C THR A 285 -19.31 -10.27 -30.82
N ILE A 286 -18.41 -11.25 -30.99
CA ILE A 286 -18.30 -11.95 -32.32
C ILE A 286 -19.51 -12.89 -32.56
N SER A 287 -19.86 -13.69 -31.55
CA SER A 287 -21.14 -14.41 -31.47
C SER A 287 -22.33 -13.49 -31.48
N LYS A 288 -23.31 -13.86 -32.31
CA LYS A 288 -24.61 -13.24 -32.34
C LYS A 288 -25.44 -13.68 -31.18
N ASP A 289 -25.12 -14.81 -30.55
CA ASP A 289 -26.01 -15.32 -29.52
C ASP A 289 -25.51 -14.92 -28.15
N SER A 290 -24.21 -15.09 -27.97
CA SER A 290 -23.57 -15.13 -26.64
C SER A 290 -22.48 -14.10 -26.47
N ARG A 291 -22.17 -13.85 -25.22
CA ARG A 291 -21.12 -12.95 -24.83
C ARG A 291 -19.74 -13.58 -25.05
N SER A 292 -19.39 -13.91 -26.30
CA SER A 292 -18.05 -14.41 -26.63
C SER A 292 -17.45 -13.69 -27.81
N GLY A 293 -16.13 -13.50 -27.74
CA GLY A 293 -15.37 -12.83 -28.75
C GLY A 293 -15.65 -11.37 -28.71
N TYR A 294 -14.79 -10.58 -29.32
CA TYR A 294 -15.03 -9.13 -29.40
C TYR A 294 -14.34 -8.59 -30.62
N GLU A 295 -15.07 -7.80 -31.40
CA GLU A 295 -14.55 -7.22 -32.64
C GLU A 295 -14.90 -5.75 -32.70
N MET A 296 -13.96 -4.98 -33.24
CA MET A 296 -14.12 -3.56 -33.63
C MET A 296 -14.31 -3.47 -35.15
N LEU A 297 -15.30 -2.69 -35.59
CA LEU A 297 -15.68 -2.59 -37.01
C LEU A 297 -15.81 -1.14 -37.37
N LYS A 298 -14.98 -0.69 -38.32
CA LYS A 298 -15.09 0.69 -38.87
C LYS A 298 -16.22 0.74 -39.88
N VAL A 299 -17.27 1.48 -39.52
CA VAL A 299 -18.45 1.58 -40.34
C VAL A 299 -18.72 3.06 -40.62
N PRO A 300 -18.16 3.58 -41.74
CA PRO A 300 -18.41 4.99 -42.05
C PRO A 300 -19.89 5.26 -42.12
N ASN A 301 -20.29 6.42 -41.58
CA ASN A 301 -21.70 6.83 -41.52
C ASN A 301 -22.68 5.86 -40.87
N ALA A 302 -22.20 5.04 -39.95
CA ALA A 302 -23.08 4.16 -39.12
C ALA A 302 -24.26 4.92 -38.48
N GLU A 303 -24.05 6.18 -38.12
CA GLU A 303 -25.09 7.02 -37.47
C GLU A 303 -26.17 7.61 -38.39
N THR A 304 -25.94 7.54 -39.72
CA THR A 304 -26.84 8.18 -40.67
C THR A 304 -27.27 7.31 -41.87
N ASP A 305 -26.54 6.23 -42.15
CA ASP A 305 -26.78 5.48 -43.39
C ASP A 305 -27.16 4.03 -43.03
N ILE A 306 -28.40 3.66 -43.34
CA ILE A 306 -28.95 2.31 -43.05
C ILE A 306 -28.24 1.19 -43.82
N GLN A 307 -27.44 1.57 -44.79
CA GLN A 307 -26.76 0.57 -45.62
C GLN A 307 -25.30 0.39 -45.29
N SER A 308 -24.82 1.14 -44.31
CA SER A 308 -23.37 1.22 -44.02
C SER A 308 -22.91 -0.12 -43.46
N GLY A 309 -21.73 -0.55 -43.91
CA GLY A 309 -21.07 -1.80 -43.42
C GLY A 309 -19.58 -1.57 -43.19
N PRO A 310 -18.86 -2.57 -42.64
CA PRO A 310 -17.45 -2.38 -42.26
C PRO A 310 -16.53 -2.17 -43.48
N ILE A 311 -15.51 -1.33 -43.29
CA ILE A 311 -14.42 -1.24 -44.24
C ILE A 311 -13.14 -1.79 -43.66
N SER A 312 -13.17 -2.10 -42.37
CA SER A 312 -12.05 -2.67 -41.61
C SER A 312 -12.52 -3.27 -40.29
N ASN A 313 -11.80 -4.28 -39.82
CA ASN A 313 -12.13 -4.98 -38.56
C ASN A 313 -10.87 -5.12 -37.76
N GLN A 314 -11.02 -5.15 -36.45
CA GLN A 314 -9.95 -5.64 -35.62
C GLN A 314 -10.49 -6.64 -34.56
N VAL A 315 -9.92 -7.83 -34.47
CA VAL A 315 -10.39 -8.74 -33.45
C VAL A 315 -9.68 -8.32 -32.16
N ILE A 316 -10.48 -8.06 -31.13
CA ILE A 316 -9.98 -7.68 -29.80
C ILE A 316 -9.90 -8.89 -28.87
N VAL A 317 -10.92 -9.77 -28.90
CA VAL A 317 -10.98 -11.04 -28.14
C VAL A 317 -11.53 -12.09 -29.10
N ASN A 318 -10.83 -13.22 -29.30
CA ASN A 318 -11.30 -14.16 -30.36
C ASN A 318 -12.54 -14.96 -29.98
N ASN A 319 -13.26 -15.49 -30.96
CA ASN A 319 -14.56 -16.12 -30.62
C ASN A 319 -14.49 -17.43 -29.80
N GLN A 320 -13.28 -17.92 -29.53
CA GLN A 320 -13.11 -19.05 -28.60
C GLN A 320 -13.00 -18.63 -27.09
N ASN A 321 -13.18 -17.34 -26.81
CA ASN A 321 -13.05 -16.78 -25.46
C ASN A 321 -14.22 -15.84 -25.07
N TRP A 322 -14.55 -15.81 -23.78
CA TRP A 322 -15.67 -15.04 -23.22
C TRP A 322 -15.34 -13.56 -23.14
N SER A 323 -16.33 -12.76 -23.45
CA SER A 323 -16.18 -11.34 -23.36
C SER A 323 -17.22 -10.97 -22.32
N GLY A 324 -17.94 -9.87 -22.60
CA GLY A 324 -19.02 -9.38 -21.78
C GLY A 324 -19.35 -7.96 -22.12
N TYR A 325 -19.48 -7.15 -21.07
CA TYR A 325 -19.75 -5.70 -21.22
C TYR A 325 -18.59 -4.95 -21.92
N SER A 326 -18.89 -3.80 -22.51
CA SER A 326 -17.91 -2.99 -23.25
C SER A 326 -18.44 -1.53 -23.18
N GLY A 327 -17.53 -0.57 -23.13
CA GLY A 327 -17.94 0.82 -22.93
C GLY A 327 -16.87 1.80 -23.30
N ALA A 328 -17.27 3.07 -23.40
CA ALA A 328 -16.45 4.13 -23.91
C ALA A 328 -15.84 4.91 -22.78
N PHE A 329 -14.60 5.32 -22.96
CA PHE A 329 -14.07 6.37 -22.13
C PHE A 329 -13.03 7.05 -23.03
N ILE A 330 -12.59 8.22 -22.63
CA ILE A 330 -11.55 8.97 -23.30
C ILE A 330 -10.74 9.67 -22.18
N ASP A 331 -9.41 9.77 -22.37
CA ASP A 331 -8.58 10.64 -21.52
C ASP A 331 -8.63 12.09 -22.05
N TYR A 332 -9.66 12.84 -21.62
CA TYR A 332 -9.93 14.23 -22.03
C TYR A 332 -8.79 15.20 -21.65
N TRP A 333 -7.87 14.76 -20.78
CA TRP A 333 -6.76 15.60 -20.35
C TRP A 333 -5.44 15.30 -21.10
N ALA A 334 -5.50 14.40 -22.11
CA ALA A 334 -4.30 14.11 -22.93
C ALA A 334 -3.74 15.38 -23.59
N ASN A 335 -2.44 15.34 -23.81
CA ASN A 335 -1.83 16.43 -24.45
C ASN A 335 -1.92 16.24 -25.98
N LYS A 336 -3.13 16.44 -26.53
CA LYS A 336 -3.38 16.37 -27.95
C LYS A 336 -4.37 17.47 -28.37
N GLU A 337 -4.53 17.63 -29.67
CA GLU A 337 -5.44 18.60 -30.26
C GLU A 337 -6.81 17.97 -30.47
N CYS A 338 -6.87 16.66 -30.31
CA CYS A 338 -8.12 15.91 -30.43
C CYS A 338 -8.30 14.95 -29.26
N PHE A 339 -9.56 14.52 -29.08
CA PHE A 339 -9.93 13.48 -28.15
C PHE A 339 -9.82 12.09 -28.79
N ASN A 340 -8.92 11.28 -28.26
CA ASN A 340 -8.73 9.91 -28.77
C ASN A 340 -9.67 8.86 -28.12
N PRO A 341 -10.52 8.18 -28.92
CA PRO A 341 -11.38 7.17 -28.33
C PRO A 341 -10.66 6.04 -27.65
N CYS A 342 -11.18 5.62 -26.51
CA CYS A 342 -10.76 4.36 -25.86
C CYS A 342 -11.99 3.55 -25.49
N PHE A 343 -11.79 2.27 -25.26
CA PHE A 343 -12.86 1.38 -24.85
C PHE A 343 -12.27 0.27 -24.00
N TYR A 344 -13.10 -0.31 -23.18
CA TYR A 344 -12.67 -1.48 -22.43
C TYR A 344 -13.60 -2.61 -22.86
N VAL A 345 -13.19 -3.83 -22.57
CA VAL A 345 -14.06 -4.97 -22.67
C VAL A 345 -13.95 -5.65 -21.34
N GLU A 346 -15.10 -6.00 -20.75
CA GLU A 346 -15.16 -6.78 -19.50
C GLU A 346 -15.03 -8.24 -19.84
N LEU A 347 -14.07 -8.97 -19.26
CA LEU A 347 -13.90 -10.40 -19.62
C LEU A 347 -14.45 -11.36 -18.56
N ILE A 348 -15.70 -11.76 -18.76
CA ILE A 348 -16.44 -12.52 -17.75
C ILE A 348 -16.00 -13.96 -17.69
N ARG A 349 -15.70 -14.41 -16.48
CA ARG A 349 -15.38 -15.80 -16.18
C ARG A 349 -16.37 -16.39 -15.19
N GLY A 350 -16.57 -17.72 -15.27
CA GLY A 350 -17.45 -18.43 -14.35
C GLY A 350 -18.86 -18.47 -14.90
N ARG A 351 -19.81 -18.38 -13.99
CA ARG A 351 -21.26 -18.59 -14.33
C ARG A 351 -21.84 -17.37 -15.07
N PRO A 352 -22.87 -17.57 -15.95
CA PRO A 352 -23.45 -18.90 -16.28
C PRO A 352 -22.64 -19.78 -17.28
N LYS A 353 -21.78 -19.20 -18.14
CA LYS A 353 -21.10 -19.97 -19.23
C LYS A 353 -20.14 -21.07 -18.77
N GLU A 354 -19.44 -20.89 -17.63
CA GLU A 354 -18.52 -21.89 -17.05
C GLU A 354 -18.98 -22.24 -15.64
N SER A 355 -19.71 -23.32 -15.49
CA SER A 355 -20.39 -23.62 -14.23
C SER A 355 -19.70 -24.74 -13.47
N SER A 356 -18.44 -25.01 -13.80
CA SER A 356 -17.62 -25.89 -12.99
C SER A 356 -17.10 -25.13 -11.82
N VAL A 357 -17.32 -23.79 -11.78
CA VAL A 357 -17.08 -22.98 -10.58
C VAL A 357 -18.40 -22.37 -10.07
N LEU A 358 -18.35 -21.85 -8.83
CA LEU A 358 -19.54 -21.33 -8.09
C LEU A 358 -19.70 -19.81 -8.21
N TRP A 359 -18.67 -19.16 -8.74
CA TRP A 359 -18.59 -17.68 -8.78
C TRP A 359 -18.78 -17.15 -10.23
N THR A 360 -18.97 -15.83 -10.33
CA THR A 360 -18.91 -15.05 -11.56
C THR A 360 -18.02 -13.84 -11.26
N SER A 361 -16.99 -13.69 -12.09
CA SER A 361 -16.14 -12.54 -11.98
C SER A 361 -15.72 -12.13 -13.37
N ASN A 362 -14.64 -11.39 -13.44
CA ASN A 362 -14.18 -10.81 -14.71
C ASN A 362 -12.75 -10.21 -14.60
N SER A 363 -12.12 -10.01 -15.77
CA SER A 363 -10.93 -9.18 -15.85
C SER A 363 -11.20 -8.03 -16.85
N ILE A 364 -10.21 -7.17 -17.07
CA ILE A 364 -10.36 -5.97 -17.92
C ILE A 364 -9.23 -5.86 -18.93
N VAL A 365 -9.57 -5.50 -20.18
CA VAL A 365 -8.60 -5.08 -21.18
C VAL A 365 -9.10 -3.72 -21.72
N ALA A 366 -8.20 -2.83 -22.13
CA ALA A 366 -8.61 -1.48 -22.55
C ALA A 366 -7.71 -1.06 -23.69
N LEU A 367 -8.29 -0.39 -24.69
CA LEU A 367 -7.55 -0.04 -25.89
C LEU A 367 -7.90 1.39 -26.29
N CYS A 368 -6.97 2.10 -26.90
CA CYS A 368 -7.31 3.41 -27.50
C CYS A 368 -6.99 3.47 -29.00
N GLY A 369 -7.46 4.54 -29.64
CA GLY A 369 -7.22 4.80 -31.05
C GLY A 369 -5.78 5.06 -31.44
N SER A 370 -5.45 4.56 -32.63
CA SER A 370 -4.23 4.91 -33.30
C SER A 370 -4.55 5.38 -34.74
N LYS A 371 -3.86 6.42 -35.16
CA LYS A 371 -3.88 6.82 -36.57
C LYS A 371 -3.10 5.81 -37.45
N LYS A 372 -2.29 4.91 -36.84
CA LYS A 372 -1.43 4.00 -37.58
C LYS A 372 -2.20 2.75 -37.92
N ARG A 373 -1.60 1.88 -38.74
CA ARG A 373 -2.20 0.60 -39.06
C ARG A 373 -1.41 -0.47 -38.27
N LEU A 374 -1.80 -0.61 -37.02
CA LEU A 374 -1.22 -1.54 -36.06
C LEU A 374 -1.76 -2.98 -36.21
N GLY A 375 -0.87 -3.98 -36.14
CA GLY A 375 -1.27 -5.37 -36.02
C GLY A 375 -1.87 -5.67 -34.68
N SER A 376 -2.54 -6.81 -34.58
CA SER A 376 -3.31 -7.03 -33.37
C SER A 376 -3.25 -8.48 -32.95
N TRP A 377 -3.46 -8.75 -31.66
CA TRP A 377 -3.84 -10.12 -31.28
C TRP A 377 -4.97 -10.09 -30.27
N SER A 378 -5.52 -11.25 -29.97
CA SER A 378 -6.51 -11.45 -28.94
C SER A 378 -6.01 -11.17 -27.51
N TRP A 379 -6.86 -10.46 -26.77
CA TRP A 379 -6.57 -10.03 -25.40
C TRP A 379 -7.58 -10.70 -24.43
N HIS A 380 -7.75 -11.99 -24.57
CA HIS A 380 -8.66 -12.75 -23.70
C HIS A 380 -8.16 -12.74 -22.26
N ASP A 381 -9.01 -13.23 -21.38
CA ASP A 381 -8.73 -13.30 -19.98
C ASP A 381 -7.42 -14.08 -19.67
N GLY A 382 -7.33 -15.29 -20.21
CA GLY A 382 -6.19 -16.16 -19.98
C GLY A 382 -6.07 -16.97 -18.69
N ALA A 383 -7.17 -17.12 -17.93
CA ALA A 383 -7.11 -18.04 -16.78
C ALA A 383 -7.66 -19.45 -17.14
N GLU A 384 -7.11 -20.51 -16.53
CA GLU A 384 -7.53 -21.89 -16.74
C GLU A 384 -8.58 -22.25 -15.70
N ILE A 385 -9.82 -22.31 -16.16
CA ILE A 385 -10.94 -22.64 -15.29
C ILE A 385 -10.65 -23.90 -14.51
N ILE A 386 -9.95 -24.87 -15.12
CA ILE A 386 -9.61 -26.15 -14.43
C ILE A 386 -8.82 -25.94 -13.12
N TYR A 387 -8.06 -24.84 -13.03
CA TYR A 387 -7.36 -24.46 -11.78
C TYR A 387 -8.29 -24.09 -10.61
N PHE A 388 -9.56 -23.75 -10.91
CA PHE A 388 -10.53 -23.36 -9.88
C PHE A 388 -11.47 -24.51 -9.49
N GLU A 389 -11.32 -25.66 -10.13
CA GLU A 389 -12.17 -26.84 -9.88
C GLU A 389 -11.61 -27.69 -8.73
N ARG B 1 11.77 19.53 -12.40
CA ARG B 1 12.51 20.83 -12.59
C ARG B 1 13.24 20.96 -13.97
N THR B 2 14.22 20.08 -14.27
CA THR B 2 15.09 20.21 -15.48
C THR B 2 15.39 18.92 -16.31
N PHE B 3 15.59 19.06 -17.62
CA PHE B 3 16.15 17.99 -18.47
C PHE B 3 17.56 17.55 -18.09
N LEU B 4 17.73 16.28 -17.75
CA LEU B 4 19.06 15.68 -17.55
C LEU B 4 20.02 15.95 -18.74
N ASN B 5 21.13 16.66 -18.46
CA ASN B 5 22.27 16.83 -19.41
C ASN B 5 23.34 15.80 -19.06
N LEU B 6 23.81 15.03 -20.04
CA LEU B 6 24.88 14.02 -19.76
C LEU B 6 26.32 14.57 -19.60
N THR B 7 26.46 15.73 -18.91
CA THR B 7 27.70 16.52 -18.83
C THR B 7 28.89 15.83 -18.14
N LYS B 8 28.61 15.14 -17.04
CA LYS B 8 29.61 14.59 -16.13
C LYS B 8 30.42 13.39 -16.67
N PRO B 9 31.69 13.24 -16.19
CA PRO B 9 32.40 12.05 -16.62
C PRO B 9 31.98 10.84 -15.72
N LEU B 10 32.47 9.66 -16.04
CA LEU B 10 32.22 8.46 -15.25
C LEU B 10 33.13 8.42 -14.00
N CYS B 11 32.63 7.93 -12.86
CA CYS B 11 33.46 7.79 -11.68
C CYS B 11 34.44 6.67 -11.88
N GLU B 12 35.66 6.86 -11.34
CA GLU B 12 36.64 5.77 -11.17
C GLU B 12 36.02 4.58 -10.41
N VAL B 13 36.21 3.36 -10.95
CA VAL B 13 35.67 2.10 -10.32
C VAL B 13 36.80 1.10 -10.08
N ASN B 14 36.92 0.66 -8.83
CA ASN B 14 37.97 -0.26 -8.44
C ASN B 14 37.35 -1.47 -7.85
N SER B 15 36.10 -1.33 -7.42
CA SER B 15 35.32 -2.49 -7.01
C SER B 15 33.83 -2.09 -6.96
N TRP B 16 32.98 -3.07 -6.62
CA TRP B 16 31.51 -2.97 -6.69
C TRP B 16 30.89 -3.23 -5.31
N HIS B 17 30.02 -2.31 -4.87
CA HIS B 17 29.32 -2.43 -3.57
C HIS B 17 27.88 -2.84 -3.78
N ILE B 18 27.30 -3.48 -2.78
CA ILE B 18 25.91 -3.87 -2.83
C ILE B 18 25.01 -2.62 -2.85
N LEU B 19 24.13 -2.57 -3.85
CA LEU B 19 23.07 -1.54 -3.95
C LEU B 19 21.77 -2.05 -3.42
N SER B 20 21.28 -3.12 -4.03
CA SER B 20 19.99 -3.68 -3.68
C SER B 20 19.91 -5.17 -3.99
N LYS B 21 19.02 -5.86 -3.28
CA LYS B 21 18.67 -7.22 -3.62
C LYS B 21 17.22 -7.40 -3.16
N ASP B 22 16.34 -7.87 -4.05
CA ASP B 22 14.93 -8.11 -3.65
C ASP B 22 14.52 -9.47 -3.02
N ASN B 23 15.36 -10.52 -3.14
CA ASN B 23 15.04 -11.83 -2.60
C ASN B 23 13.62 -12.32 -2.97
N ALA B 24 13.24 -12.06 -4.22
CA ALA B 24 11.85 -12.22 -4.67
C ALA B 24 11.34 -13.67 -4.63
N ILE B 25 12.24 -14.63 -4.94
CA ILE B 25 11.85 -16.05 -4.98
C ILE B 25 11.72 -16.64 -3.61
N ARG B 26 12.68 -16.37 -2.74
CA ARG B 26 12.53 -16.72 -1.29
C ARG B 26 11.21 -16.19 -0.66
N ILE B 27 10.95 -14.91 -0.88
CA ILE B 27 9.70 -14.25 -0.38
C ILE B 27 8.46 -14.85 -1.06
N GLY B 28 8.53 -14.96 -2.39
CA GLY B 28 7.50 -15.50 -3.27
C GLY B 28 7.12 -16.94 -3.04
N GLU B 29 7.97 -17.67 -2.33
CA GLU B 29 7.59 -19.00 -1.87
C GLU B 29 6.32 -18.95 -0.98
N ASP B 30 6.06 -17.77 -0.36
CA ASP B 30 4.91 -17.54 0.56
C ASP B 30 4.07 -16.32 0.19
N ALA B 31 4.71 -15.17 0.00
CA ALA B 31 4.00 -13.88 -0.01
C ALA B 31 3.46 -13.83 -1.41
N HIS B 32 2.79 -12.79 -1.87
CA HIS B 32 2.14 -13.04 -3.20
C HIS B 32 2.94 -12.38 -4.27
N ILE B 33 3.94 -13.07 -4.78
CA ILE B 33 4.94 -12.40 -5.61
C ILE B 33 4.70 -12.72 -7.08
N LEU B 34 4.70 -11.68 -7.91
CA LEU B 34 4.51 -11.86 -9.37
C LEU B 34 5.66 -12.64 -10.06
N VAL B 35 5.34 -13.60 -10.93
CA VAL B 35 6.27 -14.21 -11.82
C VAL B 35 6.77 -13.15 -12.81
N THR B 36 8.09 -13.13 -13.06
CA THR B 36 8.71 -12.07 -13.89
C THR B 36 9.86 -12.68 -14.71
N ARG B 37 10.50 -11.85 -15.53
CA ARG B 37 11.80 -12.13 -16.16
C ARG B 37 12.19 -10.84 -16.82
N GLU B 38 13.45 -10.72 -17.23
CA GLU B 38 13.90 -9.52 -17.95
C GLU B 38 13.88 -8.23 -17.07
N PRO B 39 14.49 -8.28 -15.82
CA PRO B 39 14.39 -7.12 -14.90
C PRO B 39 15.41 -6.12 -15.26
N TYR B 40 15.24 -4.94 -14.71
CA TYR B 40 16.30 -3.96 -14.67
C TYR B 40 15.96 -2.95 -13.59
N LEU B 41 16.82 -1.97 -13.42
CA LEU B 41 16.46 -0.83 -12.61
C LEU B 41 16.52 0.40 -13.47
N SER B 42 15.76 1.43 -13.07
CA SER B 42 15.95 2.82 -13.57
C SER B 42 15.70 3.93 -12.50
N CYS B 43 16.49 5.00 -12.51
CA CYS B 43 16.35 6.11 -11.54
C CYS B 43 15.72 7.39 -12.09
N ASP B 44 15.26 8.22 -11.18
CA ASP B 44 14.75 9.56 -11.53
C ASP B 44 15.23 10.48 -10.39
N PRO B 45 14.85 11.80 -10.40
CA PRO B 45 15.42 12.76 -9.42
C PRO B 45 15.17 12.45 -7.95
N GLN B 46 14.14 11.63 -7.71
CA GLN B 46 13.68 11.23 -6.39
C GLN B 46 14.35 9.94 -5.85
N GLY B 47 14.61 8.99 -6.75
CA GLY B 47 15.26 7.73 -6.41
C GLY B 47 15.20 6.68 -7.53
N CYS B 48 15.55 5.42 -7.19
CA CYS B 48 15.61 4.32 -8.16
C CYS B 48 14.49 3.38 -7.97
N ARG B 49 14.13 2.69 -9.05
CA ARG B 49 13.04 1.73 -9.09
C ARG B 49 13.51 0.49 -9.84
N MET B 50 12.88 -0.64 -9.51
CA MET B 50 13.14 -1.89 -10.18
C MET B 50 12.05 -2.04 -11.23
N PHE B 51 12.36 -2.69 -12.33
CA PHE B 51 11.42 -2.95 -13.44
C PHE B 51 11.49 -4.44 -13.79
N ALA B 52 10.44 -5.02 -14.35
CA ALA B 52 10.55 -6.39 -14.93
C ALA B 52 9.34 -6.60 -15.81
N LEU B 53 9.33 -7.71 -16.54
CA LEU B 53 8.19 -8.05 -17.31
C LEU B 53 7.44 -9.08 -16.53
N SER B 54 6.20 -8.74 -16.15
CA SER B 54 5.43 -9.63 -15.34
C SER B 54 4.93 -10.70 -16.27
N GLN B 55 4.55 -11.85 -15.69
CA GLN B 55 3.85 -12.89 -16.44
C GLN B 55 2.37 -12.93 -16.19
N GLY B 56 1.84 -11.97 -15.42
CA GLY B 56 0.41 -11.91 -15.16
C GLY B 56 -0.09 -13.01 -14.27
N THR B 57 0.73 -13.44 -13.31
CA THR B 57 0.48 -14.53 -12.38
C THR B 57 1.45 -14.41 -11.25
N THR B 58 1.08 -14.90 -10.07
CA THR B 58 2.01 -15.05 -8.91
C THR B 58 2.81 -16.34 -9.00
N LEU B 59 3.84 -16.45 -8.17
CA LEU B 59 4.81 -17.52 -8.28
C LEU B 59 4.24 -18.86 -7.79
N ARG B 60 3.47 -18.80 -6.67
CA ARG B 60 2.82 -19.98 -6.12
C ARG B 60 1.47 -20.31 -6.82
N GLY B 61 1.02 -19.45 -7.73
CA GLY B 61 -0.27 -19.65 -8.36
C GLY B 61 -0.10 -20.73 -9.36
N ARG B 62 -1.17 -21.37 -9.75
CA ARG B 62 -1.09 -22.47 -10.67
C ARG B 62 -0.82 -22.02 -12.09
N HIS B 63 -1.22 -20.79 -12.39
CA HIS B 63 -0.88 -20.13 -13.63
C HIS B 63 0.64 -19.91 -13.83
N ALA B 64 1.47 -20.22 -12.85
CA ALA B 64 2.93 -20.03 -13.01
C ALA B 64 3.49 -21.13 -13.91
N ASN B 65 2.72 -22.21 -14.02
CA ASN B 65 2.93 -23.25 -14.99
C ASN B 65 2.94 -22.75 -16.44
N GLY B 66 4.09 -22.95 -17.09
CA GLY B 66 4.31 -22.56 -18.50
C GLY B 66 4.93 -21.18 -18.69
N THR B 67 5.42 -20.61 -17.61
CA THR B 67 5.96 -19.26 -17.65
C THR B 67 7.43 -19.19 -18.22
N ILE B 68 8.03 -20.33 -18.60
CA ILE B 68 9.22 -20.32 -19.45
C ILE B 68 9.00 -19.58 -20.78
N HIS B 69 7.75 -19.44 -21.21
CA HIS B 69 7.38 -18.95 -22.55
C HIS B 69 7.49 -17.43 -22.50
N ASP B 70 8.03 -16.86 -23.58
CA ASP B 70 8.52 -15.48 -23.59
C ASP B 70 7.46 -14.43 -23.84
N ARG B 71 6.50 -14.76 -24.69
CA ARG B 71 5.51 -13.80 -25.18
C ARG B 71 4.07 -14.31 -25.08
N SER B 72 3.21 -13.58 -24.36
CA SER B 72 1.77 -13.89 -24.24
C SER B 72 1.09 -12.57 -24.03
N PRO B 73 -0.25 -12.50 -24.14
CA PRO B 73 -1.00 -11.27 -23.82
C PRO B 73 -1.15 -10.91 -22.35
N PHE B 74 -0.45 -11.63 -21.45
CA PHE B 74 -0.60 -11.55 -19.98
C PHE B 74 0.60 -10.91 -19.31
N ARG B 75 1.63 -10.63 -20.10
CA ARG B 75 2.83 -9.90 -19.66
C ARG B 75 2.64 -8.36 -19.73
N ALA B 76 3.29 -7.63 -18.83
CA ALA B 76 3.31 -6.18 -18.89
C ALA B 76 4.57 -5.76 -18.16
N LEU B 77 5.15 -4.62 -18.53
CA LEU B 77 6.20 -4.01 -17.72
C LEU B 77 5.63 -3.34 -16.45
N ILE B 78 6.19 -3.76 -15.32
CA ILE B 78 5.85 -3.25 -14.00
C ILE B 78 7.10 -2.61 -13.37
N SER B 79 6.88 -1.59 -12.56
CA SER B 79 7.98 -0.99 -11.78
C SER B 79 7.58 -0.96 -10.26
N TRP B 80 8.52 -0.78 -9.36
CA TRP B 80 8.29 -0.87 -7.92
C TRP B 80 9.50 -0.33 -7.22
N GLU B 81 9.29 0.16 -5.99
CA GLU B 81 10.37 0.69 -5.16
C GLU B 81 11.61 -0.22 -5.02
N MET B 82 12.78 0.32 -5.38
CA MET B 82 13.99 -0.50 -5.34
C MET B 82 14.15 -1.23 -4.00
N GLY B 83 14.38 -2.54 -4.11
CA GLY B 83 14.67 -3.42 -2.97
C GLY B 83 13.51 -4.27 -2.50
N GLN B 84 12.27 -3.79 -2.64
CA GLN B 84 11.07 -4.59 -2.40
C GLN B 84 10.98 -5.69 -3.47
N ALA B 85 10.20 -6.72 -3.23
CA ALA B 85 9.84 -7.78 -4.18
C ALA B 85 8.54 -7.37 -4.89
N PRO B 86 8.35 -7.75 -6.18
CA PRO B 86 7.15 -7.39 -6.95
C PRO B 86 5.92 -8.18 -6.62
N SER B 87 4.95 -7.57 -5.98
CA SER B 87 3.67 -8.26 -5.64
C SER B 87 2.60 -7.51 -6.40
N PRO B 88 1.38 -8.04 -6.47
CA PRO B 88 0.30 -7.31 -7.12
C PRO B 88 -0.14 -6.06 -6.37
N TYR B 89 0.47 -5.83 -5.19
CA TYR B 89 0.05 -4.80 -4.25
C TYR B 89 0.93 -3.55 -4.27
N ASN B 90 2.15 -3.69 -4.75
CA ASN B 90 3.12 -2.59 -4.69
C ASN B 90 3.75 -2.32 -6.06
N THR B 91 3.11 -2.86 -7.10
CA THR B 91 3.62 -2.63 -8.49
C THR B 91 2.84 -1.59 -9.36
N ARG B 92 3.56 -0.74 -10.09
CA ARG B 92 2.96 0.15 -11.10
C ARG B 92 3.08 -0.50 -12.53
N VAL B 93 1.95 -0.64 -13.23
CA VAL B 93 1.95 -1.10 -14.62
C VAL B 93 2.39 0.09 -15.51
N GLU B 94 3.56 -0.07 -16.16
CA GLU B 94 4.16 0.97 -17.02
C GLU B 94 3.59 0.92 -18.44
N CYS B 95 3.34 -0.28 -18.96
CA CYS B 95 2.80 -0.47 -20.29
C CYS B 95 2.57 -1.97 -20.44
N ILE B 96 1.94 -2.37 -21.55
CA ILE B 96 1.56 -3.79 -21.76
C ILE B 96 2.38 -4.41 -22.91
N GLY B 97 3.06 -5.52 -22.63
CA GLY B 97 3.90 -6.18 -23.61
C GLY B 97 4.85 -7.23 -23.09
N TRP B 98 5.75 -7.65 -23.99
CA TRP B 98 6.77 -8.62 -23.67
C TRP B 98 8.21 -8.28 -24.10
N SER B 99 8.44 -7.00 -24.43
CA SER B 99 9.78 -6.40 -24.57
C SER B 99 9.64 -4.98 -24.10
N SER B 100 10.61 -4.45 -23.37
CA SER B 100 10.46 -3.06 -22.91
C SER B 100 11.74 -2.28 -22.82
N THR B 101 11.59 -0.97 -22.68
CA THR B 101 12.65 -0.09 -22.18
C THR B 101 11.96 1.01 -21.35
N SER B 102 12.77 1.71 -20.55
CA SER B 102 12.30 2.82 -19.75
C SER B 102 13.41 3.77 -19.32
N CYS B 103 13.12 5.06 -19.32
CA CYS B 103 14.05 6.06 -18.77
C CYS B 103 13.36 7.37 -18.44
N HIS B 104 14.01 8.12 -17.55
CA HIS B 104 13.53 9.42 -17.12
C HIS B 104 14.38 10.49 -17.76
N ASP B 105 13.73 11.49 -18.35
CA ASP B 105 14.48 12.62 -18.97
C ASP B 105 14.84 13.81 -18.07
N GLY B 106 14.50 13.68 -16.78
CA GLY B 106 14.75 14.69 -15.77
C GLY B 106 13.44 15.33 -15.36
N MET B 107 12.50 15.29 -16.30
CA MET B 107 11.11 15.79 -16.08
C MET B 107 10.05 14.72 -15.84
N SER B 108 10.05 13.70 -16.72
CA SER B 108 9.10 12.59 -16.74
C SER B 108 9.74 11.34 -17.29
N ARG B 109 9.11 10.19 -17.01
CA ARG B 109 9.53 8.87 -17.47
C ARG B 109 8.89 8.45 -18.79
N MET B 110 9.71 8.15 -19.79
CA MET B 110 9.26 7.44 -20.97
C MET B 110 9.33 5.93 -20.72
N SER B 111 8.27 5.17 -21.04
CA SER B 111 8.22 3.68 -20.98
C SER B 111 7.70 3.07 -22.27
N ILE B 112 8.37 2.04 -22.77
CA ILE B 112 8.03 1.47 -24.07
C ILE B 112 7.83 -0.02 -23.96
N CYS B 113 6.67 -0.51 -24.44
CA CYS B 113 6.37 -1.97 -24.54
C CYS B 113 5.95 -2.35 -25.95
N MET B 114 6.50 -3.48 -26.41
CA MET B 114 6.03 -4.15 -27.61
C MET B 114 5.10 -5.26 -27.18
N SER B 115 4.03 -5.51 -27.96
CA SER B 115 3.13 -6.62 -27.77
C SER B 115 2.56 -7.00 -29.15
N GLY B 116 1.77 -8.05 -29.20
CA GLY B 116 1.18 -8.45 -30.46
C GLY B 116 1.80 -9.77 -30.93
N PRO B 117 1.29 -10.31 -32.04
CA PRO B 117 1.77 -11.61 -32.60
C PRO B 117 3.21 -11.42 -33.19
N ASN B 118 3.97 -12.49 -33.41
CA ASN B 118 5.35 -12.36 -33.91
C ASN B 118 5.46 -11.60 -35.24
N ASN B 119 4.53 -11.90 -36.17
CA ASN B 119 4.48 -11.27 -37.48
C ASN B 119 3.82 -9.88 -37.50
N ASN B 120 3.53 -9.32 -36.33
CA ASN B 120 2.77 -8.02 -36.23
C ASN B 120 2.78 -7.33 -34.87
N ALA B 121 3.89 -7.41 -34.16
CA ALA B 121 4.06 -6.72 -32.91
C ALA B 121 3.97 -5.20 -33.11
N SER B 122 3.76 -4.43 -32.06
CA SER B 122 3.82 -2.97 -32.11
C SER B 122 4.35 -2.44 -30.80
N ALA B 123 5.04 -1.29 -30.86
CA ALA B 123 5.46 -0.52 -29.70
C ALA B 123 4.42 0.53 -29.34
N VAL B 124 4.18 0.73 -28.05
CA VAL B 124 3.39 1.87 -27.59
C VAL B 124 4.39 2.59 -26.69
N VAL B 125 4.55 3.88 -26.95
CA VAL B 125 5.53 4.72 -26.26
C VAL B 125 4.72 5.62 -25.30
N TRP B 126 5.07 5.51 -24.02
CA TRP B 126 4.32 6.15 -22.91
C TRP B 126 5.18 7.32 -22.38
N TYR B 127 4.53 8.45 -22.05
CA TYR B 127 5.33 9.55 -21.46
C TYR B 127 4.52 10.19 -20.35
N GLY B 128 5.18 10.44 -19.22
CA GLY B 128 4.55 11.00 -18.04
C GLY B 128 3.31 10.24 -17.63
N GLY B 129 3.24 8.93 -17.94
CA GLY B 129 2.15 8.04 -17.56
C GLY B 129 1.02 7.93 -18.55
N ARG B 130 1.18 8.54 -19.73
CA ARG B 130 0.16 8.53 -20.81
C ARG B 130 0.73 7.97 -22.14
N PRO B 131 -0.12 7.28 -22.96
CA PRO B 131 0.31 6.81 -24.27
C PRO B 131 0.47 7.91 -25.34
N ILE B 132 1.67 8.02 -25.90
CA ILE B 132 2.00 9.15 -26.80
C ILE B 132 2.09 8.75 -28.28
N THR B 133 2.70 7.60 -28.55
CA THR B 133 3.10 7.17 -29.91
C THR B 133 2.96 5.66 -29.98
N GLU B 134 2.50 5.18 -31.14
CA GLU B 134 2.54 3.79 -31.49
C GLU B 134 3.50 3.63 -32.71
N ILE B 135 4.17 2.47 -32.80
CA ILE B 135 5.11 2.15 -33.89
C ILE B 135 4.77 0.75 -34.37
N PRO B 136 4.26 0.60 -35.63
CA PRO B 136 4.17 -0.72 -36.24
C PRO B 136 5.50 -1.50 -36.44
N SER B 137 5.39 -2.83 -36.46
CA SER B 137 6.52 -3.68 -36.87
C SER B 137 6.99 -3.39 -38.34
N TRP B 138 8.30 -3.18 -38.56
CA TRP B 138 8.78 -2.89 -39.93
C TRP B 138 9.23 -4.13 -40.69
N ALA B 139 9.46 -5.23 -39.99
CA ALA B 139 9.98 -6.45 -40.66
C ALA B 139 9.18 -7.73 -40.37
N GLY B 140 7.98 -7.55 -39.77
CA GLY B 140 7.13 -8.65 -39.33
C GLY B 140 7.83 -9.80 -38.62
N ASN B 141 8.77 -9.49 -37.72
CA ASN B 141 9.45 -10.57 -36.93
C ASN B 141 9.88 -10.16 -35.53
N ILE B 142 8.89 -10.07 -34.62
CA ILE B 142 9.13 -9.83 -33.17
C ILE B 142 9.92 -8.53 -32.93
N LEU B 143 9.32 -7.42 -33.35
CA LEU B 143 9.74 -6.09 -32.90
C LEU B 143 10.00 -6.15 -31.38
N ARG B 144 11.19 -5.67 -30.99
CA ARG B 144 11.74 -5.88 -29.67
C ARG B 144 12.79 -4.83 -29.43
N THR B 145 13.13 -4.66 -28.15
CA THR B 145 14.01 -3.58 -27.74
C THR B 145 14.94 -4.02 -26.58
N GLN B 146 15.31 -3.05 -25.74
CA GLN B 146 16.50 -3.11 -24.90
C GLN B 146 16.46 -4.11 -23.74
N GLU B 147 15.32 -4.17 -23.03
CA GLU B 147 15.16 -4.90 -21.78
C GLU B 147 16.01 -4.37 -20.60
N SER B 148 16.54 -3.16 -20.71
CA SER B 148 17.10 -2.39 -19.59
C SER B 148 16.84 -0.87 -19.94
N GLU B 149 17.34 0.05 -19.11
CA GLU B 149 16.98 1.45 -19.26
C GLU B 149 17.58 2.18 -20.47
N CYS B 150 16.83 3.13 -21.02
CA CYS B 150 17.35 4.04 -22.04
C CYS B 150 18.02 5.20 -21.32
N VAL B 151 18.46 6.24 -22.06
CA VAL B 151 19.24 7.29 -21.47
C VAL B 151 18.86 8.55 -22.23
N CYS B 152 18.71 9.66 -21.53
CA CYS B 152 18.27 10.92 -22.12
C CYS B 152 19.28 12.00 -21.90
N HIS B 153 19.30 12.97 -22.85
CA HIS B 153 20.17 14.15 -22.80
C HIS B 153 19.42 15.34 -23.39
N LYS B 154 19.22 16.42 -22.62
CA LYS B 154 18.49 17.62 -23.10
C LYS B 154 17.10 17.25 -23.69
N GLY B 155 16.47 16.22 -23.14
CA GLY B 155 15.12 15.83 -23.58
C GLY B 155 15.07 14.78 -24.67
N VAL B 156 16.23 14.40 -25.21
CA VAL B 156 16.31 13.41 -26.28
C VAL B 156 16.75 12.06 -25.70
N CYS B 157 15.90 11.07 -25.87
CA CYS B 157 16.17 9.76 -25.35
C CYS B 157 16.26 8.80 -26.51
N PRO B 158 17.49 8.40 -26.96
CA PRO B 158 17.57 7.28 -27.93
C PRO B 158 17.20 5.91 -27.41
N VAL B 159 16.51 5.16 -28.25
CA VAL B 159 16.14 3.77 -28.00
C VAL B 159 16.54 2.92 -29.18
N VAL B 160 17.19 1.81 -28.88
CA VAL B 160 17.59 0.83 -29.91
C VAL B 160 16.56 -0.31 -29.93
N MET B 161 16.10 -0.64 -31.13
CA MET B 161 15.02 -1.57 -31.46
C MET B 161 15.46 -2.40 -32.67
N THR B 162 14.89 -3.61 -32.79
CA THR B 162 15.25 -4.61 -33.81
C THR B 162 14.01 -5.38 -34.15
N ASP B 163 13.88 -5.70 -35.43
CA ASP B 163 12.81 -6.45 -35.98
C ASP B 163 13.48 -7.29 -37.02
N GLY B 164 13.26 -8.58 -36.97
CA GLY B 164 13.82 -9.47 -37.96
C GLY B 164 14.32 -10.69 -37.23
N PRO B 165 14.89 -11.66 -37.99
CA PRO B 165 15.43 -12.93 -37.45
C PRO B 165 16.36 -12.79 -36.23
N ALA B 166 16.27 -13.80 -35.35
CA ALA B 166 17.16 -13.97 -34.19
C ALA B 166 18.47 -14.66 -34.58
N ASN B 167 18.41 -15.46 -35.66
CA ASN B 167 19.52 -16.25 -36.17
C ASN B 167 19.94 -15.81 -37.60
N ASN B 168 19.81 -14.52 -37.90
CA ASN B 168 20.20 -13.99 -39.21
C ASN B 168 20.23 -12.49 -39.15
N ARG B 169 20.76 -11.86 -40.19
CA ARG B 169 20.67 -10.41 -40.43
C ARG B 169 19.26 -9.86 -40.02
N ALA B 170 19.21 -8.77 -39.25
CA ALA B 170 17.93 -8.23 -38.82
C ALA B 170 17.95 -6.78 -39.10
N ALA B 171 16.86 -6.09 -38.77
CA ALA B 171 16.68 -4.68 -39.08
C ALA B 171 16.60 -3.89 -37.77
N THR B 172 17.73 -3.27 -37.43
CA THR B 172 17.85 -2.36 -36.28
C THR B 172 17.71 -0.87 -36.61
N LYS B 173 17.00 -0.17 -35.73
CA LYS B 173 16.83 1.30 -35.74
C LYS B 173 17.17 2.01 -34.45
N ILE B 174 17.83 3.15 -34.54
CA ILE B 174 17.87 4.04 -33.41
C ILE B 174 16.72 5.03 -33.56
N ILE B 175 15.83 5.04 -32.56
CA ILE B 175 14.76 6.02 -32.49
C ILE B 175 15.08 7.00 -31.34
N TYR B 176 15.06 8.30 -31.69
CA TYR B 176 15.29 9.43 -30.81
C TYR B 176 13.94 10.06 -30.43
N PHE B 177 13.62 10.02 -29.12
CA PHE B 177 12.33 10.39 -28.53
C PHE B 177 12.56 11.60 -27.71
N LYS B 178 11.62 12.54 -27.73
CA LYS B 178 11.59 13.68 -26.84
C LYS B 178 10.14 13.79 -26.43
N GLU B 179 9.85 13.58 -25.14
CA GLU B 179 8.48 13.59 -24.61
C GLU B 179 7.58 12.59 -25.28
N GLY B 180 8.14 11.42 -25.62
CA GLY B 180 7.41 10.30 -26.25
C GLY B 180 7.16 10.44 -27.76
N LYS B 181 7.72 11.49 -28.38
CA LYS B 181 7.44 11.78 -29.78
C LYS B 181 8.72 11.50 -30.58
N ILE B 182 8.61 10.89 -31.77
CA ILE B 182 9.78 10.59 -32.62
C ILE B 182 10.37 11.90 -33.19
N GLN B 183 11.66 12.12 -32.91
CA GLN B 183 12.40 13.28 -33.48
C GLN B 183 13.16 12.85 -34.74
N LYS B 184 13.59 11.57 -34.73
CA LYS B 184 14.44 10.99 -35.76
C LYS B 184 14.46 9.47 -35.64
N ILE B 185 14.58 8.80 -36.78
CA ILE B 185 14.77 7.35 -36.84
C ILE B 185 16.02 7.14 -37.71
N GLU B 186 17.00 6.40 -37.21
CA GLU B 186 18.13 5.93 -38.08
C GLU B 186 18.16 4.43 -38.21
N GLU B 187 18.63 3.97 -39.37
CA GLU B 187 18.95 2.56 -39.56
C GLU B 187 20.32 2.38 -39.00
N LEU B 188 20.54 1.18 -38.43
CA LEU B 188 21.82 0.81 -37.89
C LEU B 188 22.83 0.86 -39.02
N ALA B 189 23.97 1.48 -38.72
CA ALA B 189 25.12 1.66 -39.65
C ALA B 189 26.37 1.30 -38.85
N GLY B 190 27.46 0.90 -39.51
CA GLY B 190 28.68 0.45 -38.80
C GLY B 190 28.91 -1.05 -38.98
N ASN B 191 29.76 -1.63 -38.11
CA ASN B 191 30.25 -3.00 -38.25
C ASN B 191 29.57 -4.06 -37.41
N ALA B 192 28.68 -3.66 -36.49
CA ALA B 192 27.85 -4.62 -35.73
C ALA B 192 26.94 -5.39 -36.73
N GLN B 193 26.96 -6.71 -36.74
CA GLN B 193 26.23 -7.52 -37.76
C GLN B 193 24.86 -7.90 -37.29
N HIS B 194 24.66 -7.91 -35.96
CA HIS B 194 23.39 -8.23 -35.33
C HIS B 194 23.28 -7.49 -33.99
N ILE B 195 22.07 -7.01 -33.70
CA ILE B 195 21.85 -6.17 -32.53
C ILE B 195 20.56 -6.49 -31.78
N GLU B 196 20.75 -6.85 -30.51
CA GLU B 196 19.65 -7.07 -29.55
C GLU B 196 19.98 -6.50 -28.16
N GLU B 197 18.93 -6.14 -27.43
CA GLU B 197 18.97 -6.11 -25.94
C GLU B 197 20.12 -5.25 -25.41
N CYS B 198 20.23 -4.00 -25.94
CA CYS B 198 21.33 -3.10 -25.67
C CYS B 198 21.29 -2.59 -24.24
N SER B 199 22.42 -2.62 -23.52
CA SER B 199 22.53 -1.98 -22.19
C SER B 199 23.26 -0.67 -22.33
N CYS B 200 22.57 0.46 -22.08
CA CYS B 200 23.14 1.81 -22.33
C CYS B 200 23.42 2.73 -21.11
N TYR B 201 24.42 3.59 -21.24
CA TYR B 201 24.68 4.64 -20.26
C TYR B 201 25.35 5.84 -20.95
N GLY B 202 25.25 7.00 -20.33
CA GLY B 202 25.90 8.21 -20.84
C GLY B 202 26.92 8.82 -19.88
N ALA B 203 27.84 9.60 -20.45
CA ALA B 203 28.90 10.31 -19.73
C ALA B 203 29.55 11.22 -20.78
N GLY B 204 29.91 12.45 -20.39
CA GLY B 204 30.49 13.44 -21.34
C GLY B 204 29.79 13.53 -22.68
N GLY B 205 28.46 13.50 -22.66
CA GLY B 205 27.63 13.81 -23.78
C GLY B 205 27.59 12.71 -24.81
N VAL B 206 28.11 11.56 -24.45
CA VAL B 206 28.11 10.39 -25.32
C VAL B 206 27.35 9.26 -24.60
N ILE B 207 26.43 8.61 -25.35
CA ILE B 207 25.77 7.40 -24.93
C ILE B 207 26.44 6.16 -25.60
N LYS B 208 26.85 5.21 -24.78
CA LYS B 208 27.34 3.94 -25.25
C LYS B 208 26.39 2.80 -24.94
N CYS B 209 26.08 2.02 -25.97
CA CYS B 209 25.20 0.85 -25.84
C CYS B 209 25.99 -0.43 -26.17
N ILE B 210 25.99 -1.37 -25.23
CA ILE B 210 26.69 -2.61 -25.31
C ILE B 210 25.61 -3.68 -25.42
N CYS B 211 25.66 -4.48 -26.48
CA CYS B 211 24.50 -5.19 -26.94
C CYS B 211 24.81 -6.67 -27.08
N ARG B 212 23.84 -7.40 -27.61
CA ARG B 212 23.91 -8.82 -27.81
C ARG B 212 23.81 -9.14 -29.32
N ASP B 213 24.82 -9.81 -29.85
CA ASP B 213 24.80 -10.29 -31.25
C ASP B 213 24.36 -11.70 -31.09
N ASN B 214 23.10 -11.98 -31.45
CA ASN B 214 22.54 -13.33 -31.27
C ASN B 214 22.88 -14.19 -32.50
N TRP B 215 23.43 -13.57 -33.54
CA TRP B 215 23.67 -14.22 -34.84
C TRP B 215 25.05 -14.93 -34.89
N LYS B 216 26.10 -14.15 -34.63
CA LYS B 216 27.50 -14.63 -34.80
C LYS B 216 28.39 -14.45 -33.54
N GLY B 217 28.53 -13.19 -33.08
CA GLY B 217 29.58 -12.79 -32.11
C GLY B 217 29.41 -13.29 -30.71
N ALA B 218 30.48 -13.83 -30.11
CA ALA B 218 30.55 -14.07 -28.67
C ALA B 218 31.22 -12.84 -28.07
N ASN B 219 31.70 -11.97 -28.95
CA ASN B 219 32.01 -10.58 -28.53
C ASN B 219 30.74 -9.73 -28.59
N ARG B 220 30.66 -8.65 -27.80
CA ARG B 220 29.41 -7.85 -27.73
C ARG B 220 29.55 -6.67 -28.64
N PRO B 221 28.53 -6.39 -29.48
CA PRO B 221 28.55 -5.15 -30.26
C PRO B 221 28.43 -3.91 -29.39
N VAL B 222 29.01 -2.81 -29.87
CA VAL B 222 28.98 -1.52 -29.15
C VAL B 222 28.52 -0.43 -30.11
N ILE B 223 27.39 0.20 -29.78
CA ILE B 223 26.85 1.34 -30.50
C ILE B 223 27.17 2.62 -29.69
N THR B 224 27.72 3.63 -30.38
CA THR B 224 28.05 4.93 -29.73
C THR B 224 27.16 6.02 -30.31
N ILE B 225 26.42 6.71 -29.43
CA ILE B 225 25.35 7.64 -29.85
C ILE B 225 25.65 9.07 -29.39
N ASP B 226 25.61 10.03 -30.33
CA ASP B 226 25.63 11.43 -30.01
C ASP B 226 24.19 11.93 -30.10
N PRO B 227 23.53 12.17 -28.93
CA PRO B 227 22.13 12.58 -28.77
C PRO B 227 21.82 14.04 -29.11
N GLU B 228 22.83 14.88 -29.27
CA GLU B 228 22.60 16.23 -29.81
C GLU B 228 22.50 16.13 -31.33
N MET B 229 23.56 15.63 -31.95
CA MET B 229 23.59 15.43 -33.38
C MET B 229 22.54 14.46 -33.84
N MET B 230 22.21 13.52 -32.93
CA MET B 230 21.29 12.38 -33.16
C MET B 230 21.87 11.51 -34.25
N THR B 231 23.15 11.15 -34.07
CA THR B 231 23.86 10.20 -34.94
C THR B 231 24.54 9.09 -34.12
N HIS B 232 24.97 8.03 -34.78
CA HIS B 232 25.67 6.92 -34.12
C HIS B 232 26.79 6.30 -34.97
N THR B 233 27.57 5.42 -34.36
CA THR B 233 28.40 4.43 -35.08
C THR B 233 28.18 3.07 -34.38
N SER B 234 28.66 2.00 -35.00
CA SER B 234 28.64 0.66 -34.38
C SER B 234 29.86 -0.15 -34.77
N LYS B 235 30.34 -0.94 -33.81
CA LYS B 235 31.42 -1.91 -34.06
C LYS B 235 31.31 -2.94 -32.93
N TYR B 236 32.40 -3.65 -32.63
CA TYR B 236 32.43 -4.65 -31.57
C TYR B 236 33.38 -4.20 -30.52
N LEU B 237 33.18 -4.68 -29.28
CA LEU B 237 34.17 -4.53 -28.18
C LEU B 237 35.45 -5.18 -28.66
N CYS B 238 36.56 -4.46 -28.58
CA CYS B 238 37.86 -4.98 -29.09
C CYS B 238 38.46 -6.13 -28.27
N SER B 239 38.23 -6.16 -26.97
CA SER B 239 38.98 -7.06 -26.06
C SER B 239 38.85 -8.50 -26.48
N LYS B 240 39.93 -9.31 -26.29
CA LYS B 240 39.92 -10.79 -26.43
C LYS B 240 39.05 -11.48 -25.38
N VAL B 241 38.77 -10.74 -24.29
CA VAL B 241 37.78 -11.13 -23.25
C VAL B 241 36.34 -11.07 -23.74
N LEU B 242 35.86 -12.21 -24.23
CA LEU B 242 34.50 -12.36 -24.71
C LEU B 242 33.47 -12.43 -23.54
N THR B 243 32.35 -11.69 -23.68
CA THR B 243 31.40 -11.53 -22.58
C THR B 243 29.96 -11.96 -22.91
N ASP B 244 29.73 -12.53 -24.09
CA ASP B 244 28.42 -13.07 -24.37
C ASP B 244 28.38 -14.49 -23.82
N THR B 245 27.18 -15.07 -23.81
CA THR B 245 27.07 -16.41 -23.33
C THR B 245 26.52 -17.35 -24.35
N SER B 246 27.19 -18.49 -24.20
CA SER B 246 27.68 -19.41 -25.12
C SER B 246 28.71 -18.64 -25.88
N ARG B 247 29.93 -18.79 -25.39
CA ARG B 247 31.10 -18.25 -26.03
C ARG B 247 32.15 -19.41 -26.04
N PRO B 248 33.16 -19.25 -26.91
CA PRO B 248 34.33 -20.13 -26.90
C PRO B 248 35.30 -19.61 -25.85
N ASN B 249 36.47 -20.23 -25.73
CA ASN B 249 37.53 -19.69 -24.93
C ASN B 249 37.98 -18.37 -25.50
N ASP B 250 38.43 -17.47 -24.64
CA ASP B 250 38.98 -16.23 -25.11
C ASP B 250 40.15 -16.52 -26.09
N PRO B 251 40.10 -15.94 -27.31
CA PRO B 251 41.25 -16.07 -28.21
C PRO B 251 42.43 -15.21 -27.74
N THR B 252 43.54 -15.28 -28.48
CA THR B 252 44.74 -14.43 -28.30
C THR B 252 44.46 -12.94 -28.57
N ASN B 253 43.57 -12.64 -29.52
CA ASN B 253 43.16 -11.26 -29.85
C ASN B 253 41.68 -11.25 -30.04
N GLY B 254 41.04 -10.16 -29.69
CA GLY B 254 39.61 -10.02 -30.03
C GLY B 254 39.53 -9.43 -31.42
N ASN B 255 38.34 -8.99 -31.82
CA ASN B 255 38.18 -8.17 -33.05
C ASN B 255 37.27 -6.96 -32.86
N CYS B 256 37.78 -5.76 -33.08
CA CYS B 256 36.99 -4.52 -33.03
C CYS B 256 35.86 -4.40 -34.04
N ASP B 257 36.03 -5.00 -35.21
CA ASP B 257 35.17 -4.70 -36.36
C ASP B 257 34.46 -5.89 -36.96
N ALA B 258 34.48 -7.01 -36.26
CA ALA B 258 33.88 -8.21 -36.82
C ALA B 258 33.65 -9.17 -35.66
N PRO B 259 32.62 -10.07 -35.74
CA PRO B 259 32.34 -11.00 -34.62
C PRO B 259 33.42 -12.07 -34.42
N ILE B 260 33.76 -12.33 -33.16
CA ILE B 260 34.47 -13.56 -32.78
C ILE B 260 33.40 -14.64 -32.51
N THR B 261 33.29 -15.68 -33.37
CA THR B 261 32.21 -16.67 -33.27
C THR B 261 32.59 -17.91 -32.50
N GLY B 262 31.62 -18.74 -32.19
CA GLY B 262 31.92 -19.98 -31.49
C GLY B 262 31.04 -20.20 -30.29
N GLY B 263 31.21 -21.36 -29.66
CA GLY B 263 30.57 -21.64 -28.35
C GLY B 263 29.28 -22.40 -28.50
N SER B 264 28.81 -22.97 -27.40
CA SER B 264 27.71 -23.94 -27.49
C SER B 264 27.01 -24.11 -26.12
N PRO B 265 25.68 -24.34 -26.09
CA PRO B 265 24.66 -24.46 -27.15
C PRO B 265 23.85 -23.19 -27.50
N ASP B 266 24.04 -22.10 -26.76
CA ASP B 266 23.12 -20.94 -26.84
C ASP B 266 23.75 -19.79 -27.57
N PRO B 267 22.97 -19.09 -28.43
CA PRO B 267 23.45 -17.95 -29.22
C PRO B 267 23.77 -16.64 -28.47
N GLY B 268 23.24 -16.44 -27.26
CA GLY B 268 23.33 -15.08 -26.65
C GLY B 268 22.63 -14.90 -25.31
N VAL B 269 23.07 -13.86 -24.59
CA VAL B 269 22.42 -13.31 -23.41
C VAL B 269 22.66 -11.81 -23.34
N LYS B 270 21.70 -11.09 -22.79
CA LYS B 270 21.84 -9.66 -22.57
C LYS B 270 22.94 -9.48 -21.58
N GLY B 271 23.81 -8.49 -21.84
CA GLY B 271 24.91 -8.18 -20.94
C GLY B 271 25.21 -6.71 -21.11
N PHE B 272 26.36 -6.29 -20.60
CA PHE B 272 26.72 -4.86 -20.51
C PHE B 272 28.21 -4.74 -20.27
N ALA B 273 28.71 -3.51 -20.42
CA ALA B 273 30.05 -3.12 -20.04
C ALA B 273 30.04 -1.63 -19.82
N PHE B 274 30.94 -1.20 -18.93
CA PHE B 274 31.34 0.21 -18.84
C PHE B 274 32.72 0.44 -19.48
N LEU B 275 32.80 1.44 -20.38
CA LEU B 275 33.96 1.65 -21.24
C LEU B 275 34.49 3.07 -21.13
N ASP B 276 35.63 3.21 -20.49
CA ASP B 276 36.17 4.55 -20.22
C ASP B 276 37.67 4.44 -20.09
N GLY B 277 38.34 4.15 -21.21
CA GLY B 277 39.79 3.87 -21.22
C GLY B 277 40.23 2.85 -20.19
N GLU B 278 41.14 3.31 -19.32
CA GLU B 278 41.68 2.54 -18.19
C GLU B 278 40.60 2.00 -17.25
N ASN B 279 39.63 2.86 -16.96
CA ASN B 279 38.50 2.59 -16.08
C ASN B 279 37.35 1.87 -16.82
N SER B 280 37.64 0.71 -17.42
CA SER B 280 36.67 -0.05 -18.21
C SER B 280 36.40 -1.38 -17.48
N TRP B 281 35.13 -1.79 -17.39
CA TRP B 281 34.75 -3.06 -16.71
C TRP B 281 33.78 -3.90 -17.58
N LEU B 282 34.00 -5.19 -17.60
CA LEU B 282 33.17 -6.07 -18.37
C LEU B 282 32.52 -7.07 -17.40
N GLY B 283 31.21 -7.22 -17.49
CA GLY B 283 30.51 -8.35 -16.86
C GLY B 283 30.36 -9.53 -17.82
N ARG B 284 30.40 -10.73 -17.26
CA ARG B 284 29.97 -11.89 -18.01
C ARG B 284 29.60 -12.96 -17.01
N THR B 285 28.84 -13.97 -17.45
CA THR B 285 28.54 -15.16 -16.67
C THR B 285 29.87 -15.90 -16.49
N ILE B 286 30.00 -16.70 -15.45
CA ILE B 286 31.31 -17.37 -15.28
C ILE B 286 31.41 -18.56 -16.26
N SER B 287 30.37 -19.39 -16.33
CA SER B 287 30.33 -20.46 -17.32
C SER B 287 30.33 -19.82 -18.71
N LYS B 288 31.22 -20.28 -19.57
CA LYS B 288 31.19 -19.89 -20.99
C LYS B 288 30.01 -20.55 -21.77
N ASP B 289 29.45 -21.66 -21.25
CA ASP B 289 28.31 -22.39 -21.87
C ASP B 289 26.91 -21.99 -21.41
N SER B 290 26.72 -21.91 -20.09
CA SER B 290 25.41 -21.63 -19.52
C SER B 290 25.32 -20.40 -18.65
N ARG B 291 24.09 -20.00 -18.33
CA ARG B 291 23.88 -18.78 -17.57
C ARG B 291 24.10 -19.03 -16.05
N SER B 292 25.35 -19.23 -15.67
CA SER B 292 25.66 -19.42 -14.28
C SER B 292 26.87 -18.63 -13.85
N GLY B 293 26.85 -18.19 -12.59
CA GLY B 293 27.89 -17.34 -12.06
C GLY B 293 27.76 -15.98 -12.66
N TYR B 294 28.45 -15.02 -12.05
CA TYR B 294 28.59 -13.72 -12.62
C TYR B 294 29.91 -13.12 -12.16
N GLU B 295 30.65 -12.52 -13.10
CA GLU B 295 31.91 -11.89 -12.74
C GLU B 295 32.07 -10.51 -13.40
N MET B 296 32.83 -9.66 -12.70
CA MET B 296 33.18 -8.33 -13.16
C MET B 296 34.68 -8.29 -13.35
N LEU B 297 35.10 -7.86 -14.54
CA LEU B 297 36.50 -7.84 -14.93
C LEU B 297 36.90 -6.43 -15.31
N LYS B 298 37.92 -5.91 -14.62
CA LYS B 298 38.50 -4.57 -14.97
C LYS B 298 39.42 -4.80 -16.15
N VAL B 299 39.03 -4.35 -17.33
CA VAL B 299 39.80 -4.67 -18.53
C VAL B 299 40.21 -3.35 -19.21
N PRO B 300 41.38 -2.82 -18.82
CA PRO B 300 41.86 -1.57 -19.32
C PRO B 300 41.85 -1.50 -20.86
N ASN B 301 41.28 -0.41 -21.37
CA ASN B 301 41.13 -0.16 -22.82
C ASN B 301 40.38 -1.23 -23.62
N ALA B 302 39.40 -1.90 -22.98
CA ALA B 302 38.60 -2.93 -23.64
C ALA B 302 38.03 -2.46 -24.97
N GLU B 303 37.73 -1.18 -25.08
CA GLU B 303 37.02 -0.68 -26.26
C GLU B 303 37.96 -0.39 -27.43
N THR B 304 39.27 -0.44 -27.20
CA THR B 304 40.22 -0.01 -28.24
C THR B 304 41.33 -1.06 -28.50
N ASP B 305 41.55 -1.92 -27.53
CA ASP B 305 42.69 -2.83 -27.52
C ASP B 305 42.30 -4.29 -27.71
N ILE B 306 42.66 -4.86 -28.85
CA ILE B 306 42.41 -6.29 -29.11
C ILE B 306 43.20 -7.21 -28.16
N GLN B 307 44.21 -6.72 -27.46
CA GLN B 307 44.94 -7.63 -26.56
C GLN B 307 44.56 -7.52 -25.07
N SER B 308 43.63 -6.64 -24.76
CA SER B 308 43.30 -6.26 -23.38
C SER B 308 42.69 -7.41 -22.61
N GLY B 309 43.21 -7.63 -21.41
CA GLY B 309 42.80 -8.70 -20.50
C GLY B 309 42.55 -8.17 -19.08
N PRO B 310 41.98 -9.02 -18.19
CA PRO B 310 41.61 -8.53 -16.86
C PRO B 310 42.80 -8.21 -15.98
N ILE B 311 42.79 -7.04 -15.30
CA ILE B 311 43.78 -6.73 -14.22
C ILE B 311 43.21 -6.89 -12.80
N SER B 312 41.87 -6.98 -12.69
CA SER B 312 41.12 -7.45 -11.47
C SER B 312 39.75 -8.05 -11.78
N ASN B 313 39.26 -8.90 -10.86
CA ASN B 313 37.96 -9.61 -10.97
C ASN B 313 37.19 -9.62 -9.62
N GLN B 314 35.90 -9.32 -9.69
CA GLN B 314 35.02 -9.53 -8.56
C GLN B 314 33.96 -10.55 -8.91
N VAL B 315 33.89 -11.62 -8.11
CA VAL B 315 32.81 -12.55 -8.26
C VAL B 315 31.50 -11.92 -7.71
N ILE B 316 30.50 -11.80 -8.57
CA ILE B 316 29.20 -11.31 -8.15
C ILE B 316 28.23 -12.45 -7.71
N VAL B 317 28.16 -13.53 -8.49
CA VAL B 317 27.35 -14.72 -8.20
C VAL B 317 28.32 -15.84 -8.42
N ASN B 318 28.44 -16.74 -7.46
CA ASN B 318 29.35 -17.89 -7.64
C ASN B 318 28.88 -18.85 -8.75
N ASN B 319 29.83 -19.56 -9.40
CA ASN B 319 29.46 -20.38 -10.59
C ASN B 319 28.65 -21.59 -10.20
N GLN B 320 28.43 -21.79 -8.91
CA GLN B 320 27.48 -22.81 -8.42
C GLN B 320 26.06 -22.29 -8.41
N ASN B 321 25.85 -21.04 -8.84
CA ASN B 321 24.50 -20.47 -8.84
C ASN B 321 24.05 -19.94 -10.20
N TRP B 322 22.73 -19.96 -10.44
CA TRP B 322 22.13 -19.41 -11.68
C TRP B 322 22.13 -17.89 -11.72
N SER B 323 22.53 -17.32 -12.88
CA SER B 323 22.38 -15.89 -13.14
C SER B 323 21.37 -15.73 -14.28
N GLY B 324 21.72 -14.99 -15.35
CA GLY B 324 20.75 -14.60 -16.39
C GLY B 324 21.18 -13.29 -17.05
N TYR B 325 20.22 -12.44 -17.46
CA TYR B 325 20.51 -11.11 -18.02
C TYR B 325 21.25 -10.15 -17.09
N SER B 326 22.03 -9.21 -17.66
CA SER B 326 22.68 -8.15 -16.89
C SER B 326 22.54 -6.84 -17.72
N GLY B 327 22.56 -5.68 -17.06
CA GLY B 327 22.33 -4.44 -17.77
C GLY B 327 22.84 -3.30 -16.95
N ALA B 328 23.09 -2.21 -17.63
CA ALA B 328 23.66 -1.01 -17.05
C ALA B 328 22.58 -0.08 -16.57
N PHE B 329 22.84 0.66 -15.49
CA PHE B 329 22.04 1.88 -15.15
C PHE B 329 22.96 2.79 -14.36
N ILE B 330 22.66 4.11 -14.38
CA ILE B 330 23.29 5.07 -13.48
C ILE B 330 22.22 5.92 -12.76
N ASP B 331 22.48 6.24 -11.49
CA ASP B 331 21.72 7.30 -10.80
C ASP B 331 22.25 8.65 -11.25
N TYR B 332 21.82 9.13 -12.42
CA TYR B 332 22.27 10.43 -12.97
C TYR B 332 21.95 11.65 -12.07
N TRP B 333 21.06 11.46 -11.10
CA TRP B 333 20.70 12.54 -10.18
C TRP B 333 21.40 12.51 -8.83
N ALA B 334 22.43 11.66 -8.68
CA ALA B 334 23.31 11.62 -7.51
C ALA B 334 23.94 12.99 -7.25
N ASN B 335 24.19 13.31 -5.98
CA ASN B 335 24.90 14.53 -5.60
C ASN B 335 26.40 14.26 -5.73
N LYS B 336 26.90 14.21 -6.96
CA LYS B 336 28.26 13.72 -7.23
C LYS B 336 28.80 14.49 -8.40
N GLU B 337 30.14 14.57 -8.51
CA GLU B 337 30.73 15.31 -9.62
C GLU B 337 30.92 14.38 -10.83
N CYS B 338 30.58 13.11 -10.64
CA CYS B 338 30.69 12.06 -11.67
C CYS B 338 29.45 11.19 -11.65
N PHE B 339 29.21 10.53 -12.78
CA PHE B 339 28.14 9.51 -12.89
C PHE B 339 28.74 8.17 -12.50
N ASN B 340 28.24 7.61 -11.41
CA ASN B 340 28.77 6.33 -10.95
C ASN B 340 28.12 5.09 -11.60
N PRO B 341 28.92 4.23 -12.31
CA PRO B 341 28.32 3.04 -12.91
C PRO B 341 27.54 2.13 -11.89
N CYS B 342 26.42 1.56 -12.34
CA CYS B 342 25.70 0.48 -11.61
C CYS B 342 25.23 -0.55 -12.61
N PHE B 343 24.94 -1.74 -12.08
CA PHE B 343 24.42 -2.81 -12.87
C PHE B 343 23.59 -3.70 -11.98
N TYR B 344 22.74 -4.47 -12.65
CA TYR B 344 21.96 -5.56 -12.08
C TYR B 344 22.29 -6.93 -12.75
N VAL B 345 22.05 -8.01 -12.01
CA VAL B 345 22.07 -9.38 -12.58
C VAL B 345 20.71 -9.97 -12.20
N GLU B 346 20.07 -10.61 -13.20
CA GLU B 346 18.81 -11.32 -13.06
C GLU B 346 19.17 -12.75 -12.65
N LEU B 347 18.60 -13.21 -11.52
CA LEU B 347 18.88 -14.51 -10.93
C LEU B 347 17.71 -15.38 -11.34
N ILE B 348 17.86 -16.08 -12.49
CA ILE B 348 16.80 -16.98 -13.00
C ILE B 348 16.69 -18.30 -12.25
N ARG B 349 15.49 -18.59 -11.78
CA ARG B 349 15.14 -19.85 -11.09
C ARG B 349 14.04 -20.58 -11.89
N GLY B 350 13.92 -21.89 -11.70
CA GLY B 350 13.05 -22.74 -12.50
C GLY B 350 13.63 -23.11 -13.86
N ARG B 351 12.75 -23.19 -14.84
CA ARG B 351 13.05 -23.78 -16.15
C ARG B 351 13.88 -22.86 -17.04
N PRO B 352 14.60 -23.47 -18.00
CA PRO B 352 14.70 -24.95 -18.18
C PRO B 352 15.74 -25.61 -17.27
N LYS B 353 16.60 -24.79 -16.67
CA LYS B 353 17.68 -25.27 -15.81
C LYS B 353 17.24 -26.07 -14.59
N GLU B 354 16.11 -25.67 -13.97
CA GLU B 354 15.50 -26.44 -12.83
C GLU B 354 14.08 -26.94 -13.18
N SER B 355 13.99 -28.20 -13.60
CA SER B 355 12.78 -28.70 -14.25
C SER B 355 11.91 -29.45 -13.30
N SER B 356 12.31 -29.47 -12.03
CA SER B 356 11.50 -30.03 -10.95
C SER B 356 10.32 -29.06 -10.58
N VAL B 357 10.30 -27.89 -11.22
CA VAL B 357 9.24 -26.87 -11.04
C VAL B 357 8.63 -26.61 -12.38
N LEU B 358 7.39 -26.11 -12.40
CA LEU B 358 6.70 -25.87 -13.68
C LEU B 358 6.88 -24.45 -14.26
N TRP B 359 7.50 -23.59 -13.49
CA TRP B 359 7.59 -22.18 -13.79
C TRP B 359 9.02 -21.76 -14.09
N THR B 360 9.17 -20.58 -14.67
CA THR B 360 10.43 -19.85 -14.73
C THR B 360 10.19 -18.44 -14.17
N SER B 361 11.13 -17.98 -13.35
CA SER B 361 11.07 -16.61 -12.83
C SER B 361 12.47 -16.18 -12.43
N ASN B 362 12.58 -15.10 -11.68
CA ASN B 362 13.89 -14.49 -11.33
C ASN B 362 13.84 -13.59 -10.07
N SER B 363 15.00 -13.23 -9.53
CA SER B 363 15.10 -12.13 -8.59
C SER B 363 16.18 -11.17 -9.06
N ILE B 364 16.43 -10.11 -8.32
CA ILE B 364 17.39 -9.09 -8.73
C ILE B 364 18.48 -8.81 -7.69
N VAL B 365 19.76 -8.76 -8.11
CA VAL B 365 20.76 -8.08 -7.33
C VAL B 365 21.31 -6.85 -8.10
N ALA B 366 21.69 -5.81 -7.38
CA ALA B 366 22.17 -4.62 -8.05
C ALA B 366 23.35 -4.09 -7.25
N LEU B 367 24.35 -3.57 -7.99
CA LEU B 367 25.61 -3.11 -7.39
C LEU B 367 26.04 -1.88 -8.10
N CYS B 368 26.75 -1.00 -7.38
CA CYS B 368 27.36 0.16 -8.00
C CYS B 368 28.88 0.23 -7.69
N GLY B 369 29.58 1.09 -8.40
CA GLY B 369 31.01 1.21 -8.27
C GLY B 369 31.46 1.95 -7.02
N SER B 370 32.68 1.64 -6.62
CA SER B 370 33.31 2.19 -5.47
C SER B 370 34.76 2.50 -5.84
N LYS B 371 35.30 3.61 -5.34
CA LYS B 371 36.71 3.94 -5.54
C LYS B 371 37.61 3.08 -4.63
N LYS B 372 37.02 2.49 -3.60
CA LYS B 372 37.76 1.74 -2.57
C LYS B 372 37.96 0.31 -3.04
N ARG B 373 38.75 -0.47 -2.30
CA ARG B 373 38.88 -1.92 -2.58
C ARG B 373 38.05 -2.69 -1.58
N LEU B 374 36.86 -3.09 -2.00
CA LEU B 374 35.87 -3.59 -1.08
C LEU B 374 35.99 -5.11 -1.10
N GLY B 375 35.74 -5.82 0.01
CA GLY B 375 35.69 -7.29 -0.02
C GLY B 375 34.41 -7.70 -0.72
N SER B 376 34.23 -8.96 -1.06
CA SER B 376 32.96 -9.31 -1.62
C SER B 376 32.48 -10.69 -1.27
N TRP B 377 31.25 -10.99 -1.70
CA TRP B 377 30.74 -12.35 -1.63
C TRP B 377 29.65 -12.54 -2.70
N SER B 378 29.30 -13.80 -2.92
CA SER B 378 28.24 -14.19 -3.85
C SER B 378 26.84 -13.72 -3.39
N TRP B 379 26.11 -13.14 -4.35
CA TRP B 379 24.80 -12.59 -4.13
C TRP B 379 23.77 -13.36 -4.91
N HIS B 380 23.80 -14.67 -4.70
CA HIS B 380 22.96 -15.64 -5.44
C HIS B 380 21.56 -15.44 -4.97
N ASP B 381 20.64 -16.13 -5.63
CA ASP B 381 19.22 -15.93 -5.39
C ASP B 381 18.82 -16.29 -3.95
N GLY B 382 19.23 -17.48 -3.50
CA GLY B 382 19.05 -17.94 -2.13
C GLY B 382 17.80 -18.73 -1.83
N ALA B 383 16.98 -19.00 -2.84
CA ALA B 383 15.79 -19.82 -2.66
C ALA B 383 16.21 -21.26 -2.75
N GLU B 384 15.44 -22.13 -2.07
CA GLU B 384 15.62 -23.56 -2.15
C GLU B 384 14.58 -24.19 -3.06
N ILE B 385 15.00 -24.73 -4.21
CA ILE B 385 14.05 -25.32 -5.18
C ILE B 385 13.24 -26.50 -4.55
N ILE B 386 13.84 -27.22 -3.61
CA ILE B 386 13.13 -28.35 -2.98
C ILE B 386 11.84 -27.90 -2.29
N TYR B 387 11.85 -26.66 -1.76
CA TYR B 387 10.66 -26.04 -1.19
C TYR B 387 9.46 -25.89 -2.13
N PHE B 388 9.71 -25.87 -3.44
CA PHE B 388 8.65 -25.65 -4.46
C PHE B 388 8.19 -26.93 -5.12
N GLU B 389 8.91 -28.01 -4.84
CA GLU B 389 8.47 -29.37 -5.09
C GLU B 389 7.46 -29.84 -4.06
N ARG C 1 -5.98 25.57 6.59
CA ARG C 1 -6.18 24.92 7.93
C ARG C 1 -6.34 25.93 9.12
N THR C 2 -7.55 25.91 9.70
CA THR C 2 -7.82 26.48 11.02
C THR C 2 -8.62 25.51 11.88
N PHE C 3 -8.70 25.87 13.14
CA PHE C 3 -9.61 25.25 14.08
C PHE C 3 -11.07 25.23 13.59
N LEU C 4 -11.66 24.04 13.58
CA LEU C 4 -13.09 23.81 13.45
C LEU C 4 -13.86 24.47 14.61
N ASN C 5 -14.92 25.16 14.20
CA ASN C 5 -15.82 25.90 15.08
C ASN C 5 -17.18 25.35 14.79
N LEU C 6 -17.88 24.96 15.84
CA LEU C 6 -19.16 24.32 15.67
C LEU C 6 -20.26 25.36 15.44
N THR C 7 -20.09 26.10 14.35
CA THR C 7 -20.90 27.32 14.03
C THR C 7 -22.24 27.07 13.27
N LYS C 8 -22.50 25.83 12.87
CA LYS C 8 -23.56 25.52 11.94
C LYS C 8 -24.63 24.68 12.67
N PRO C 9 -25.90 24.77 12.21
CA PRO C 9 -26.97 23.97 12.84
C PRO C 9 -26.94 22.52 12.28
N LEU C 10 -27.62 21.58 12.92
CA LEU C 10 -27.76 20.24 12.35
C LEU C 10 -28.70 20.32 11.19
N CYS C 11 -28.39 19.60 10.11
CA CYS C 11 -29.28 19.48 8.96
C CYS C 11 -30.59 18.80 9.31
N GLU C 12 -31.66 19.24 8.66
CA GLU C 12 -32.88 18.50 8.63
C GLU C 12 -32.67 17.08 8.11
N VAL C 13 -33.20 16.10 8.83
CA VAL C 13 -33.10 14.72 8.45
C VAL C 13 -34.52 14.08 8.46
N ASN C 14 -34.85 13.44 7.33
CA ASN C 14 -36.08 12.72 7.10
C ASN C 14 -35.91 11.24 6.78
N SER C 15 -34.68 10.85 6.50
CA SER C 15 -34.36 9.57 5.93
C SER C 15 -32.83 9.34 6.17
N TRP C 16 -32.35 8.10 6.06
CA TRP C 16 -30.91 7.82 6.19
C TRP C 16 -30.33 7.22 4.89
N HIS C 17 -29.28 7.81 4.35
CA HIS C 17 -28.63 7.24 3.17
C HIS C 17 -27.32 6.46 3.51
N ILE C 18 -27.10 5.34 2.77
CA ILE C 18 -25.83 4.62 2.85
C ILE C 18 -24.60 5.45 2.54
N LEU C 19 -23.63 5.39 3.45
CA LEU C 19 -22.35 6.11 3.38
C LEU C 19 -21.19 5.18 3.04
N SER C 20 -21.03 4.09 3.78
CA SER C 20 -19.94 3.12 3.66
C SER C 20 -20.32 1.78 4.33
N LYS C 21 -19.66 0.71 3.89
CA LYS C 21 -19.89 -0.64 4.40
C LYS C 21 -18.60 -1.32 4.06
N ASP C 22 -17.92 -1.92 5.05
CA ASP C 22 -16.59 -2.46 4.75
C ASP C 22 -16.59 -3.94 4.45
N ASN C 23 -17.70 -4.60 4.68
CA ASN C 23 -17.81 -6.06 4.53
C ASN C 23 -16.60 -6.87 5.06
N ALA C 24 -16.07 -6.50 6.22
CA ALA C 24 -14.77 -7.04 6.69
C ALA C 24 -14.75 -8.52 7.00
N ILE C 25 -15.89 -9.09 7.46
CA ILE C 25 -15.95 -10.53 7.82
C ILE C 25 -15.99 -11.36 6.52
N ARG C 26 -16.84 -10.97 5.57
CA ARG C 26 -16.87 -11.65 4.25
C ARG C 26 -15.48 -11.64 3.65
N ILE C 27 -14.90 -10.45 3.52
CA ILE C 27 -13.54 -10.34 2.99
C ILE C 27 -12.48 -11.07 3.84
N GLY C 28 -12.54 -10.93 5.17
CA GLY C 28 -11.58 -11.61 6.10
C GLY C 28 -11.68 -13.12 6.18
N GLU C 29 -12.70 -13.69 5.55
CA GLU C 29 -12.80 -15.16 5.46
C GLU C 29 -11.58 -15.73 4.71
N ASP C 30 -10.98 -14.92 3.86
CA ASP C 30 -9.88 -15.34 2.98
C ASP C 30 -8.69 -14.35 3.02
N ALA C 31 -9.01 -13.07 2.96
CA ALA C 31 -8.01 -12.05 2.69
C ALA C 31 -7.64 -11.71 4.12
N HIS C 32 -6.51 -11.06 4.38
CA HIS C 32 -5.92 -11.07 5.75
C HIS C 32 -6.44 -9.91 6.53
N ILE C 33 -7.61 -10.10 7.12
CA ILE C 33 -8.28 -9.01 7.84
C ILE C 33 -8.07 -9.11 9.35
N LEU C 34 -7.73 -7.96 9.95
CA LEU C 34 -7.55 -7.83 11.39
C LEU C 34 -8.87 -8.05 12.11
N VAL C 35 -8.82 -8.84 13.17
CA VAL C 35 -9.94 -8.93 14.12
C VAL C 35 -9.99 -7.58 14.89
N THR C 36 -11.18 -7.06 15.06
CA THR C 36 -11.45 -5.76 15.70
C THR C 36 -12.72 -5.91 16.60
N ARG C 37 -13.07 -4.87 17.34
CA ARG C 37 -14.39 -4.57 17.84
C ARG C 37 -14.30 -3.08 18.19
N GLU C 38 -15.41 -2.50 18.62
CA GLU C 38 -15.51 -1.08 19.05
C GLU C 38 -15.02 -0.12 17.94
N PRO C 39 -15.63 -0.25 16.68
CA PRO C 39 -15.33 0.57 15.51
C PRO C 39 -16.02 1.91 15.65
N TYR C 40 -15.64 2.86 14.80
CA TYR C 40 -16.36 4.09 14.64
C TYR C 40 -15.83 4.81 13.39
N LEU C 41 -16.32 6.01 13.10
CA LEU C 41 -15.69 6.77 12.04
C LEU C 41 -15.35 8.16 12.56
N SER C 42 -14.36 8.79 11.95
CA SER C 42 -14.05 10.15 12.30
C SER C 42 -13.50 10.87 11.06
N CYS C 43 -13.88 12.12 10.87
CA CYS C 43 -13.54 12.90 9.68
C CYS C 43 -12.51 13.95 10.00
N ASP C 44 -11.90 14.50 8.93
CA ASP C 44 -10.98 15.64 8.98
C ASP C 44 -11.19 16.50 7.68
N PRO C 45 -10.42 17.59 7.49
CA PRO C 45 -10.62 18.40 6.26
C PRO C 45 -10.55 17.64 4.90
N GLN C 46 -9.97 16.44 4.90
CA GLN C 46 -9.58 15.78 3.69
C GLN C 46 -10.53 14.62 3.37
N GLY C 47 -11.10 13.96 4.39
CA GLY C 47 -12.02 12.84 4.18
C GLY C 47 -12.37 12.18 5.52
N CYS C 48 -12.99 11.02 5.47
CA CYS C 48 -13.37 10.28 6.68
C CYS C 48 -12.63 8.97 6.63
N ARG C 49 -12.20 8.54 7.82
CA ARG C 49 -11.59 7.23 8.09
C ARG C 49 -12.45 6.41 9.05
N MET C 50 -12.29 5.09 9.00
CA MET C 50 -12.86 4.16 9.99
C MET C 50 -11.77 3.92 11.04
N PHE C 51 -12.19 3.57 12.25
CA PHE C 51 -11.36 3.36 13.43
C PHE C 51 -11.89 2.10 14.07
N ALA C 52 -11.03 1.28 14.69
CA ALA C 52 -11.51 0.16 15.50
C ALA C 52 -10.44 -0.20 16.47
N LEU C 53 -10.81 -0.97 17.51
CA LEU C 53 -9.79 -1.59 18.32
C LEU C 53 -9.38 -3.00 17.74
N SER C 54 -8.16 -3.06 17.17
CA SER C 54 -7.60 -4.32 16.68
C SER C 54 -7.36 -5.30 17.83
N GLN C 55 -7.37 -6.61 17.55
CA GLN C 55 -7.01 -7.61 18.58
C GLN C 55 -5.57 -8.10 18.44
N GLY C 56 -4.84 -7.45 17.52
CA GLY C 56 -3.45 -7.79 17.18
C GLY C 56 -3.31 -9.18 16.56
N THR C 57 -4.26 -9.56 15.70
CA THR C 57 -4.30 -10.87 15.05
C THR C 57 -5.29 -10.76 13.94
N THR C 58 -5.11 -11.56 12.87
CA THR C 58 -6.05 -11.53 11.72
C THR C 58 -7.17 -12.51 11.99
N LEU C 59 -8.26 -12.36 11.22
CA LEU C 59 -9.51 -13.12 11.40
C LEU C 59 -9.39 -14.67 11.19
N ARG C 60 -8.60 -15.08 10.19
CA ARG C 60 -8.35 -16.51 9.92
C ARG C 60 -7.14 -17.07 10.71
N GLY C 61 -6.43 -16.19 11.42
CA GLY C 61 -5.28 -16.58 12.19
C GLY C 61 -5.70 -17.44 13.37
N ARG C 62 -4.82 -18.37 13.78
CA ARG C 62 -5.09 -19.16 15.01
C ARG C 62 -5.19 -18.32 16.26
N HIS C 63 -4.53 -17.16 16.29
CA HIS C 63 -4.64 -16.24 17.46
C HIS C 63 -5.99 -15.49 17.51
N ALA C 64 -6.89 -15.77 16.55
CA ALA C 64 -8.26 -15.17 16.59
C ALA C 64 -9.03 -15.85 17.67
N ASN C 65 -8.57 -17.04 18.05
CA ASN C 65 -9.19 -17.85 19.08
C ASN C 65 -9.06 -17.14 20.41
N GLY C 66 -10.21 -16.81 21.05
CA GLY C 66 -10.19 -16.07 22.32
C GLY C 66 -10.41 -14.56 22.26
N THR C 67 -10.72 -14.05 21.07
CA THR C 67 -10.85 -12.60 20.92
C THR C 67 -12.18 -11.99 21.47
N ILE C 68 -13.06 -12.79 22.09
CA ILE C 68 -14.18 -12.28 22.94
C ILE C 68 -13.69 -11.29 24.04
N HIS C 69 -12.48 -11.57 24.57
CA HIS C 69 -11.78 -10.85 25.67
C HIS C 69 -11.58 -9.40 25.26
N ASP C 70 -11.96 -8.48 26.15
CA ASP C 70 -11.99 -7.05 25.86
C ASP C 70 -10.65 -6.35 25.95
N ARG C 71 -9.75 -6.87 26.81
CA ARG C 71 -8.55 -6.19 27.24
C ARG C 71 -7.33 -7.13 27.25
N SER C 72 -6.28 -6.76 26.53
CA SER C 72 -5.01 -7.51 26.44
C SER C 72 -3.94 -6.51 25.97
N PRO C 73 -2.64 -6.85 26.14
CA PRO C 73 -1.55 -6.00 25.60
C PRO C 73 -1.37 -5.98 24.07
N PHE C 74 -2.24 -6.71 23.36
CA PHE C 74 -2.12 -6.90 21.92
C PHE C 74 -3.14 -6.12 21.09
N ARG C 75 -3.87 -5.21 21.74
CA ARG C 75 -4.89 -4.41 21.11
C ARG C 75 -4.32 -3.02 20.84
N ALA C 76 -4.87 -2.34 19.83
CA ALA C 76 -4.41 -1.01 19.49
C ALA C 76 -5.53 -0.34 18.80
N LEU C 77 -5.60 0.97 18.92
CA LEU C 77 -6.54 1.67 18.01
C LEU C 77 -5.86 1.82 16.59
N ILE C 78 -6.57 1.37 15.54
CA ILE C 78 -6.17 1.49 14.16
C ILE C 78 -7.19 2.33 13.36
N SER C 79 -6.69 3.04 12.33
CA SER C 79 -7.57 3.84 11.44
C SER C 79 -7.25 3.45 10.00
N TRP C 80 -8.25 3.43 9.13
CA TRP C 80 -7.99 3.10 7.71
C TRP C 80 -8.91 3.93 6.86
N GLU C 81 -8.62 4.00 5.56
CA GLU C 81 -9.48 4.75 4.63
C GLU C 81 -10.93 4.18 4.62
N MET C 82 -11.95 5.04 4.69
CA MET C 82 -13.35 4.54 4.80
C MET C 82 -13.68 3.61 3.63
N GLY C 83 -14.35 2.50 3.90
CA GLY C 83 -14.86 1.57 2.88
C GLY C 83 -14.05 0.29 2.79
N GLN C 84 -12.74 0.41 2.99
CA GLN C 84 -11.78 -0.70 3.10
C GLN C 84 -11.96 -1.58 4.35
N ALA C 85 -11.63 -2.85 4.24
CA ALA C 85 -11.64 -3.73 5.40
C ALA C 85 -10.25 -3.56 6.10
N PRO C 86 -10.18 -3.65 7.45
CA PRO C 86 -8.87 -3.41 8.05
C PRO C 86 -7.94 -4.61 7.90
N SER C 87 -6.83 -4.41 7.20
CA SER C 87 -5.79 -5.44 7.05
C SER C 87 -4.47 -4.93 7.69
N PRO C 88 -3.48 -5.82 7.89
CA PRO C 88 -2.13 -5.40 8.36
C PRO C 88 -1.43 -4.43 7.39
N TYR C 89 -2.03 -4.21 6.22
CA TYR C 89 -1.29 -3.64 5.10
C TYR C 89 -1.79 -2.29 4.78
N ASN C 90 -2.96 -1.92 5.32
CA ASN C 90 -3.59 -0.60 5.04
C ASN C 90 -4.04 0.20 6.28
N THR C 91 -3.55 -0.16 7.47
CA THR C 91 -4.05 0.44 8.72
C THR C 91 -2.96 1.33 9.41
N ARG C 92 -3.34 2.51 9.91
CA ARG C 92 -2.43 3.30 10.76
C ARG C 92 -2.65 2.96 12.23
N VAL C 93 -1.57 2.74 13.00
CA VAL C 93 -1.71 2.59 14.46
C VAL C 93 -1.82 3.94 15.17
N GLU C 94 -2.99 4.24 15.76
CA GLU C 94 -3.26 5.57 16.36
C GLU C 94 -2.63 5.66 17.74
N CYS C 95 -2.74 4.55 18.47
CA CYS C 95 -2.18 4.42 19.81
C CYS C 95 -2.42 3.00 20.31
N ILE C 96 -1.86 2.65 21.47
CA ILE C 96 -1.99 1.29 22.04
C ILE C 96 -2.96 1.21 23.23
N GLY C 97 -3.89 0.28 23.20
CA GLY C 97 -4.80 0.14 24.33
C GLY C 97 -6.07 -0.57 23.96
N TRP C 98 -7.02 -0.59 24.88
CA TRP C 98 -8.28 -1.33 24.71
C TRP C 98 -9.53 -0.48 24.97
N SER C 99 -9.31 0.82 25.09
CA SER C 99 -10.37 1.82 25.07
C SER C 99 -9.83 3.06 24.40
N SER C 100 -10.65 3.71 23.57
CA SER C 100 -10.15 4.86 22.81
C SER C 100 -11.21 5.91 22.48
N THR C 101 -10.76 7.14 22.22
CA THR C 101 -11.53 8.10 21.45
C THR C 101 -10.57 8.71 20.40
N SER C 102 -11.09 9.36 19.37
CA SER C 102 -10.26 10.17 18.46
C SER C 102 -11.14 11.25 17.82
N CYS C 103 -10.52 12.41 17.54
CA CYS C 103 -11.14 13.53 16.79
C CYS C 103 -10.12 14.48 16.22
N HIS C 104 -10.48 15.12 15.11
CA HIS C 104 -9.67 16.13 14.46
C HIS C 104 -10.16 17.56 14.81
N ASP C 105 -9.24 18.49 15.09
CA ASP C 105 -9.67 19.84 15.49
C ASP C 105 -9.65 20.90 14.36
N GLY C 106 -9.46 20.44 13.12
CA GLY C 106 -9.29 21.31 11.97
C GLY C 106 -7.81 21.49 11.61
N MET C 107 -6.93 21.28 12.59
CA MET C 107 -5.48 21.33 12.39
C MET C 107 -4.84 19.96 12.41
N SER C 108 -5.07 19.19 13.50
CA SER C 108 -4.58 17.81 13.62
C SER C 108 -5.54 16.91 14.38
N ARG C 109 -5.15 15.63 14.37
CA ARG C 109 -5.97 14.60 15.00
C ARG C 109 -5.50 14.32 16.44
N MET C 110 -6.44 14.38 17.38
CA MET C 110 -6.14 13.88 18.71
C MET C 110 -6.67 12.44 18.84
N SER C 111 -5.81 11.56 19.36
CA SER C 111 -6.18 10.17 19.57
C SER C 111 -5.80 9.77 20.98
N ILE C 112 -6.71 9.13 21.68
CA ILE C 112 -6.42 8.70 23.07
C ILE C 112 -6.71 7.19 23.27
N CYS C 113 -5.82 6.47 23.94
CA CYS C 113 -5.95 5.01 24.24
C CYS C 113 -5.58 4.83 25.66
N MET C 114 -6.34 3.98 26.35
CA MET C 114 -6.03 3.47 27.70
C MET C 114 -5.55 2.05 27.55
N SER C 115 -4.59 1.67 28.38
CA SER C 115 -4.11 0.33 28.42
C SER C 115 -3.70 0.08 29.85
N GLY C 116 -3.27 -1.13 30.14
CA GLY C 116 -2.77 -1.51 31.46
C GLY C 116 -3.67 -2.52 32.10
N PRO C 117 -3.35 -2.90 33.36
CA PRO C 117 -4.23 -3.81 34.12
C PRO C 117 -5.52 -3.10 34.63
N ASN C 118 -6.56 -3.84 34.95
CA ASN C 118 -7.77 -3.26 35.56
C ASN C 118 -7.52 -2.21 36.67
N ASN C 119 -6.60 -2.50 37.58
CA ASN C 119 -6.34 -1.61 38.73
C ASN C 119 -5.25 -0.58 38.55
N ASN C 120 -4.73 -0.49 37.32
CA ASN C 120 -3.63 0.44 37.08
C ASN C 120 -3.45 0.82 35.60
N ALA C 121 -4.57 1.24 34.99
CA ALA C 121 -4.64 1.57 33.57
C ALA C 121 -4.20 3.01 33.46
N SER C 122 -3.86 3.48 32.27
CA SER C 122 -3.43 4.83 32.04
C SER C 122 -3.87 5.20 30.63
N ALA C 123 -4.17 6.49 30.37
CA ALA C 123 -4.45 6.95 29.03
C ALA C 123 -3.18 7.58 28.48
N VAL C 124 -2.91 7.36 27.19
CA VAL C 124 -1.94 8.22 26.50
C VAL C 124 -2.67 9.08 25.47
N VAL C 125 -2.48 10.39 25.56
CA VAL C 125 -3.08 11.36 24.66
C VAL C 125 -2.07 11.82 23.59
N TRP C 126 -2.41 11.53 22.32
CA TRP C 126 -1.62 11.77 21.12
C TRP C 126 -2.17 12.93 20.29
N TYR C 127 -1.27 13.69 19.67
CA TYR C 127 -1.70 14.82 18.83
C TYR C 127 -0.73 14.97 17.62
N GLY C 128 -1.28 14.93 16.41
CA GLY C 128 -0.45 15.05 15.25
C GLY C 128 0.47 13.84 15.09
N GLY C 129 0.00 12.69 15.56
CA GLY C 129 0.82 11.48 15.68
C GLY C 129 1.93 11.39 16.73
N ARG C 130 2.00 12.29 17.69
CA ARG C 130 3.06 12.31 18.74
C ARG C 130 2.39 12.26 20.09
N PRO C 131 2.94 11.48 21.03
CA PRO C 131 2.38 11.43 22.38
C PRO C 131 2.62 12.76 23.16
N ILE C 132 1.58 13.32 23.75
CA ILE C 132 1.67 14.62 24.39
C ILE C 132 1.51 14.51 25.92
N THR C 133 0.55 13.66 26.36
CA THR C 133 0.11 13.64 27.78
C THR C 133 -0.19 12.19 28.20
N GLU C 134 -0.08 11.91 29.51
CA GLU C 134 -0.38 10.60 30.12
C GLU C 134 -1.27 10.85 31.33
N ILE C 135 -2.33 10.04 31.49
CA ILE C 135 -3.25 10.26 32.62
C ILE C 135 -3.41 8.94 33.37
N PRO C 136 -2.96 8.87 34.66
CA PRO C 136 -3.16 7.63 35.38
C PRO C 136 -4.63 7.42 35.81
N SER C 137 -4.99 6.16 36.06
CA SER C 137 -6.25 5.75 36.68
C SER C 137 -6.41 6.46 38.01
N TRP C 138 -7.57 7.11 38.16
CA TRP C 138 -7.90 7.81 39.39
C TRP C 138 -8.71 6.95 40.37
N ALA C 139 -9.21 5.80 39.96
CA ALA C 139 -10.11 4.97 40.81
C ALA C 139 -9.70 3.51 40.86
N GLY C 140 -8.59 3.16 40.21
CA GLY C 140 -8.08 1.79 40.19
C GLY C 140 -9.04 0.76 39.61
N ASN C 141 -9.92 1.19 38.69
CA ASN C 141 -10.90 0.27 38.11
C ASN C 141 -11.23 0.55 36.61
N ILE C 142 -10.30 0.11 35.75
CA ILE C 142 -10.48 0.11 34.28
C ILE C 142 -10.83 1.50 33.79
N LEU C 143 -9.92 2.46 33.97
CA LEU C 143 -9.98 3.74 33.24
C LEU C 143 -10.30 3.53 31.75
N ARG C 144 -11.31 4.24 31.25
CA ARG C 144 -11.91 3.90 29.90
C ARG C 144 -12.69 5.12 29.34
N THR C 145 -12.94 5.14 28.01
CA THR C 145 -13.52 6.35 27.35
C THR C 145 -14.62 6.01 26.29
N GLN C 146 -14.85 6.91 25.33
CA GLN C 146 -16.05 6.86 24.49
C GLN C 146 -16.28 5.71 23.51
N GLU C 147 -15.22 5.11 22.94
CA GLU C 147 -15.34 4.11 21.82
C GLU C 147 -15.94 4.67 20.55
N SER C 148 -15.97 6.00 20.45
CA SER C 148 -16.36 6.79 19.22
C SER C 148 -15.72 8.20 19.27
N GLU C 149 -15.98 9.03 18.28
CA GLU C 149 -15.25 10.27 18.15
C GLU C 149 -15.64 11.36 19.17
N CYS C 150 -14.62 12.12 19.55
CA CYS C 150 -14.81 13.32 20.26
C CYS C 150 -15.10 14.46 19.25
N VAL C 151 -15.30 15.68 19.75
CA VAL C 151 -15.69 16.83 18.96
C VAL C 151 -14.91 18.02 19.50
N CYS C 152 -14.48 18.89 18.59
CA CYS C 152 -13.61 19.99 18.90
C CYS C 152 -14.27 21.30 18.49
N HIS C 153 -13.93 22.35 19.22
CA HIS C 153 -14.43 23.69 18.97
C HIS C 153 -13.38 24.70 19.39
N LYS C 154 -12.98 25.55 18.43
CA LYS C 154 -11.87 26.54 18.66
C LYS C 154 -10.60 25.93 19.29
N GLY C 155 -10.31 24.67 18.90
CA GLY C 155 -9.10 23.95 19.36
C GLY C 155 -9.31 23.15 20.61
N VAL C 156 -10.53 23.21 21.19
CA VAL C 156 -10.87 22.62 22.51
C VAL C 156 -11.73 21.37 22.28
N CYS C 157 -11.21 20.22 22.68
CA CYS C 157 -11.84 18.95 22.37
C CYS C 157 -12.15 18.30 23.70
N PRO C 158 -13.43 18.38 24.13
CA PRO C 158 -13.85 17.63 25.28
C PRO C 158 -13.92 16.09 25.10
N VAL C 159 -13.55 15.36 26.18
CA VAL C 159 -13.58 13.92 26.20
C VAL C 159 -14.19 13.43 27.50
N VAL C 160 -15.13 12.47 27.40
CA VAL C 160 -15.71 11.88 28.59
C VAL C 160 -14.99 10.58 28.94
N MET C 161 -14.53 10.45 30.19
CA MET C 161 -13.81 9.26 30.69
C MET C 161 -14.42 8.78 32.02
N THR C 162 -14.43 7.48 32.25
CA THR C 162 -14.98 6.90 33.44
C THR C 162 -13.91 5.96 34.02
N ASP C 163 -13.90 5.85 35.35
CA ASP C 163 -13.01 4.97 36.12
C ASP C 163 -13.81 4.54 37.37
N GLY C 164 -13.93 3.26 37.63
CA GLY C 164 -14.67 2.78 38.79
C GLY C 164 -15.61 1.72 38.27
N PRO C 165 -16.49 1.18 39.15
CA PRO C 165 -17.37 0.06 38.82
C PRO C 165 -18.18 0.20 37.52
N ALA C 166 -18.43 -0.95 36.89
CA ALA C 166 -19.37 -1.18 35.78
C ALA C 166 -20.82 -1.28 36.27
N ASN C 167 -20.97 -1.63 37.54
CA ASN C 167 -22.26 -1.91 38.16
C ASN C 167 -22.49 -1.15 39.47
N ASN C 168 -22.02 0.10 39.52
CA ASN C 168 -22.17 0.89 40.72
C ASN C 168 -21.69 2.28 40.40
N ARG C 169 -21.82 3.16 41.39
CA ARG C 169 -21.37 4.51 41.23
C ARG C 169 -19.87 4.48 40.84
N ALA C 170 -19.54 5.12 39.72
CA ALA C 170 -18.18 5.16 39.16
C ALA C 170 -17.74 6.61 39.19
N ALA C 171 -16.47 6.90 38.84
CA ALA C 171 -16.01 8.29 38.81
C ALA C 171 -15.78 8.80 37.38
N THR C 172 -16.71 9.59 36.86
CA THR C 172 -16.56 10.12 35.51
C THR C 172 -15.95 11.53 35.52
N LYS C 173 -15.11 11.81 34.52
CA LYS C 173 -14.54 13.12 34.27
C LYS C 173 -14.75 13.57 32.81
N ILE C 174 -14.86 14.89 32.66
CA ILE C 174 -14.82 15.57 31.39
C ILE C 174 -13.46 16.30 31.38
N ILE C 175 -12.65 15.96 30.40
CA ILE C 175 -11.27 16.45 30.30
C ILE C 175 -11.25 17.26 29.03
N TYR C 176 -10.79 18.48 29.14
CA TYR C 176 -10.82 19.43 28.01
C TYR C 176 -9.41 19.50 27.41
N PHE C 177 -9.19 18.97 26.20
CA PHE C 177 -7.85 19.08 25.56
C PHE C 177 -7.72 20.18 24.59
N LYS C 178 -6.52 20.75 24.51
CA LYS C 178 -6.10 21.60 23.40
C LYS C 178 -4.69 21.21 22.94
N GLU C 179 -4.63 20.75 21.68
CA GLU C 179 -3.40 20.20 21.11
C GLU C 179 -2.79 19.11 22.03
N GLY C 180 -3.69 18.25 22.53
CA GLY C 180 -3.31 17.16 23.42
C GLY C 180 -2.94 17.51 24.83
N LYS C 181 -2.96 18.80 25.16
CA LYS C 181 -2.68 19.27 26.53
C LYS C 181 -3.98 19.50 27.33
N ILE C 182 -3.99 19.11 28.61
CA ILE C 182 -5.16 19.34 29.48
C ILE C 182 -5.36 20.80 29.81
N GLN C 183 -6.55 21.31 29.44
CA GLN C 183 -7.01 22.70 29.72
C GLN C 183 -7.78 22.79 31.06
N LYS C 184 -8.58 21.77 31.34
CA LYS C 184 -9.44 21.77 32.51
C LYS C 184 -9.89 20.33 32.64
N ILE C 185 -10.08 19.88 33.89
CA ILE C 185 -10.73 18.59 34.27
C ILE C 185 -11.90 18.87 35.25
N GLU C 186 -13.10 18.43 34.89
CA GLU C 186 -14.28 18.52 35.74
C GLU C 186 -14.75 17.13 36.12
N GLU C 187 -15.29 16.99 37.32
CA GLU C 187 -16.01 15.79 37.67
C GLU C 187 -17.40 15.88 37.09
N LEU C 188 -17.95 14.75 36.69
CA LEU C 188 -19.32 14.72 36.19
C LEU C 188 -20.25 15.37 37.21
N ALA C 189 -21.09 16.31 36.73
CA ALA C 189 -22.17 16.89 37.52
C ALA C 189 -23.55 16.47 36.94
N GLY C 190 -24.62 16.74 37.68
CA GLY C 190 -25.98 16.56 37.16
C GLY C 190 -26.61 15.25 37.63
N ASN C 191 -27.63 14.83 36.91
CA ASN C 191 -28.48 13.68 37.27
C ASN C 191 -28.21 12.34 36.56
N ALA C 192 -27.26 12.30 35.63
CA ALA C 192 -26.80 11.02 35.11
C ALA C 192 -26.15 10.28 36.30
N GLN C 193 -26.54 9.02 36.52
CA GLN C 193 -26.06 8.26 37.66
C GLN C 193 -24.85 7.34 37.32
N HIS C 194 -24.70 6.99 36.02
CA HIS C 194 -23.60 6.15 35.53
C HIS C 194 -23.39 6.57 34.06
N ILE C 195 -22.11 6.62 33.67
CA ILE C 195 -21.67 7.15 32.37
C ILE C 195 -20.60 6.23 31.79
N GLU C 196 -20.84 5.74 30.57
CA GLU C 196 -19.84 4.98 29.83
C GLU C 196 -19.97 5.31 28.33
N GLU C 197 -18.87 5.23 27.56
CA GLU C 197 -19.02 5.08 26.13
C GLU C 197 -19.91 6.14 25.46
N CYS C 198 -19.72 7.40 25.81
CA CYS C 198 -20.41 8.53 25.15
C CYS C 198 -20.23 8.68 23.62
N SER C 199 -21.33 8.94 22.94
CA SER C 199 -21.35 9.28 21.50
C SER C 199 -21.71 10.72 21.40
N CYS C 200 -20.78 11.49 20.82
CA CYS C 200 -20.82 12.92 20.85
C CYS C 200 -20.85 13.64 19.48
N TYR C 201 -21.67 14.68 19.35
CA TYR C 201 -21.63 15.54 18.15
C TYR C 201 -21.70 17.04 18.53
N GLY C 202 -21.50 17.93 17.58
CA GLY C 202 -21.59 19.34 17.82
C GLY C 202 -22.46 20.12 16.82
N ALA C 203 -23.21 21.12 17.31
CA ALA C 203 -24.02 21.98 16.48
C ALA C 203 -24.28 23.28 17.22
N GLY C 204 -24.27 24.41 16.52
CA GLY C 204 -24.46 25.73 17.16
C GLY C 204 -23.76 25.97 18.52
N GLY C 205 -22.44 25.77 18.58
CA GLY C 205 -21.61 25.96 19.79
C GLY C 205 -21.82 25.00 20.97
N VAL C 206 -22.54 23.91 20.73
CA VAL C 206 -22.92 23.02 21.82
C VAL C 206 -22.48 21.61 21.49
N ILE C 207 -21.96 20.87 22.50
CA ILE C 207 -21.67 19.44 22.33
C ILE C 207 -22.66 18.58 23.11
N LYS C 208 -23.31 17.64 22.44
CA LYS C 208 -24.15 16.65 23.08
C LYS C 208 -23.55 15.26 23.03
N CYS C 209 -23.53 14.60 24.19
CA CYS C 209 -23.04 13.23 24.34
C CYS C 209 -24.15 12.40 24.90
N ILE C 210 -24.45 11.30 24.22
CA ILE C 210 -25.53 10.35 24.59
C ILE C 210 -24.81 9.06 24.95
N CYS C 211 -24.97 8.64 26.18
CA CYS C 211 -24.02 7.73 26.76
C CYS C 211 -24.72 6.49 27.12
N ARG C 212 -24.00 5.63 27.84
CA ARG C 212 -24.51 4.33 28.26
C ARG C 212 -24.43 4.32 29.79
N ASP C 213 -25.56 3.98 30.45
CA ASP C 213 -25.64 3.78 31.88
C ASP C 213 -25.63 2.29 32.07
N ASN C 214 -24.51 1.71 32.47
CA ASN C 214 -24.40 0.28 32.70
C ASN C 214 -24.95 -0.14 34.04
N TRP C 215 -25.33 0.85 34.85
CA TRP C 215 -25.65 0.54 36.24
C TRP C 215 -27.13 0.31 36.42
N LYS C 216 -27.98 1.30 36.20
CA LYS C 216 -29.41 1.13 36.45
C LYS C 216 -30.29 1.42 35.24
N GLY C 217 -29.95 2.42 34.43
CA GLY C 217 -30.91 2.94 33.43
C GLY C 217 -30.98 2.22 32.09
N ALA C 218 -32.20 1.98 31.60
CA ALA C 218 -32.38 1.54 30.19
C ALA C 218 -32.64 2.76 29.29
N ASN C 219 -32.80 3.91 29.92
CA ASN C 219 -32.75 5.15 29.21
C ASN C 219 -31.32 5.59 29.21
N ARG C 220 -30.98 6.53 28.30
CA ARG C 220 -29.61 6.94 28.11
C ARG C 220 -29.36 8.28 28.77
N PRO C 221 -28.25 8.35 29.54
CA PRO C 221 -27.82 9.63 30.06
C PRO C 221 -27.46 10.55 28.90
N VAL C 222 -27.56 11.87 29.09
CA VAL C 222 -27.10 12.85 28.10
C VAL C 222 -26.27 13.93 28.84
N ILE C 223 -25.07 14.23 28.34
CA ILE C 223 -24.24 15.32 28.81
C ILE C 223 -24.22 16.44 27.76
N THR C 224 -24.36 17.67 28.22
CA THR C 224 -24.41 18.82 27.33
C THR C 224 -23.26 19.63 27.76
N ILE C 225 -22.32 19.81 26.82
CA ILE C 225 -21.06 20.47 27.10
C ILE C 225 -20.98 21.79 26.35
N ASP C 226 -20.56 22.82 27.08
CA ASP C 226 -20.23 24.10 26.48
C ASP C 226 -18.71 24.08 26.32
N PRO C 227 -18.21 23.93 25.06
CA PRO C 227 -16.77 23.90 24.87
C PRO C 227 -16.01 25.23 25.10
N GLU C 228 -16.71 26.36 25.15
CA GLU C 228 -16.01 27.65 25.24
C GLU C 228 -15.80 27.96 26.72
N MET C 229 -16.89 27.94 27.47
CA MET C 229 -16.87 28.01 28.94
C MET C 229 -16.29 26.79 29.64
N MET C 230 -16.33 25.60 29.00
CA MET C 230 -15.73 24.36 29.56
C MET C 230 -16.48 23.89 30.79
N THR C 231 -17.81 23.85 30.62
CA THR C 231 -18.75 23.54 31.68
C THR C 231 -19.79 22.59 31.08
N HIS C 232 -20.39 21.73 31.90
CA HIS C 232 -21.36 20.75 31.41
C HIS C 232 -22.57 20.56 32.35
N THR C 233 -23.62 19.97 31.83
CA THR C 233 -24.70 19.50 32.66
C THR C 233 -24.99 18.06 32.23
N SER C 234 -25.69 17.32 33.06
CA SER C 234 -26.10 15.94 32.69
C SER C 234 -27.51 15.58 33.17
N LYS C 235 -28.19 14.73 32.41
CA LYS C 235 -29.44 14.11 32.83
C LYS C 235 -29.62 12.87 31.98
N TYR C 236 -30.87 12.41 31.85
CA TYR C 236 -31.27 11.31 30.98
C TYR C 236 -32.14 11.85 29.90
N LEU C 237 -32.19 11.09 28.82
CA LEU C 237 -33.00 11.43 27.68
C LEU C 237 -34.45 11.22 28.14
N CYS C 238 -35.31 12.22 27.90
CA CYS C 238 -36.68 12.22 28.49
C CYS C 238 -37.66 11.13 28.00
N SER C 239 -37.45 10.67 26.78
CA SER C 239 -38.46 10.01 26.02
C SER C 239 -38.80 8.63 26.56
N LYS C 240 -40.07 8.28 26.46
CA LYS C 240 -40.55 6.97 26.80
C LYS C 240 -39.89 5.91 25.90
N VAL C 241 -39.32 6.37 24.76
CA VAL C 241 -38.56 5.52 23.79
C VAL C 241 -37.18 5.18 24.37
N LEU C 242 -37.10 3.99 24.98
CA LEU C 242 -35.90 3.56 25.65
C LEU C 242 -34.92 3.01 24.61
N THR C 243 -33.64 3.36 24.70
CA THR C 243 -32.72 3.01 23.62
C THR C 243 -31.42 2.26 24.03
N ASP C 244 -31.28 1.93 25.31
CA ASP C 244 -30.20 1.09 25.72
C ASP C 244 -30.61 -0.34 25.41
N THR C 245 -29.64 -1.27 25.47
CA THR C 245 -29.95 -2.73 25.39
C THR C 245 -29.44 -3.45 26.62
N SER C 246 -30.08 -4.61 26.83
CA SER C 246 -31.33 -4.81 27.61
C SER C 246 -32.18 -3.62 28.12
N ARG C 247 -33.45 -3.68 27.75
CA ARG C 247 -34.42 -2.73 28.26
C ARG C 247 -35.76 -3.43 28.47
N PRO C 248 -36.67 -2.83 29.29
CA PRO C 248 -38.02 -3.36 29.29
C PRO C 248 -38.80 -2.83 28.06
N ASN C 249 -40.05 -3.25 27.91
CA ASN C 249 -40.96 -2.57 26.98
C ASN C 249 -41.02 -1.08 27.27
N ASP C 250 -41.25 -0.25 26.27
CA ASP C 250 -41.27 1.21 26.50
C ASP C 250 -42.42 1.59 27.45
N PRO C 251 -42.13 2.46 28.43
CA PRO C 251 -43.23 2.77 29.37
C PRO C 251 -44.17 3.84 28.81
N THR C 252 -45.24 4.13 29.53
CA THR C 252 -46.09 5.25 29.16
C THR C 252 -45.30 6.58 29.21
N ASN C 253 -44.46 6.75 30.21
CA ASN C 253 -43.68 7.98 30.30
C ASN C 253 -42.24 7.63 30.50
N GLY C 254 -41.36 8.49 30.03
CA GLY C 254 -39.94 8.26 30.27
C GLY C 254 -39.57 9.02 31.51
N ASN C 255 -38.27 9.30 31.71
CA ASN C 255 -37.78 10.00 32.90
C ASN C 255 -36.48 10.74 32.64
N CYS C 256 -36.53 12.08 32.68
CA CYS C 256 -35.41 12.94 32.34
C CYS C 256 -34.31 12.92 33.39
N ASP C 257 -34.61 12.39 34.57
CA ASP C 257 -33.81 12.71 35.75
C ASP C 257 -33.43 11.54 36.68
N ALA C 258 -33.76 10.33 36.28
CA ALA C 258 -33.43 9.11 37.01
C ALA C 258 -33.43 8.01 35.98
N PRO C 259 -32.65 6.93 36.24
CA PRO C 259 -32.59 5.74 35.39
C PRO C 259 -33.94 5.07 35.46
N ILE C 260 -34.29 4.38 34.36
CA ILE C 260 -35.46 3.52 34.34
C ILE C 260 -34.90 2.13 34.30
N THR C 261 -35.23 1.35 35.31
CA THR C 261 -34.59 0.05 35.47
C THR C 261 -35.31 -1.04 34.69
N GLY C 262 -34.65 -2.19 34.56
CA GLY C 262 -35.28 -3.35 33.93
C GLY C 262 -34.55 -3.84 32.70
N GLY C 263 -35.03 -4.93 32.10
CA GLY C 263 -34.42 -5.49 30.90
C GLY C 263 -33.53 -6.67 31.21
N SER C 264 -33.28 -7.51 30.23
CA SER C 264 -32.54 -8.73 30.45
C SER C 264 -32.10 -9.38 29.11
N PRO C 265 -30.91 -9.96 29.05
CA PRO C 265 -29.92 -10.16 30.10
C PRO C 265 -28.80 -9.13 30.26
N ASP C 266 -28.73 -8.09 29.41
CA ASP C 266 -27.56 -7.15 29.25
C ASP C 266 -27.67 -5.81 30.02
N PRO C 267 -26.59 -5.40 30.72
CA PRO C 267 -26.66 -4.14 31.44
C PRO C 267 -26.53 -2.89 30.57
N GLY C 268 -26.13 -3.05 29.33
CA GLY C 268 -25.85 -1.87 28.51
C GLY C 268 -25.25 -2.17 27.17
N VAL C 269 -25.38 -1.20 26.24
CA VAL C 269 -24.59 -1.18 24.98
C VAL C 269 -24.31 0.26 24.63
N LYS C 270 -23.17 0.53 24.01
CA LYS C 270 -22.88 1.87 23.45
C LYS C 270 -23.91 2.27 22.42
N GLY C 271 -24.46 3.48 22.53
CA GLY C 271 -25.45 3.95 21.58
C GLY C 271 -25.37 5.42 21.35
N PHE C 272 -26.41 5.99 20.73
CA PHE C 272 -26.30 7.38 20.27
C PHE C 272 -27.69 7.88 19.92
N ALA C 273 -27.81 9.20 19.81
CA ALA C 273 -29.00 9.88 19.29
C ALA C 273 -28.58 11.30 18.91
N PHE C 274 -29.34 11.92 18.02
CA PHE C 274 -29.17 13.31 17.65
C PHE C 274 -30.45 13.97 18.20
N LEU C 275 -30.24 15.02 18.99
CA LEU C 275 -31.34 15.73 19.64
C LEU C 275 -31.33 17.23 19.20
N ASP C 276 -32.40 17.59 18.47
CA ASP C 276 -32.59 18.88 17.84
C ASP C 276 -34.11 19.21 17.71
N GLY C 277 -34.83 19.29 18.83
CA GLY C 277 -36.26 19.66 18.82
C GLY C 277 -37.10 18.67 18.04
N GLU C 278 -37.86 19.17 17.06
CA GLU C 278 -38.64 18.29 16.16
C GLU C 278 -37.74 17.34 15.33
N ASN C 279 -36.49 17.79 15.08
CA ASN C 279 -35.53 17.07 14.25
C ASN C 279 -34.63 16.14 15.07
N SER C 280 -35.25 15.28 15.88
CA SER C 280 -34.49 14.39 16.79
C SER C 280 -34.64 12.93 16.40
N TRP C 281 -33.51 12.21 16.37
CA TRP C 281 -33.53 10.80 15.99
C TRP C 281 -32.80 9.89 16.97
N LEU C 282 -33.44 8.79 17.33
CA LEU C 282 -32.84 7.89 18.30
C LEU C 282 -32.55 6.56 17.58
N GLY C 283 -31.33 6.06 17.81
CA GLY C 283 -30.94 4.74 17.40
C GLY C 283 -31.20 3.80 18.56
N ARG C 284 -31.50 2.54 18.23
CA ARG C 284 -31.43 1.44 19.17
C ARG C 284 -31.46 0.11 18.40
N THR C 285 -31.06 -0.97 19.07
CA THR C 285 -31.23 -2.32 18.53
C THR C 285 -32.72 -2.60 18.45
N ILE C 286 -33.14 -3.48 17.54
CA ILE C 286 -34.57 -3.75 17.38
C ILE C 286 -35.04 -4.62 18.54
N SER C 287 -34.26 -5.67 18.81
CA SER C 287 -34.39 -6.42 20.03
C SER C 287 -34.17 -5.60 21.29
N LYS C 288 -35.09 -5.79 22.25
CA LYS C 288 -34.99 -5.23 23.57
C LYS C 288 -34.05 -6.02 24.50
N ASP C 289 -33.84 -7.32 24.19
CA ASP C 289 -33.01 -8.20 24.98
C ASP C 289 -31.55 -8.22 24.54
N SER C 290 -31.33 -8.09 23.22
CA SER C 290 -30.11 -8.56 22.57
C SER C 290 -29.58 -7.60 21.52
N ARG C 291 -28.31 -7.78 21.17
CA ARG C 291 -27.67 -6.96 20.14
C ARG C 291 -28.01 -7.48 18.70
N SER C 292 -29.31 -7.52 18.38
CA SER C 292 -29.76 -7.90 17.06
C SER C 292 -30.74 -6.88 16.50
N GLY C 293 -30.57 -6.58 15.19
CA GLY C 293 -31.34 -5.56 14.49
C GLY C 293 -30.88 -4.20 14.94
N TYR C 294 -31.27 -3.17 14.16
CA TYR C 294 -30.93 -1.77 14.43
C TYR C 294 -31.95 -0.91 13.72
N GLU C 295 -32.48 0.12 14.38
CA GLU C 295 -33.56 0.94 13.82
C GLU C 295 -33.37 2.39 14.17
N MET C 296 -33.67 3.26 13.21
CA MET C 296 -33.64 4.69 13.49
C MET C 296 -35.06 5.21 13.74
N LEU C 297 -35.25 6.07 14.74
CA LEU C 297 -36.59 6.53 15.11
C LEU C 297 -36.62 8.02 15.29
N LYS C 298 -37.46 8.68 14.49
CA LYS C 298 -37.60 10.11 14.57
C LYS C 298 -38.60 10.39 15.68
N VAL C 299 -38.08 10.93 16.79
CA VAL C 299 -38.88 11.16 18.01
C VAL C 299 -38.84 12.64 18.39
N PRO C 300 -39.73 13.48 17.80
CA PRO C 300 -39.67 14.90 18.14
C PRO C 300 -39.64 15.16 19.65
N ASN C 301 -38.73 16.02 20.07
CA ASN C 301 -38.66 16.49 21.45
C ASN C 301 -38.26 15.41 22.40
N ALA C 302 -37.64 14.34 21.89
CA ALA C 302 -37.09 13.27 22.73
C ALA C 302 -36.28 13.81 23.92
N GLU C 303 -35.62 14.93 23.70
CA GLU C 303 -34.77 15.51 24.73
C GLU C 303 -35.53 16.23 25.87
N THR C 304 -36.78 16.64 25.64
CA THR C 304 -37.50 17.39 26.65
C THR C 304 -38.83 16.84 27.10
N ASP C 305 -39.40 15.86 26.38
CA ASP C 305 -40.79 15.51 26.59
C ASP C 305 -40.88 14.04 26.88
N ILE C 306 -41.28 13.66 28.12
CA ILE C 306 -41.39 12.23 28.57
C ILE C 306 -42.42 11.34 27.81
N GLN C 307 -43.36 11.99 27.13
CA GLN C 307 -44.41 11.29 26.37
C GLN C 307 -44.09 11.22 24.87
N SER C 308 -42.96 11.77 24.46
CA SER C 308 -42.57 11.78 23.03
C SER C 308 -42.33 10.39 22.46
N GLY C 309 -43.05 10.09 21.39
CA GLY C 309 -42.93 8.76 20.70
C GLY C 309 -42.44 8.91 19.23
N PRO C 310 -42.20 7.79 18.53
CA PRO C 310 -41.72 7.90 17.12
C PRO C 310 -42.74 8.50 16.12
N ILE C 311 -42.32 9.45 15.29
CA ILE C 311 -43.18 9.78 14.10
C ILE C 311 -42.78 9.02 12.82
N SER C 312 -41.53 8.51 12.81
CA SER C 312 -41.05 7.66 11.70
C SER C 312 -39.96 6.75 12.12
N ASN C 313 -39.70 5.74 11.28
CA ASN C 313 -38.76 4.65 11.49
C ASN C 313 -38.04 4.30 10.19
N GLN C 314 -36.78 3.91 10.37
CA GLN C 314 -35.95 3.26 9.35
C GLN C 314 -35.24 2.01 9.96
N VAL C 315 -35.56 0.84 9.42
CA VAL C 315 -34.81 -0.36 9.70
C VAL C 315 -33.40 -0.27 9.03
N ILE C 316 -32.37 -0.33 9.90
CA ILE C 316 -30.98 -0.22 9.48
C ILE C 316 -30.40 -1.63 9.35
N VAL C 317 -30.58 -2.49 10.37
CA VAL C 317 -30.29 -3.95 10.32
C VAL C 317 -31.56 -4.73 10.74
N ASN C 318 -32.01 -5.67 9.91
CA ASN C 318 -33.20 -6.45 10.37
C ASN C 318 -32.94 -7.29 11.64
N ASN C 319 -34.01 -7.62 12.37
CA ASN C 319 -33.92 -8.36 13.65
C ASN C 319 -33.60 -9.84 13.51
N GLN C 320 -33.23 -10.27 12.29
CA GLN C 320 -32.62 -11.58 12.06
C GLN C 320 -31.10 -11.51 11.97
N ASN C 321 -30.55 -10.32 12.13
CA ASN C 321 -29.11 -10.11 12.00
C ASN C 321 -28.61 -9.38 13.18
N TRP C 322 -27.40 -9.74 13.56
CA TRP C 322 -26.66 -9.15 14.69
C TRP C 322 -26.17 -7.78 14.40
N SER C 323 -26.21 -6.95 15.44
CA SER C 323 -25.74 -5.57 15.40
C SER C 323 -24.68 -5.47 16.50
N GLY C 324 -24.61 -4.38 17.26
CA GLY C 324 -23.52 -4.21 18.21
C GLY C 324 -23.55 -2.78 18.68
N TYR C 325 -22.40 -2.18 18.84
CA TYR C 325 -22.27 -0.78 19.23
C TYR C 325 -22.75 0.19 18.14
N SER C 326 -23.12 1.42 18.53
CA SER C 326 -23.41 2.44 17.51
C SER C 326 -23.05 3.82 18.05
N GLY C 327 -22.80 4.78 17.16
CA GLY C 327 -22.21 6.03 17.61
C GLY C 327 -22.35 7.11 16.59
N ALA C 328 -22.12 8.34 17.01
CA ALA C 328 -22.36 9.50 16.21
C ALA C 328 -21.03 10.00 15.63
N PHE C 329 -21.10 10.47 14.39
CA PHE C 329 -19.97 11.23 13.81
C PHE C 329 -20.58 12.23 12.80
N ILE C 330 -19.83 13.28 12.48
CA ILE C 330 -20.29 14.25 11.51
C ILE C 330 -19.05 14.63 10.68
N ASP C 331 -19.25 14.72 9.36
CA ASP C 331 -18.31 15.41 8.50
C ASP C 331 -18.41 16.91 8.64
N TYR C 332 -17.74 17.47 9.66
CA TYR C 332 -17.82 18.90 9.95
C TYR C 332 -17.24 19.76 8.86
N TRP C 333 -16.55 19.13 7.92
CA TRP C 333 -15.84 19.84 6.86
C TRP C 333 -16.54 19.71 5.51
N ALA C 334 -17.74 19.14 5.50
CA ALA C 334 -18.59 19.09 4.29
C ALA C 334 -18.84 20.49 3.79
N ASN C 335 -19.03 20.61 2.48
CA ASN C 335 -19.44 21.87 1.86
C ASN C 335 -20.98 22.09 1.90
N LYS C 336 -21.49 22.34 3.10
CA LYS C 336 -22.92 22.41 3.39
C LYS C 336 -23.12 23.48 4.49
N GLU C 337 -24.32 24.07 4.54
CA GLU C 337 -24.59 25.13 5.53
C GLU C 337 -24.99 24.57 6.88
N CYS C 338 -25.13 23.27 6.96
CA CYS C 338 -25.51 22.63 8.21
C CYS C 338 -24.58 21.45 8.44
N PHE C 339 -24.54 20.98 9.68
CA PHE C 339 -23.79 19.80 10.04
C PHE C 339 -24.70 18.64 9.86
N ASN C 340 -24.37 17.75 8.93
CA ASN C 340 -25.24 16.60 8.70
C ASN C 340 -24.97 15.33 9.51
N PRO C 341 -25.99 14.88 10.30
CA PRO C 341 -25.84 13.71 11.15
C PRO C 341 -25.45 12.40 10.40
N CYS C 342 -24.45 11.67 10.94
CA CYS C 342 -24.09 10.33 10.47
C CYS C 342 -23.96 9.39 11.66
N PHE C 343 -24.01 8.11 11.36
CA PHE C 343 -23.84 7.14 12.42
C PHE C 343 -23.32 5.87 11.85
N TYR C 344 -22.65 5.06 12.67
CA TYR C 344 -22.27 3.71 12.23
C TYR C 344 -22.95 2.69 13.15
N VAL C 345 -23.10 1.48 12.62
CA VAL C 345 -23.48 0.33 13.40
C VAL C 345 -22.33 -0.75 13.27
N GLU C 346 -21.83 -1.22 14.42
CA GLU C 346 -20.86 -2.26 14.51
C GLU C 346 -21.66 -3.51 14.38
N LEU C 347 -21.28 -4.36 13.44
CA LEU C 347 -22.06 -5.56 13.18
C LEU C 347 -21.26 -6.75 13.68
N ILE C 348 -21.58 -7.25 14.89
CA ILE C 348 -20.72 -8.22 15.59
C ILE C 348 -20.95 -9.67 15.12
N ARG C 349 -19.85 -10.41 14.90
CA ARG C 349 -19.87 -11.78 14.42
C ARG C 349 -19.03 -12.68 15.34
N GLY C 350 -19.48 -13.91 15.54
CA GLY C 350 -18.77 -14.76 16.49
C GLY C 350 -19.39 -14.69 17.87
N ARG C 351 -18.56 -14.95 18.86
CA ARG C 351 -18.98 -15.06 20.23
C ARG C 351 -19.49 -13.75 20.87
N PRO C 352 -20.43 -13.86 21.84
CA PRO C 352 -21.07 -15.04 22.41
C PRO C 352 -22.20 -15.58 21.51
N LYS C 353 -22.76 -14.73 20.66
CA LYS C 353 -24.01 -15.15 19.99
C LYS C 353 -23.90 -16.31 19.02
N GLU C 354 -22.70 -16.53 18.49
CA GLU C 354 -22.43 -17.46 17.39
C GLU C 354 -21.22 -18.26 17.75
N SER C 355 -21.39 -19.32 18.53
CA SER C 355 -20.22 -19.99 19.15
C SER C 355 -19.78 -21.30 18.47
N SER C 356 -20.19 -21.47 17.22
CA SER C 356 -19.56 -22.45 16.36
C SER C 356 -18.17 -21.97 15.90
N VAL C 357 -17.82 -20.70 16.20
CA VAL C 357 -16.45 -20.16 15.97
C VAL C 357 -15.76 -19.77 17.31
N LEU C 358 -14.43 -19.65 17.30
CA LEU C 358 -13.64 -19.43 18.52
C LEU C 358 -13.31 -17.91 18.73
N TRP C 359 -13.70 -17.09 17.77
CA TRP C 359 -13.37 -15.65 17.71
C TRP C 359 -14.63 -14.75 17.82
N THR C 360 -14.39 -13.46 18.05
CA THR C 360 -15.36 -12.42 18.02
C THR C 360 -14.76 -11.32 17.23
N SER C 361 -15.54 -10.84 16.26
CA SER C 361 -15.11 -9.71 15.47
C SER C 361 -16.32 -8.92 15.03
N ASN C 362 -16.13 -8.04 14.04
CA ASN C 362 -17.20 -7.22 13.51
C ASN C 362 -16.86 -6.72 12.10
N SER C 363 -17.90 -6.21 11.44
CA SER C 363 -17.76 -5.41 10.25
C SER C 363 -18.42 -4.09 10.59
N ILE C 364 -18.44 -3.14 9.65
CA ILE C 364 -18.99 -1.82 9.89
C ILE C 364 -20.00 -1.41 8.80
N VAL C 365 -21.09 -0.72 9.18
CA VAL C 365 -21.91 0.09 8.26
C VAL C 365 -22.07 1.52 8.80
N ALA C 366 -22.09 2.53 7.92
CA ALA C 366 -22.29 3.89 8.36
C ALA C 366 -23.36 4.50 7.48
N LEU C 367 -24.19 5.38 8.06
CA LEU C 367 -25.22 6.11 7.24
C LEU C 367 -25.31 7.59 7.61
N CYS C 368 -25.69 8.47 6.69
CA CYS C 368 -25.91 9.88 7.04
C CYS C 368 -27.30 10.34 6.62
N GLY C 369 -27.76 11.45 7.17
CA GLY C 369 -29.13 11.85 6.93
C GLY C 369 -29.40 12.36 5.53
N SER C 370 -30.68 12.32 5.13
CA SER C 370 -31.16 12.96 3.89
C SER C 370 -32.38 13.83 4.21
N LYS C 371 -32.56 14.94 3.51
CA LYS C 371 -33.87 15.65 3.52
C LYS C 371 -34.98 14.86 2.74
N LYS C 372 -34.54 13.94 1.89
CA LYS C 372 -35.45 13.17 1.06
C LYS C 372 -36.12 11.98 1.81
N ARG C 373 -37.15 11.44 1.20
CA ARG C 373 -37.76 10.23 1.70
C ARG C 373 -37.21 9.11 0.87
N LEU C 374 -36.12 8.49 1.33
CA LEU C 374 -35.46 7.41 0.57
C LEU C 374 -35.83 6.04 1.09
N GLY C 375 -35.87 5.07 0.18
CA GLY C 375 -36.15 3.69 0.52
C GLY C 375 -34.97 3.10 1.25
N SER C 376 -35.14 1.93 1.84
CA SER C 376 -34.03 1.34 2.54
C SER C 376 -34.09 -0.17 2.47
N TRP C 377 -32.96 -0.81 2.76
CA TRP C 377 -32.93 -2.24 3.02
C TRP C 377 -31.98 -2.45 4.18
N SER C 378 -31.75 -3.71 4.55
CA SER C 378 -30.98 -4.08 5.69
C SER C 378 -29.55 -4.24 5.25
N TRP C 379 -28.67 -3.60 6.01
CA TRP C 379 -27.24 -3.56 5.79
C TRP C 379 -26.53 -4.48 6.80
N HIS C 380 -26.98 -5.73 6.83
CA HIS C 380 -26.37 -6.73 7.64
C HIS C 380 -24.92 -7.07 7.14
N ASP C 381 -24.22 -7.83 7.98
CA ASP C 381 -22.80 -8.09 7.82
C ASP C 381 -22.57 -8.88 6.50
N GLY C 382 -23.31 -9.98 6.33
CA GLY C 382 -23.43 -10.66 5.05
C GLY C 382 -22.56 -11.90 4.99
N ALA C 383 -21.85 -12.20 6.09
CA ALA C 383 -21.00 -13.36 6.09
C ALA C 383 -21.78 -14.61 6.49
N GLU C 384 -21.38 -15.77 5.96
CA GLU C 384 -21.97 -17.04 6.32
C GLU C 384 -21.12 -17.68 7.38
N ILE C 385 -21.66 -17.91 8.57
CA ILE C 385 -20.84 -18.50 9.63
C ILE C 385 -20.34 -19.91 9.31
N ILE C 386 -21.13 -20.68 8.54
CA ILE C 386 -20.78 -22.07 8.16
C ILE C 386 -19.40 -22.20 7.48
N TYR C 387 -19.01 -21.17 6.71
CA TYR C 387 -17.71 -21.03 6.07
C TYR C 387 -16.49 -20.97 7.00
N PHE C 388 -16.69 -20.57 8.27
CA PHE C 388 -15.63 -20.42 9.30
C PHE C 388 -15.59 -21.69 10.18
N GLU C 389 -16.49 -22.62 9.93
CA GLU C 389 -16.48 -23.86 10.70
C GLU C 389 -15.64 -24.90 9.92
N ARG D 1 13.34 22.98 6.62
CA ARG D 1 14.25 21.98 7.27
C ARG D 1 15.58 22.61 7.74
N THR D 2 16.06 22.22 8.94
CA THR D 2 17.40 22.60 9.47
C THR D 2 17.99 21.40 10.20
N PHE D 3 19.32 21.34 10.26
CA PHE D 3 19.99 20.40 11.09
C PHE D 3 19.54 20.37 12.53
N LEU D 4 19.34 19.16 13.06
CA LEU D 4 18.99 18.95 14.48
C LEU D 4 20.17 19.35 15.35
N ASN D 5 19.96 20.23 16.33
CA ASN D 5 20.96 20.51 17.37
C ASN D 5 20.50 20.09 18.73
N LEU D 6 21.40 19.43 19.46
CA LEU D 6 21.02 18.76 20.69
C LEU D 6 21.03 19.72 21.89
N THR D 7 20.19 20.74 21.84
CA THR D 7 20.28 21.82 22.83
C THR D 7 19.37 21.64 24.06
N LYS D 8 18.39 20.76 23.98
CA LYS D 8 17.46 20.52 25.09
C LYS D 8 18.06 19.54 26.10
N PRO D 9 17.65 19.63 27.39
CA PRO D 9 18.01 18.59 28.36
C PRO D 9 17.07 17.37 28.25
N LEU D 10 17.39 16.23 28.88
CA LEU D 10 16.46 15.06 28.93
C LEU D 10 15.28 15.47 29.78
N CYS D 11 14.08 14.94 29.47
CA CYS D 11 12.92 15.21 30.32
C CYS D 11 13.09 14.35 31.57
N GLU D 12 12.37 14.77 32.61
CA GLU D 12 12.32 14.02 33.85
C GLU D 12 11.48 12.79 33.60
N VAL D 13 11.87 11.64 34.16
CA VAL D 13 11.13 10.44 33.90
C VAL D 13 10.92 9.79 35.26
N ASN D 14 9.65 9.42 35.56
CA ASN D 14 9.27 8.76 36.79
C ASN D 14 8.55 7.49 36.51
N SER D 15 8.13 7.29 35.25
CA SER D 15 7.71 5.98 34.78
C SER D 15 7.74 5.99 33.25
N TRP D 16 7.20 4.92 32.65
CA TRP D 16 7.25 4.74 31.20
C TRP D 16 5.87 4.45 30.66
N HIS D 17 5.44 5.19 29.61
CA HIS D 17 4.16 4.97 28.95
C HIS D 17 4.35 4.07 27.70
N ILE D 18 3.29 3.43 27.22
CA ILE D 18 3.39 2.70 25.97
C ILE D 18 3.46 3.60 24.74
N LEU D 19 4.45 3.36 23.89
CA LEU D 19 4.52 4.11 22.60
C LEU D 19 3.95 3.30 21.44
N SER D 20 4.52 2.11 21.22
CA SER D 20 4.13 1.22 20.10
C SER D 20 4.36 -0.26 20.43
N LYS D 21 3.73 -1.13 19.66
CA LYS D 21 3.87 -2.58 19.76
C LYS D 21 3.36 -3.05 18.41
N ASP D 22 4.09 -3.93 17.73
CA ASP D 22 3.67 -4.31 16.40
C ASP D 22 2.97 -5.68 16.33
N ASN D 23 3.02 -6.47 17.42
CA ASN D 23 2.37 -7.79 17.44
C ASN D 23 2.71 -8.63 16.20
N ALA D 24 3.96 -8.52 15.75
CA ALA D 24 4.48 -9.11 14.49
C ALA D 24 4.41 -10.65 14.40
N ILE D 25 4.66 -11.34 15.52
CA ILE D 25 4.55 -12.85 15.53
C ILE D 25 3.08 -13.41 15.49
N ARG D 26 2.20 -12.87 16.33
CA ARG D 26 0.74 -13.10 16.31
C ARG D 26 0.16 -12.90 14.92
N ILE D 27 0.43 -11.71 14.37
CA ILE D 27 0.03 -11.33 12.99
C ILE D 27 0.74 -12.17 11.89
N GLY D 28 2.04 -12.46 12.05
CA GLY D 28 2.79 -13.22 11.06
C GLY D 28 2.46 -14.67 11.00
N GLU D 29 1.57 -15.13 11.89
CA GLU D 29 1.19 -16.56 11.94
C GLU D 29 0.29 -16.90 10.72
N ASP D 30 -0.37 -15.87 10.16
CA ASP D 30 -1.29 -15.93 8.99
C ASP D 30 -0.95 -14.91 7.81
N ALA D 31 -0.52 -13.70 8.17
CA ALA D 31 -0.46 -12.58 7.24
C ALA D 31 0.93 -12.64 6.72
N HIS D 32 1.38 -11.78 5.87
CA HIS D 32 2.67 -12.20 5.28
C HIS D 32 3.80 -11.44 5.93
N ILE D 33 4.25 -11.91 7.08
CA ILE D 33 5.20 -11.12 7.86
C ILE D 33 6.65 -11.60 7.76
N LEU D 34 7.54 -10.67 7.40
CA LEU D 34 8.96 -10.94 7.26
C LEU D 34 9.58 -11.43 8.55
N VAL D 35 10.48 -12.42 8.46
CA VAL D 35 11.33 -12.78 9.60
C VAL D 35 12.39 -11.65 9.77
N THR D 36 12.52 -11.15 10.99
CA THR D 36 13.42 -10.05 11.31
C THR D 36 14.25 -10.45 12.58
N ARG D 37 15.17 -9.57 12.97
CA ARG D 37 15.77 -9.56 14.30
C ARG D 37 16.59 -8.28 14.30
N GLU D 38 17.17 -7.95 15.47
CA GLU D 38 17.92 -6.71 15.66
C GLU D 38 17.10 -5.41 15.25
N PRO D 39 15.88 -5.26 15.82
CA PRO D 39 14.97 -4.15 15.51
C PRO D 39 15.37 -2.92 16.31
N TYR D 40 14.80 -1.80 15.95
CA TYR D 40 14.94 -0.59 16.68
C TYR D 40 13.94 0.46 16.19
N LEU D 41 13.99 1.67 16.72
CA LEU D 41 13.16 2.76 16.16
C LEU D 41 14.00 3.98 15.97
N SER D 42 13.50 4.87 15.12
CA SER D 42 14.21 6.09 14.79
C SER D 42 13.21 7.08 14.20
N CYS D 43 13.33 8.34 14.63
CA CYS D 43 12.38 9.41 14.24
C CYS D 43 13.03 10.46 13.32
N ASP D 44 12.20 11.31 12.76
CA ASP D 44 12.64 12.41 11.89
C ASP D 44 11.57 13.48 12.14
N PRO D 45 11.68 14.66 11.51
CA PRO D 45 10.63 15.69 11.68
C PRO D 45 9.20 15.29 11.50
N GLN D 46 8.90 14.31 10.65
CA GLN D 46 7.52 13.85 10.40
C GLN D 46 6.94 12.80 11.37
N GLY D 47 7.78 12.01 12.03
CA GLY D 47 7.32 11.06 13.02
C GLY D 47 8.37 10.00 13.33
N CYS D 48 7.96 8.80 13.73
CA CYS D 48 8.87 7.71 13.99
C CYS D 48 8.50 6.48 13.20
N ARG D 49 9.54 5.71 12.92
CA ARG D 49 9.47 4.51 12.14
C ARG D 49 10.14 3.37 12.89
N MET D 50 9.69 2.15 12.63
CA MET D 50 10.31 0.92 13.13
C MET D 50 11.28 0.41 12.09
N PHE D 51 12.41 -0.20 12.52
CA PHE D 51 13.51 -0.67 11.66
C PHE D 51 13.88 -2.05 12.14
N ALA D 52 14.39 -2.89 11.23
CA ALA D 52 14.94 -4.16 11.63
C ALA D 52 15.75 -4.83 10.48
N LEU D 53 16.49 -5.87 10.85
CA LEU D 53 17.24 -6.64 9.86
C LEU D 53 16.35 -7.77 9.38
N SER D 54 15.80 -7.63 8.15
CA SER D 54 15.02 -8.70 7.55
C SER D 54 15.91 -9.94 7.28
N GLN D 55 15.31 -11.13 7.31
CA GLN D 55 15.98 -12.37 6.83
C GLN D 55 15.60 -12.81 5.39
N GLY D 56 14.87 -11.97 4.67
CA GLY D 56 14.58 -12.19 3.26
C GLY D 56 13.67 -13.36 3.02
N THR D 57 12.79 -13.56 3.99
CA THR D 57 11.76 -14.57 4.01
C THR D 57 10.67 -14.11 4.95
N THR D 58 9.47 -14.63 4.72
CA THR D 58 8.37 -14.38 5.66
C THR D 58 8.36 -15.51 6.73
N LEU D 59 7.66 -15.27 7.83
CA LEU D 59 7.62 -16.17 8.98
C LEU D 59 7.00 -17.56 8.71
N ARG D 60 5.86 -17.61 8.03
CA ARG D 60 5.27 -18.93 7.60
C ARG D 60 5.93 -19.57 6.38
N GLY D 61 6.86 -18.87 5.70
CA GLY D 61 7.55 -19.39 4.51
C GLY D 61 8.46 -20.54 4.87
N ARG D 62 8.70 -21.47 3.96
CA ARG D 62 9.63 -22.57 4.20
C ARG D 62 11.09 -22.10 4.47
N HIS D 63 11.44 -20.93 3.92
CA HIS D 63 12.76 -20.28 4.09
C HIS D 63 13.02 -19.67 5.51
N ALA D 64 12.00 -19.66 6.34
CA ALA D 64 12.12 -19.25 7.74
C ALA D 64 12.97 -20.29 8.51
N ASN D 65 13.03 -21.52 8.00
CA ASN D 65 13.94 -22.58 8.46
C ASN D 65 15.41 -22.08 8.36
N GLY D 66 16.10 -22.01 9.51
CA GLY D 66 17.52 -21.68 9.55
C GLY D 66 17.73 -20.21 9.92
N THR D 67 16.64 -19.51 10.26
CA THR D 67 16.80 -18.08 10.50
C THR D 67 17.45 -17.71 11.84
N ILE D 68 17.90 -18.69 12.64
CA ILE D 68 18.74 -18.36 13.79
C ILE D 68 20.06 -17.70 13.33
N HIS D 69 20.53 -18.12 12.15
CA HIS D 69 21.79 -17.70 11.54
C HIS D 69 21.79 -16.17 11.32
N ASP D 70 22.90 -15.52 11.73
CA ASP D 70 23.02 -14.07 11.87
C ASP D 70 23.36 -13.33 10.58
N ARG D 71 24.06 -13.97 9.67
CA ARG D 71 24.59 -13.24 8.55
C ARG D 71 24.35 -14.06 7.31
N SER D 72 23.82 -13.41 6.29
CA SER D 72 23.58 -14.07 5.00
C SER D 72 23.48 -12.96 3.98
N PRO D 73 23.50 -13.36 2.66
CA PRO D 73 23.30 -12.34 1.63
C PRO D 73 21.84 -11.96 1.46
N PHE D 74 20.95 -12.60 2.22
CA PHE D 74 19.52 -12.36 2.06
C PHE D 74 18.93 -11.42 3.10
N ARG D 75 19.81 -10.81 3.90
CA ARG D 75 19.42 -9.81 4.93
C ARG D 75 19.50 -8.33 4.47
N ALA D 76 18.58 -7.48 4.93
CA ALA D 76 18.58 -6.09 4.53
C ALA D 76 18.03 -5.29 5.73
N LEU D 77 18.52 -4.09 5.95
CA LEU D 77 17.79 -3.14 6.83
C LEU D 77 16.52 -2.61 6.16
N ILE D 78 15.39 -2.83 6.84
CA ILE D 78 14.02 -2.44 6.45
C ILE D 78 13.46 -1.47 7.48
N SER D 79 12.71 -0.48 7.04
CA SER D 79 12.03 0.42 7.96
C SER D 79 10.58 0.49 7.51
N TRP D 80 9.67 0.70 8.46
CA TRP D 80 8.21 0.81 8.18
C TRP D 80 7.51 1.75 9.18
N GLU D 81 6.26 2.11 8.92
CA GLU D 81 5.57 3.06 9.80
C GLU D 81 5.35 2.45 11.20
N MET D 82 5.68 3.22 12.24
CA MET D 82 5.63 2.70 13.64
C MET D 82 4.28 2.03 14.01
N GLY D 83 4.33 0.81 14.53
CA GLY D 83 3.20 0.08 15.04
C GLY D 83 2.60 -0.91 14.06
N GLN D 84 2.81 -0.68 12.76
CA GLN D 84 2.62 -1.73 11.74
C GLN D 84 3.56 -2.91 11.95
N ALA D 85 3.09 -4.13 11.59
CA ALA D 85 4.00 -5.26 11.42
C ALA D 85 4.70 -5.22 10.06
N PRO D 86 5.96 -5.68 9.99
CA PRO D 86 6.75 -5.60 8.73
C PRO D 86 6.42 -6.71 7.72
N SER D 87 5.66 -6.42 6.69
CA SER D 87 5.38 -7.44 5.67
C SER D 87 6.14 -7.05 4.36
N PRO D 88 6.08 -7.86 3.30
CA PRO D 88 6.69 -7.42 2.05
C PRO D 88 6.02 -6.16 1.39
N TYR D 89 4.88 -5.76 1.88
CA TYR D 89 4.07 -4.77 1.21
C TYR D 89 4.28 -3.37 1.83
N ASN D 90 4.91 -3.28 2.99
CA ASN D 90 4.89 -1.99 3.69
C ASN D 90 6.27 -1.51 4.18
N THR D 91 7.32 -2.18 3.72
CA THR D 91 8.65 -1.94 4.32
C THR D 91 9.54 -1.31 3.22
N ARG D 92 10.34 -0.30 3.57
CA ARG D 92 11.31 0.31 2.66
C ARG D 92 12.61 -0.40 2.95
N VAL D 93 13.32 -0.80 1.89
CA VAL D 93 14.68 -1.34 2.05
C VAL D 93 15.63 -0.12 2.21
N GLU D 94 16.33 -0.06 3.36
CA GLU D 94 17.22 1.06 3.68
C GLU D 94 18.62 0.88 3.10
N CYS D 95 19.10 -0.37 3.18
CA CYS D 95 20.37 -0.86 2.69
C CYS D 95 20.41 -2.37 2.84
N ILE D 96 21.48 -2.97 2.29
CA ILE D 96 21.66 -4.41 2.25
C ILE D 96 22.78 -4.84 3.21
N GLY D 97 22.44 -5.72 4.11
CA GLY D 97 23.43 -6.25 5.05
C GLY D 97 22.88 -6.85 6.33
N TRP D 98 23.77 -7.16 7.26
CA TRP D 98 23.39 -7.91 8.47
C TRP D 98 23.85 -7.24 9.78
N SER D 99 24.16 -5.93 9.66
CA SER D 99 24.47 -5.02 10.76
C SER D 99 24.17 -3.66 10.27
N SER D 100 23.42 -2.90 11.06
CA SER D 100 22.99 -1.58 10.64
C SER D 100 23.08 -0.50 11.74
N THR D 101 22.91 0.76 11.32
CA THR D 101 22.54 1.87 12.18
C THR D 101 21.81 2.83 11.24
N SER D 102 21.06 3.77 11.83
CA SER D 102 20.32 4.77 11.05
C SER D 102 19.92 5.94 11.96
N CYS D 103 19.94 7.15 11.41
CA CYS D 103 19.53 8.36 12.09
C CYS D 103 19.30 9.48 11.08
N HIS D 104 18.40 10.39 11.42
CA HIS D 104 18.05 11.54 10.66
C HIS D 104 18.72 12.77 11.27
N ASP D 105 19.29 13.62 10.40
CA ASP D 105 20.06 14.78 10.91
C ASP D 105 19.26 16.09 10.97
N GLY D 106 17.95 15.99 10.73
CA GLY D 106 17.07 17.16 10.63
C GLY D 106 16.78 17.52 9.17
N MET D 107 17.69 17.12 8.27
CA MET D 107 17.44 17.27 6.83
C MET D 107 17.12 15.97 6.07
N SER D 108 17.93 14.92 6.29
CA SER D 108 17.74 13.65 5.61
C SER D 108 18.24 12.55 6.53
N ARG D 109 17.81 11.32 6.21
CA ARG D 109 18.20 10.15 6.99
C ARG D 109 19.45 9.48 6.41
N MET D 110 20.41 9.26 7.30
CA MET D 110 21.56 8.43 7.03
C MET D 110 21.34 6.98 7.49
N SER D 111 21.54 5.97 6.59
CA SER D 111 21.51 4.55 6.99
C SER D 111 22.83 3.87 6.62
N ILE D 112 23.29 2.94 7.46
CA ILE D 112 24.56 2.21 7.25
C ILE D 112 24.31 0.69 7.49
N CYS D 113 24.69 -0.12 6.49
CA CYS D 113 24.68 -1.58 6.54
C CYS D 113 26.05 -2.15 6.17
N MET D 114 26.48 -3.13 6.97
CA MET D 114 27.54 -4.07 6.67
C MET D 114 27.03 -5.38 5.99
N SER D 115 27.76 -5.83 4.98
CA SER D 115 27.53 -7.12 4.30
C SER D 115 28.89 -7.69 3.93
N GLY D 116 28.92 -8.96 3.55
CA GLY D 116 30.16 -9.65 3.12
C GLY D 116 30.47 -10.88 3.95
N PRO D 117 31.58 -11.58 3.63
CA PRO D 117 31.98 -12.72 4.43
C PRO D 117 32.71 -12.22 5.67
N ASN D 118 32.84 -13.07 6.68
CA ASN D 118 33.47 -12.65 7.94
C ASN D 118 34.77 -11.85 7.80
N ASN D 119 35.60 -12.25 6.83
CA ASN D 119 36.97 -11.73 6.75
C ASN D 119 37.10 -10.59 5.73
N ASN D 120 35.96 -10.01 5.32
CA ASN D 120 35.93 -9.13 4.14
C ASN D 120 34.65 -8.34 4.01
N ALA D 121 34.07 -7.97 5.16
CA ALA D 121 32.78 -7.26 5.19
C ALA D 121 33.07 -5.81 4.79
N SER D 122 32.03 -5.10 4.33
CA SER D 122 32.09 -3.67 4.13
C SER D 122 30.84 -2.96 4.64
N ALA D 123 30.98 -1.68 5.00
CA ALA D 123 29.86 -0.76 5.21
C ALA D 123 29.55 0.04 3.93
N VAL D 124 28.26 0.13 3.58
CA VAL D 124 27.82 1.21 2.70
C VAL D 124 26.95 2.16 3.55
N VAL D 125 27.29 3.46 3.47
CA VAL D 125 26.65 4.61 4.13
C VAL D 125 25.76 5.32 3.08
N TRP D 126 24.45 5.40 3.38
CA TRP D 126 23.42 6.06 2.54
C TRP D 126 22.99 7.36 3.21
N TYR D 127 22.74 8.39 2.41
CA TYR D 127 22.15 9.64 2.89
C TYR D 127 21.10 10.19 1.88
N GLY D 128 19.88 10.52 2.36
CA GLY D 128 18.75 10.78 1.44
C GLY D 128 18.35 9.58 0.54
N GLY D 129 18.62 8.36 1.01
CA GLY D 129 18.25 7.13 0.30
C GLY D 129 19.10 6.82 -0.93
N ARG D 130 20.37 7.29 -0.93
CA ARG D 130 21.28 7.11 -2.04
C ARG D 130 22.63 6.76 -1.42
N PRO D 131 23.43 5.93 -2.11
CA PRO D 131 24.69 5.53 -1.44
C PRO D 131 25.75 6.64 -1.58
N ILE D 132 26.56 6.85 -0.55
CA ILE D 132 27.45 8.01 -0.49
C ILE D 132 28.90 7.54 -0.30
N THR D 133 29.13 6.71 0.73
CA THR D 133 30.43 6.21 1.10
C THR D 133 30.47 4.69 1.36
N GLU D 134 31.65 4.11 1.08
CA GLU D 134 31.91 2.72 1.42
C GLU D 134 33.14 2.64 2.34
N ILE D 135 33.08 1.73 3.32
CA ILE D 135 34.18 1.57 4.23
C ILE D 135 34.50 0.11 4.33
N PRO D 136 35.73 -0.29 3.90
CA PRO D 136 36.10 -1.73 4.10
C PRO D 136 36.56 -2.15 5.50
N SER D 137 36.30 -3.41 5.88
CA SER D 137 36.84 -4.02 7.09
C SER D 137 38.35 -3.68 7.35
N TRP D 138 38.64 -3.16 8.56
CA TRP D 138 40.00 -2.83 9.00
C TRP D 138 40.72 -3.93 9.75
N ALA D 139 39.99 -4.95 10.21
CA ALA D 139 40.58 -6.02 11.02
C ALA D 139 40.14 -7.42 10.58
N GLY D 140 39.42 -7.47 9.46
CA GLY D 140 39.11 -8.79 8.81
C GLY D 140 38.29 -9.74 9.70
N ASN D 141 37.50 -9.16 10.61
CA ASN D 141 36.65 -9.94 11.48
C ASN D 141 35.29 -9.30 11.83
N ILE D 142 34.39 -9.29 10.84
CA ILE D 142 32.96 -9.01 10.99
C ILE D 142 32.78 -7.58 11.43
N LEU D 143 33.17 -6.69 10.52
CA LEU D 143 32.88 -5.26 10.61
C LEU D 143 31.39 -5.10 10.96
N ARG D 144 31.09 -4.35 12.03
CA ARG D 144 29.74 -4.34 12.61
C ARG D 144 29.50 -3.06 13.41
N THR D 145 28.21 -2.74 13.62
CA THR D 145 27.82 -1.49 14.26
C THR D 145 26.69 -1.59 15.30
N GLN D 146 26.00 -0.47 15.45
CA GLN D 146 25.17 -0.23 16.62
C GLN D 146 23.96 -1.15 16.75
N GLU D 147 23.26 -1.42 15.64
CA GLU D 147 21.95 -2.15 15.65
C GLU D 147 20.84 -1.41 16.42
N SER D 148 21.01 -0.10 16.54
CA SER D 148 19.96 0.84 16.95
C SER D 148 20.38 2.19 16.37
N GLU D 149 19.56 3.23 16.60
CA GLU D 149 19.82 4.54 15.96
C GLU D 149 21.13 5.28 16.40
N CYS D 150 21.76 5.99 15.45
CA CYS D 150 22.80 7.00 15.72
C CYS D 150 22.21 8.39 16.06
N VAL D 151 22.99 9.40 16.41
CA VAL D 151 22.40 10.70 16.86
C VAL D 151 23.13 11.75 16.10
N CYS D 152 22.43 12.82 15.69
CA CYS D 152 23.12 13.92 15.01
C CYS D 152 23.04 15.24 15.75
N HIS D 153 24.06 16.04 15.52
CA HIS D 153 24.18 17.38 16.03
C HIS D 153 24.86 18.39 15.05
N LYS D 154 24.11 19.39 14.57
CA LYS D 154 24.59 20.33 13.54
C LYS D 154 25.08 19.59 12.29
N GLY D 155 24.35 18.54 11.92
CA GLY D 155 24.74 17.68 10.81
C GLY D 155 25.85 16.65 11.01
N VAL D 156 26.47 16.59 12.16
CA VAL D 156 27.47 15.59 12.47
C VAL D 156 26.88 14.46 13.25
N CYS D 157 26.98 13.26 12.65
CA CYS D 157 26.35 12.08 13.15
C CYS D 157 27.43 11.07 13.53
N PRO D 158 27.78 10.96 14.84
CA PRO D 158 28.81 9.92 15.06
C PRO D 158 28.26 8.52 15.05
N VAL D 159 29.12 7.56 14.64
CA VAL D 159 28.77 6.13 14.66
C VAL D 159 29.87 5.28 15.28
N VAL D 160 29.48 4.38 16.20
CA VAL D 160 30.36 3.38 16.75
C VAL D 160 30.34 2.01 15.98
N MET D 161 31.54 1.60 15.54
CA MET D 161 31.77 0.39 14.78
C MET D 161 32.91 -0.41 15.39
N THR D 162 32.80 -1.72 15.24
CA THR D 162 33.80 -2.57 15.76
C THR D 162 34.15 -3.57 14.66
N ASP D 163 35.41 -4.02 14.65
CA ASP D 163 35.95 -5.03 13.74
C ASP D 163 37.02 -5.77 14.58
N GLY D 164 36.95 -7.11 14.64
CA GLY D 164 37.86 -7.89 15.50
C GLY D 164 37.06 -8.87 16.36
N PRO D 165 37.74 -9.74 17.17
CA PRO D 165 37.05 -10.82 17.97
C PRO D 165 35.81 -10.41 18.79
N ALA D 166 34.85 -11.30 18.81
CA ALA D 166 33.74 -11.28 19.76
C ALA D 166 34.17 -11.63 21.18
N ASN D 167 35.24 -12.39 21.32
CA ASN D 167 35.67 -12.95 22.61
C ASN D 167 37.07 -12.46 23.11
N ASN D 168 37.53 -11.31 22.62
CA ASN D 168 38.87 -10.82 22.90
C ASN D 168 38.99 -9.35 22.49
N ARG D 169 40.13 -8.71 22.76
CA ARG D 169 40.34 -7.31 22.31
C ARG D 169 40.00 -7.09 20.82
N ALA D 170 39.17 -6.09 20.51
CA ALA D 170 38.90 -5.75 19.11
C ALA D 170 39.31 -4.30 18.78
N ALA D 171 39.18 -3.94 17.50
CA ALA D 171 39.38 -2.58 17.04
C ALA D 171 38.04 -1.76 16.78
N THR D 172 37.63 -1.00 17.79
CA THR D 172 36.54 -0.08 17.70
C THR D 172 37.01 1.28 17.11
N LYS D 173 36.14 1.87 16.27
CA LYS D 173 36.31 3.25 15.80
C LYS D 173 35.08 4.13 16.01
N ILE D 174 35.28 5.44 16.16
CA ILE D 174 34.15 6.36 16.13
C ILE D 174 34.25 7.14 14.82
N ILE D 175 33.25 6.94 13.96
CA ILE D 175 33.22 7.65 12.67
C ILE D 175 32.26 8.84 12.69
N TYR D 176 32.75 10.00 12.29
CA TYR D 176 31.93 11.22 12.22
C TYR D 176 31.50 11.50 10.82
N PHE D 177 30.19 11.39 10.62
CA PHE D 177 29.55 11.57 9.35
C PHE D 177 28.82 12.91 9.21
N LYS D 178 28.75 13.43 7.99
CA LYS D 178 27.90 14.59 7.70
C LYS D 178 27.51 14.49 6.25
N GLU D 179 26.25 14.12 6.04
CA GLU D 179 25.67 13.95 4.69
C GLU D 179 26.29 12.73 3.99
N GLY D 180 26.61 11.73 4.82
CA GLY D 180 27.10 10.44 4.34
C GLY D 180 28.60 10.42 4.20
N LYS D 181 29.24 11.60 4.24
CA LYS D 181 30.72 11.75 4.05
C LYS D 181 31.49 11.70 5.42
N ILE D 182 32.68 11.12 5.41
CA ILE D 182 33.45 10.91 6.63
C ILE D 182 34.15 12.24 6.90
N GLN D 183 33.98 12.77 8.12
CA GLN D 183 34.65 14.03 8.56
C GLN D 183 35.88 13.70 9.40
N LYS D 184 35.78 12.66 10.21
CA LYS D 184 36.92 12.22 11.05
C LYS D 184 36.66 10.79 11.39
N ILE D 185 37.73 10.08 11.71
CA ILE D 185 37.70 8.72 12.26
C ILE D 185 38.57 8.76 13.52
N GLU D 186 38.09 8.22 14.66
CA GLU D 186 38.93 8.10 15.89
C GLU D 186 38.96 6.67 16.31
N GLU D 187 40.08 6.19 16.80
CA GLU D 187 40.14 4.88 17.40
C GLU D 187 39.61 4.96 18.79
N LEU D 188 39.07 3.87 19.29
CA LEU D 188 38.53 3.93 20.63
C LEU D 188 39.63 4.25 21.70
N ALA D 189 39.33 5.18 22.61
CA ALA D 189 40.21 5.49 23.71
C ALA D 189 39.50 5.33 25.07
N GLY D 190 40.30 5.39 26.14
CA GLY D 190 39.85 5.17 27.52
C GLY D 190 39.74 3.73 28.02
N ASN D 191 38.85 3.50 29.00
CA ASN D 191 38.83 2.34 29.88
C ASN D 191 37.92 1.13 29.45
N ALA D 192 37.02 1.33 28.48
CA ALA D 192 36.16 0.26 27.96
C ALA D 192 37.07 -0.70 27.27
N GLN D 193 36.99 -1.97 27.66
CA GLN D 193 37.88 -3.01 27.15
C GLN D 193 37.36 -3.69 25.86
N HIS D 194 36.06 -3.56 25.62
CA HIS D 194 35.40 -4.12 24.44
C HIS D 194 34.10 -3.35 24.24
N ILE D 195 33.75 -3.12 22.97
CA ILE D 195 32.63 -2.27 22.63
C ILE D 195 31.90 -2.93 21.49
N GLU D 196 30.60 -3.12 21.69
CA GLU D 196 29.74 -3.55 20.60
C GLU D 196 28.39 -2.93 20.78
N GLU D 197 27.62 -2.87 19.68
CA GLU D 197 26.17 -2.63 19.74
C GLU D 197 25.75 -1.48 20.66
N CYS D 198 26.34 -0.31 20.40
CA CYS D 198 26.06 0.90 21.22
C CYS D 198 24.65 1.46 21.02
N SER D 199 23.98 1.71 22.17
CA SER D 199 22.67 2.46 22.17
C SER D 199 22.94 3.88 22.59
N CYS D 200 22.71 4.84 21.66
CA CYS D 200 23.20 6.23 21.88
C CYS D 200 22.04 7.19 21.89
N TYR D 201 22.15 8.24 22.69
CA TYR D 201 21.19 9.36 22.70
C TYR D 201 21.93 10.72 22.98
N GLY D 202 21.35 11.84 22.58
CA GLY D 202 21.92 13.14 22.90
C GLY D 202 21.01 14.01 23.79
N ALA D 203 21.62 14.77 24.68
CA ALA D 203 20.91 15.72 25.53
C ALA D 203 21.99 16.76 25.84
N GLY D 204 21.60 18.04 25.86
CA GLY D 204 22.54 19.17 26.14
C GLY D 204 23.93 19.10 25.50
N GLY D 205 23.99 18.94 24.17
CA GLY D 205 25.26 19.01 23.40
C GLY D 205 26.26 17.86 23.55
N VAL D 206 25.88 16.81 24.29
CA VAL D 206 26.73 15.65 24.58
C VAL D 206 25.92 14.42 24.16
N ILE D 207 26.61 13.46 23.55
CA ILE D 207 26.02 12.18 23.12
C ILE D 207 26.57 11.09 24.01
N LYS D 208 25.70 10.28 24.58
CA LYS D 208 26.13 9.14 25.36
C LYS D 208 25.80 7.81 24.68
N CYS D 209 26.77 6.92 24.58
CA CYS D 209 26.57 5.58 24.06
C CYS D 209 26.74 4.53 25.11
N ILE D 210 25.71 3.71 25.27
CA ILE D 210 25.69 2.60 26.25
C ILE D 210 25.76 1.30 25.48
N CYS D 211 26.86 0.57 25.69
CA CYS D 211 27.27 -0.42 24.74
C CYS D 211 27.36 -1.82 25.35
N ARG D 212 27.78 -2.78 24.56
CA ARG D 212 27.91 -4.16 25.03
C ARG D 212 29.42 -4.55 25.07
N ASP D 213 29.90 -5.04 26.22
CA ASP D 213 31.27 -5.57 26.33
C ASP D 213 31.06 -7.07 26.24
N ASN D 214 31.54 -7.72 25.17
CA ASN D 214 31.26 -9.11 24.94
C ASN D 214 32.41 -9.93 25.46
N TRP D 215 33.44 -9.24 25.89
CA TRP D 215 34.71 -9.90 26.24
C TRP D 215 34.76 -10.19 27.74
N LYS D 216 34.63 -9.10 28.54
CA LYS D 216 34.71 -9.18 30.00
C LYS D 216 33.47 -8.72 30.83
N GLY D 217 33.09 -7.44 30.78
CA GLY D 217 32.16 -6.90 31.76
C GLY D 217 30.72 -7.40 31.62
N ALA D 218 30.09 -7.77 32.75
CA ALA D 218 28.63 -7.72 32.90
C ALA D 218 28.20 -6.28 33.25
N ASN D 219 29.16 -5.39 33.52
CA ASN D 219 28.76 -3.93 33.51
C ASN D 219 28.77 -3.46 32.07
N ARG D 220 28.01 -2.43 31.74
CA ARG D 220 28.05 -1.94 30.36
C ARG D 220 29.05 -0.80 30.19
N PRO D 221 29.86 -0.82 29.11
CA PRO D 221 30.63 0.38 28.75
C PRO D 221 29.81 1.63 28.33
N VAL D 222 30.39 2.81 28.59
CA VAL D 222 29.80 4.07 28.26
C VAL D 222 30.85 4.89 27.52
N ILE D 223 30.54 5.27 26.28
CA ILE D 223 31.31 6.23 25.49
C ILE D 223 30.61 7.59 25.50
N THR D 224 31.34 8.64 25.86
CA THR D 224 30.82 10.03 25.78
C THR D 224 31.43 10.81 24.63
N ILE D 225 30.56 11.27 23.75
CA ILE D 225 30.99 11.94 22.56
C ILE D 225 30.58 13.40 22.57
N ASP D 226 31.58 14.21 22.26
CA ASP D 226 31.44 15.61 21.91
C ASP D 226 31.29 15.72 20.36
N PRO D 227 30.06 16.00 19.87
CA PRO D 227 29.92 15.88 18.43
C PRO D 227 30.51 17.08 17.74
N GLU D 228 30.93 18.08 18.52
CA GLU D 228 31.41 19.34 17.93
C GLU D 228 32.92 19.32 17.73
N MET D 229 33.63 19.10 18.82
CA MET D 229 35.06 18.83 18.81
C MET D 229 35.40 17.51 18.07
N MET D 230 34.44 16.58 17.99
CA MET D 230 34.63 15.23 17.45
C MET D 230 35.68 14.45 18.25
N THR D 231 35.47 14.45 19.56
CA THR D 231 36.28 13.68 20.51
C THR D 231 35.36 12.89 21.45
N HIS D 232 35.93 11.87 22.10
CA HIS D 232 35.21 11.00 23.01
C HIS D 232 36.13 10.60 24.18
N THR D 233 35.50 10.11 25.25
CA THR D 233 36.12 9.33 26.32
C THR D 233 35.26 8.05 26.50
N SER D 234 35.77 7.07 27.23
CA SER D 234 35.00 5.89 27.56
C SER D 234 35.41 5.35 28.94
N LYS D 235 34.46 4.81 29.67
CA LYS D 235 34.76 4.04 30.91
C LYS D 235 33.64 3.01 31.06
N TYR D 236 33.32 2.58 32.29
CA TYR D 236 32.19 1.71 32.46
C TYR D 236 31.14 2.47 33.24
N LEU D 237 29.90 2.01 33.12
CA LEU D 237 28.83 2.43 34.00
C LEU D 237 29.28 2.09 35.41
N CYS D 238 29.28 3.10 36.28
CA CYS D 238 29.82 2.90 37.65
C CYS D 238 28.96 2.02 38.54
N SER D 239 27.66 2.01 38.33
CA SER D 239 26.75 1.41 39.26
C SER D 239 27.00 -0.05 39.49
N LYS D 240 26.74 -0.52 40.72
CA LYS D 240 26.76 -1.92 41.14
C LYS D 240 25.60 -2.73 40.52
N VAL D 241 24.55 -2.05 40.04
CA VAL D 241 23.43 -2.70 39.40
C VAL D 241 23.89 -3.10 37.97
N LEU D 242 24.20 -4.40 37.76
CA LEU D 242 24.85 -4.90 36.52
C LEU D 242 23.75 -5.11 35.48
N THR D 243 23.96 -4.61 34.25
CA THR D 243 22.86 -4.64 33.25
C THR D 243 23.05 -5.49 32.00
N ASP D 244 24.15 -6.24 31.89
CA ASP D 244 24.38 -7.04 30.74
C ASP D 244 23.78 -8.36 31.05
N THR D 245 23.71 -9.23 30.05
CA THR D 245 23.10 -10.51 30.25
C THR D 245 24.02 -11.59 29.74
N SER D 246 23.85 -12.69 30.46
CA SER D 246 24.73 -13.29 31.39
C SER D 246 25.57 -12.36 32.20
N ARG D 247 25.26 -12.33 33.50
CA ARG D 247 25.87 -11.42 34.50
C ARG D 247 25.78 -12.16 35.86
N PRO D 248 26.72 -11.85 36.81
CA PRO D 248 26.56 -12.47 38.15
C PRO D 248 25.60 -11.60 39.00
N ASN D 249 25.37 -12.01 40.25
CA ASN D 249 24.66 -11.17 41.21
C ASN D 249 25.30 -9.80 41.24
N ASP D 250 24.50 -8.78 41.57
CA ASP D 250 25.01 -7.43 41.75
C ASP D 250 26.00 -7.41 42.91
N PRO D 251 27.19 -6.84 42.69
CA PRO D 251 28.12 -6.85 43.79
C PRO D 251 27.84 -5.71 44.79
N THR D 252 28.60 -5.63 45.88
CA THR D 252 28.48 -4.52 46.82
C THR D 252 28.82 -3.17 46.15
N ASN D 253 29.91 -3.14 45.39
CA ASN D 253 30.27 -1.94 44.59
C ASN D 253 30.44 -2.21 43.11
N GLY D 254 30.08 -1.25 42.28
CA GLY D 254 30.48 -1.28 40.89
C GLY D 254 31.94 -0.89 40.65
N ASN D 255 32.28 -0.61 39.39
CA ASN D 255 33.58 -0.18 38.98
C ASN D 255 33.41 0.73 37.77
N CYS D 256 33.79 2.00 37.92
CA CYS D 256 33.78 2.96 36.82
C CYS D 256 34.79 2.67 35.70
N ASP D 257 35.90 2.00 36.05
CA ASP D 257 37.06 2.01 35.16
C ASP D 257 37.57 0.65 34.75
N ALA D 258 36.82 -0.40 35.07
CA ALA D 258 37.19 -1.76 34.72
C ALA D 258 35.94 -2.67 34.71
N PRO D 259 36.01 -3.77 33.94
CA PRO D 259 34.82 -4.62 33.89
C PRO D 259 34.59 -5.44 35.15
N ILE D 260 33.32 -5.62 35.51
CA ILE D 260 32.93 -6.65 36.48
C ILE D 260 32.56 -7.94 35.77
N THR D 261 33.36 -8.97 35.99
CA THR D 261 33.18 -10.24 35.31
C THR D 261 32.31 -11.24 36.03
N GLY D 262 31.97 -12.30 35.29
CA GLY D 262 31.18 -13.42 35.81
C GLY D 262 29.88 -13.52 35.02
N GLY D 263 28.99 -14.35 35.50
CA GLY D 263 27.76 -14.70 34.79
C GLY D 263 27.97 -15.93 33.91
N SER D 264 26.89 -16.62 33.60
CA SER D 264 26.91 -17.69 32.61
C SER D 264 25.46 -17.94 32.09
N PRO D 265 25.28 -18.45 30.84
CA PRO D 265 26.35 -18.94 29.98
C PRO D 265 26.83 -17.99 28.88
N ASP D 266 26.20 -16.82 28.72
CA ASP D 266 26.35 -15.99 27.51
C ASP D 266 27.12 -14.72 27.78
N PRO D 267 27.98 -14.35 26.83
CA PRO D 267 28.85 -13.17 26.89
C PRO D 267 28.21 -11.77 26.88
N GLY D 268 26.99 -11.60 26.36
CA GLY D 268 26.45 -10.26 26.16
C GLY D 268 25.10 -10.15 25.47
N VAL D 269 24.45 -9.00 25.69
CA VAL D 269 23.23 -8.60 24.90
C VAL D 269 23.26 -7.07 24.63
N LYS D 270 22.68 -6.61 23.53
CA LYS D 270 22.61 -5.20 23.31
C LYS D 270 21.67 -4.65 24.39
N GLY D 271 21.97 -3.48 24.98
CA GLY D 271 21.10 -2.87 25.99
C GLY D 271 21.41 -1.39 25.98
N PHE D 272 20.97 -0.64 27.01
CA PHE D 272 20.92 0.85 26.99
C PHE D 272 20.72 1.40 28.40
N ALA D 273 20.90 2.70 28.58
CA ALA D 273 20.52 3.37 29.82
C ALA D 273 20.40 4.84 29.47
N PHE D 274 19.56 5.56 30.21
CA PHE D 274 19.58 7.03 30.16
C PHE D 274 20.34 7.46 31.40
N LEU D 275 21.32 8.35 31.24
CA LEU D 275 22.26 8.69 32.31
C LEU D 275 22.26 10.24 32.55
N ASP D 276 21.71 10.69 33.67
CA ASP D 276 21.47 12.14 33.85
C ASP D 276 21.32 12.52 35.35
N GLY D 277 22.35 12.25 36.17
CA GLY D 277 22.25 12.45 37.63
C GLY D 277 21.14 11.69 38.32
N GLU D 278 20.37 12.36 39.19
CA GLU D 278 19.17 11.73 39.82
C GLU D 278 18.22 11.04 38.79
N ASN D 279 18.14 11.62 37.58
CA ASN D 279 17.24 11.17 36.49
C ASN D 279 17.83 10.03 35.62
N SER D 280 18.31 8.98 36.28
CA SER D 280 19.00 7.90 35.54
C SER D 280 18.23 6.57 35.59
N TRP D 281 18.10 5.94 34.41
CA TRP D 281 17.32 4.67 34.26
C TRP D 281 18.10 3.65 33.50
N LEU D 282 18.17 2.46 34.10
CA LEU D 282 18.89 1.30 33.58
C LEU D 282 17.88 0.22 33.18
N GLY D 283 17.86 -0.15 31.91
CA GLY D 283 17.16 -1.37 31.59
C GLY D 283 18.04 -2.60 31.75
N ARG D 284 17.41 -3.74 31.95
CA ARG D 284 18.16 -5.03 31.84
C ARG D 284 17.13 -6.15 31.69
N THR D 285 17.56 -7.36 31.32
CA THR D 285 16.67 -8.51 31.37
C THR D 285 16.42 -8.86 32.85
N ILE D 286 15.22 -9.35 33.19
CA ILE D 286 14.94 -9.66 34.60
C ILE D 286 15.86 -10.78 35.03
N SER D 287 15.86 -11.89 34.25
CA SER D 287 16.82 -13.02 34.40
C SER D 287 18.25 -12.56 34.23
N LYS D 288 19.14 -13.00 35.12
CA LYS D 288 20.57 -12.70 35.05
C LYS D 288 21.29 -13.68 34.10
N ASP D 289 20.65 -14.84 33.84
CA ASP D 289 21.20 -15.85 32.93
C ASP D 289 20.75 -15.72 31.50
N SER D 290 19.43 -15.57 31.31
CA SER D 290 18.77 -15.57 29.97
C SER D 290 18.14 -14.26 29.53
N ARG D 291 17.76 -14.24 28.24
CA ARG D 291 17.13 -13.10 27.63
C ARG D 291 15.62 -13.15 27.88
N SER D 292 15.23 -13.21 29.17
CA SER D 292 13.81 -13.14 29.58
C SER D 292 13.52 -12.02 30.57
N GLY D 293 12.27 -11.59 30.54
CA GLY D 293 11.83 -10.46 31.28
C GLY D 293 12.49 -9.21 30.72
N TYR D 294 11.99 -8.06 31.16
CA TYR D 294 12.68 -6.82 31.02
C TYR D 294 12.18 -5.85 32.07
N GLU D 295 13.11 -5.15 32.72
CA GLU D 295 12.77 -4.26 33.79
C GLU D 295 13.47 -2.94 33.62
N MET D 296 12.81 -1.87 34.01
CA MET D 296 13.48 -0.58 34.14
C MET D 296 13.78 -0.22 35.61
N LEU D 297 14.98 0.24 35.88
CA LEU D 297 15.37 0.55 37.24
C LEU D 297 15.85 1.97 37.29
N LYS D 298 15.24 2.79 38.16
CA LYS D 298 15.75 4.13 38.38
C LYS D 298 16.89 4.05 39.37
N VAL D 299 18.09 4.35 38.91
CA VAL D 299 19.27 4.32 39.80
C VAL D 299 19.99 5.63 39.73
N PRO D 300 19.67 6.54 40.69
CA PRO D 300 20.27 7.86 40.54
C PRO D 300 21.78 7.75 40.65
N ASN D 301 22.45 8.62 39.87
CA ASN D 301 23.89 8.66 39.67
C ASN D 301 24.50 7.33 39.28
N ALA D 302 23.73 6.48 38.60
CA ALA D 302 24.27 5.20 38.11
C ALA D 302 25.59 5.44 37.41
N GLU D 303 25.70 6.58 36.71
CA GLU D 303 26.82 6.87 35.81
C GLU D 303 28.12 7.05 36.54
N THR D 304 28.04 7.55 37.77
CA THR D 304 29.21 8.09 38.48
C THR D 304 29.42 7.45 39.85
N ASP D 305 28.39 6.80 40.36
CA ASP D 305 28.46 6.31 41.73
C ASP D 305 28.43 4.79 41.84
N ILE D 306 29.59 4.22 42.19
CA ILE D 306 29.77 2.77 42.33
C ILE D 306 28.83 2.10 43.34
N GLN D 307 28.23 2.91 44.20
CA GLN D 307 27.32 2.37 45.24
C GLN D 307 25.83 2.53 44.94
N SER D 308 25.50 3.12 43.79
CA SER D 308 24.12 3.44 43.43
C SER D 308 23.23 2.20 43.21
N GLY D 309 22.04 2.22 43.84
CA GLY D 309 21.06 1.15 43.72
C GLY D 309 19.73 1.68 43.17
N PRO D 310 18.75 0.79 42.88
CA PRO D 310 17.44 1.22 42.36
C PRO D 310 16.58 1.96 43.46
N ILE D 311 15.88 3.01 43.07
CA ILE D 311 14.87 3.63 43.94
C ILE D 311 13.44 3.38 43.46
N SER D 312 13.32 2.93 42.21
CA SER D 312 12.07 2.35 41.69
C SER D 312 12.32 1.45 40.51
N ASN D 313 11.25 0.77 40.13
CA ASN D 313 11.29 -0.21 39.06
C ASN D 313 9.93 -0.35 38.35
N GLN D 314 9.99 -0.57 37.03
CA GLN D 314 8.81 -0.93 36.21
C GLN D 314 9.13 -2.19 35.38
N VAL D 315 8.38 -3.25 35.63
CA VAL D 315 8.45 -4.47 34.82
C VAL D 315 7.85 -4.17 33.42
N ILE D 316 8.66 -4.41 32.38
CA ILE D 316 8.20 -4.10 30.98
C ILE D 316 7.71 -5.39 30.36
N VAL D 317 8.47 -6.47 30.53
CA VAL D 317 8.11 -7.80 30.06
C VAL D 317 8.31 -8.68 31.27
N ASN D 318 7.33 -9.48 31.62
CA ASN D 318 7.52 -10.34 32.79
C ASN D 318 8.55 -11.51 32.57
N ASN D 319 9.06 -12.11 33.66
CA ASN D 319 10.20 -13.01 33.48
C ASN D 319 9.78 -14.40 33.06
N GLN D 320 8.49 -14.57 32.73
CA GLN D 320 7.95 -15.82 32.16
C GLN D 320 7.94 -15.69 30.65
N ASN D 321 8.36 -14.55 30.12
CA ASN D 321 8.33 -14.28 28.66
C ASN D 321 9.64 -13.88 28.09
N TRP D 322 9.83 -14.21 26.81
CA TRP D 322 11.08 -13.90 26.14
C TRP D 322 11.26 -12.44 25.79
N SER D 323 12.48 -11.96 26.07
CA SER D 323 12.89 -10.64 25.63
C SER D 323 14.02 -10.76 24.56
N GLY D 324 15.02 -9.89 24.61
CA GLY D 324 16.09 -9.93 23.62
C GLY D 324 16.79 -8.60 23.69
N TYR D 325 17.25 -8.11 22.53
CA TYR D 325 17.89 -6.77 22.44
C TYR D 325 17.00 -5.64 22.96
N SER D 326 17.63 -4.56 23.41
CA SER D 326 16.96 -3.32 23.77
C SER D 326 17.89 -2.14 23.46
N GLY D 327 17.30 -0.97 23.23
CA GLY D 327 18.05 0.20 22.74
C GLY D 327 17.39 1.57 22.93
N ALA D 328 18.17 2.62 22.70
CA ALA D 328 17.71 4.01 23.00
C ALA D 328 17.32 4.70 21.70
N PHE D 329 16.30 5.54 21.77
CA PHE D 329 15.97 6.47 20.69
C PHE D 329 15.19 7.59 21.32
N ILE D 330 15.15 8.72 20.62
CA ILE D 330 14.32 9.88 21.05
C ILE D 330 13.65 10.54 19.87
N ASP D 331 12.43 11.01 20.06
CA ASP D 331 11.82 11.90 19.06
C ASP D 331 12.40 13.31 19.29
N TYR D 332 13.48 13.64 18.55
CA TYR D 332 14.22 14.89 18.84
C TYR D 332 13.43 16.07 18.28
N TRP D 333 12.36 15.74 17.53
CA TRP D 333 11.51 16.73 16.88
C TRP D 333 10.13 16.97 17.53
N ALA D 334 9.86 16.31 18.67
CA ALA D 334 8.67 16.59 19.46
C ALA D 334 8.65 18.06 19.91
N ASN D 335 7.43 18.57 19.98
CA ASN D 335 7.10 19.90 20.49
C ASN D 335 7.09 19.83 22.02
N LYS D 336 8.29 19.77 22.59
CA LYS D 336 8.54 19.68 24.03
C LYS D 336 9.79 20.51 24.24
N GLU D 337 10.00 20.96 25.46
CA GLU D 337 11.11 21.84 25.85
C GLU D 337 12.32 21.03 26.31
N CYS D 338 12.11 19.71 26.46
CA CYS D 338 13.17 18.74 26.76
C CYS D 338 13.13 17.61 25.73
N PHE D 339 14.23 16.83 25.65
CA PHE D 339 14.30 15.49 24.95
C PHE D 339 13.81 14.32 25.83
N ASN D 340 12.68 13.72 25.45
CA ASN D 340 12.09 12.69 26.27
C ASN D 340 12.63 11.31 25.91
N PRO D 341 13.37 10.67 26.85
CA PRO D 341 13.86 9.30 26.64
C PRO D 341 12.82 8.29 26.07
N CYS D 342 13.21 7.51 25.06
CA CYS D 342 12.46 6.29 24.69
C CYS D 342 13.36 5.07 24.52
N PHE D 343 12.75 3.88 24.58
CA PHE D 343 13.47 2.64 24.31
C PHE D 343 12.55 1.60 23.71
N TYR D 344 13.13 0.53 23.18
CA TYR D 344 12.30 -0.56 22.71
C TYR D 344 12.90 -1.82 23.31
N VAL D 345 12.10 -2.89 23.32
CA VAL D 345 12.59 -4.20 23.68
C VAL D 345 12.24 -5.12 22.49
N GLU D 346 13.24 -5.86 22.01
CA GLU D 346 13.08 -6.87 20.95
C GLU D 346 12.54 -8.09 21.67
N LEU D 347 11.46 -8.65 21.15
CA LEU D 347 10.76 -9.75 21.81
C LEU D 347 10.99 -11.02 20.95
N ILE D 348 12.11 -11.70 21.23
CA ILE D 348 12.62 -12.80 20.40
C ILE D 348 11.78 -14.09 20.59
N ARG D 349 11.29 -14.64 19.47
CA ARG D 349 10.48 -15.86 19.53
C ARG D 349 11.21 -17.00 18.73
N GLY D 350 11.06 -18.27 19.08
CA GLY D 350 11.69 -19.35 18.29
C GLY D 350 13.09 -19.68 18.81
N ARG D 351 13.99 -20.17 17.93
CA ARG D 351 15.37 -20.57 18.34
C ARG D 351 16.27 -19.51 18.96
N PRO D 352 17.20 -19.91 19.89
CA PRO D 352 17.43 -21.25 20.47
C PRO D 352 16.44 -21.71 21.55
N LYS D 353 15.84 -20.73 22.26
CA LYS D 353 14.99 -20.95 23.44
C LYS D 353 13.72 -21.74 23.17
N GLU D 354 13.10 -21.53 22.00
CA GLU D 354 11.91 -22.27 21.56
C GLU D 354 12.23 -23.12 20.31
N SER D 355 12.69 -24.35 20.54
CA SER D 355 13.13 -25.20 19.44
C SER D 355 12.06 -26.15 18.83
N SER D 356 10.79 -26.00 19.20
CA SER D 356 9.70 -26.71 18.56
C SER D 356 9.37 -26.17 17.15
N VAL D 357 9.97 -25.02 16.81
CA VAL D 357 9.96 -24.40 15.48
C VAL D 357 11.40 -24.33 14.95
N LEU D 358 11.53 -24.12 13.65
CA LEU D 358 12.78 -24.12 12.86
C LEU D 358 13.33 -22.70 12.66
N TRP D 359 12.61 -21.69 13.12
CA TRP D 359 12.95 -20.29 12.85
C TRP D 359 13.35 -19.53 14.14
N THR D 360 13.86 -18.32 13.92
CA THR D 360 14.04 -17.23 14.89
C THR D 360 13.47 -15.93 14.32
N SER D 361 12.63 -15.29 15.13
CA SER D 361 12.16 -13.96 14.78
C SER D 361 11.88 -13.14 16.04
N ASN D 362 11.18 -12.03 15.90
CA ASN D 362 10.94 -11.17 17.01
C ASN D 362 9.68 -10.36 16.79
N SER D 363 9.23 -9.67 17.84
CA SER D 363 8.30 -8.57 17.68
C SER D 363 8.90 -7.36 18.44
N ILE D 364 8.14 -6.27 18.51
CA ILE D 364 8.67 -5.04 19.09
C ILE D 364 7.70 -4.43 20.10
N VAL D 365 8.27 -3.93 21.20
CA VAL D 365 7.56 -2.96 22.02
C VAL D 365 8.46 -1.71 22.26
N ALA D 366 7.86 -0.51 22.24
CA ALA D 366 8.56 0.76 22.50
C ALA D 366 7.81 1.58 23.52
N LEU D 367 8.52 2.17 24.51
CA LEU D 367 7.85 2.94 25.57
C LEU D 367 8.69 4.20 25.71
N CYS D 368 8.09 5.31 26.19
CA CYS D 368 8.78 6.61 26.46
C CYS D 368 8.52 7.08 27.87
N GLY D 369 9.43 7.91 28.37
CA GLY D 369 9.25 8.58 29.66
C GLY D 369 7.91 9.27 29.96
N SER D 370 7.47 9.10 31.19
CA SER D 370 6.46 9.98 31.74
C SER D 370 6.96 10.63 33.04
N LYS D 371 6.66 11.92 33.19
CA LYS D 371 6.84 12.63 34.47
C LYS D 371 5.80 12.18 35.55
N LYS D 372 4.78 11.45 35.11
CA LYS D 372 3.76 10.87 35.99
C LYS D 372 4.12 9.49 36.58
N ARG D 373 3.22 9.01 37.44
CA ARG D 373 3.38 7.68 38.03
C ARG D 373 2.32 6.75 37.44
N LEU D 374 2.67 6.10 36.34
CA LEU D 374 1.71 5.34 35.55
C LEU D 374 1.74 3.90 36.03
N GLY D 375 0.58 3.29 36.06
CA GLY D 375 0.57 1.87 36.21
C GLY D 375 1.22 1.20 35.01
N SER D 376 1.52 -0.09 35.18
CA SER D 376 2.23 -0.84 34.17
C SER D 376 1.67 -2.28 34.09
N TRP D 377 1.77 -2.90 32.92
CA TRP D 377 1.68 -4.38 32.86
C TRP D 377 2.76 -4.87 31.91
N SER D 378 2.77 -6.17 31.64
CA SER D 378 3.76 -6.80 30.80
C SER D 378 3.43 -6.62 29.30
N TRP D 379 4.44 -6.23 28.52
CA TRP D 379 4.23 -6.13 27.06
C TRP D 379 4.95 -7.27 26.29
N HIS D 380 4.69 -8.49 26.69
CA HIS D 380 5.31 -9.65 26.11
C HIS D 380 4.79 -9.86 24.69
N ASP D 381 5.45 -10.72 23.93
CA ASP D 381 5.12 -10.92 22.54
C ASP D 381 3.62 -11.27 22.27
N GLY D 382 3.16 -12.34 22.93
CA GLY D 382 1.78 -12.76 22.91
C GLY D 382 1.39 -13.78 21.88
N ALA D 383 2.36 -14.29 21.11
CA ALA D 383 2.10 -15.42 20.20
C ALA D 383 2.20 -16.74 20.92
N GLU D 384 1.42 -17.69 20.46
CA GLU D 384 1.40 -18.98 21.02
C GLU D 384 2.24 -19.87 20.10
N ILE D 385 3.39 -20.33 20.61
CA ILE D 385 4.30 -21.12 19.82
C ILE D 385 3.67 -22.45 19.29
N ILE D 386 2.67 -23.01 19.98
CA ILE D 386 2.04 -24.29 19.57
C ILE D 386 1.23 -24.13 18.25
N TYR D 387 0.83 -22.91 17.95
CA TYR D 387 0.15 -22.63 16.71
C TYR D 387 1.07 -22.84 15.52
N PHE D 388 2.35 -22.63 15.76
CA PHE D 388 3.37 -22.73 14.71
C PHE D 388 3.95 -24.13 14.57
N GLU D 389 3.50 -25.07 15.39
CA GLU D 389 4.05 -26.40 15.40
C GLU D 389 3.20 -27.26 14.52
#